data_7DXM
#
_entry.id   7DXM
#
_cell.length_a   58.273
_cell.length_b   109.92
_cell.length_c   282.377
_cell.angle_alpha   90
_cell.angle_beta   90
_cell.angle_gamma   90
#
_symmetry.space_group_name_H-M   'P 21 21 21'
#
loop_
_entity.id
_entity.type
_entity.pdbx_description
1 polymer 'Protein DltD'
2 non-polymer 'SULFATE ION'
3 water water
#
_entity_poly.entity_id   1
_entity_poly.type   'polypeptide(L)'
_entity_poly.pdbx_seq_one_letter_code
;QGRKYSYEAEKRSAVTLTNENFKSRKNKTTALSDQNHRFVPYFGSSEWLRFDALHPAVLAEKYDRNYRPYFIGQRGSASL
NQYLGMQQMLPELQNGTAVYVLSPQWFTKKGYNSAAFQQFFNNDQLSSFLSQNQTDANSQYAAKRILEMKPEITMKSQLS
KVAKGQDLNTVDKTYIQFMAELNRREDSLFSPLAASNNANYDKKVLPYLKELPDQFSYDALDQLAVRDAEAHTKSNDFGI
DDRFYKERLSKKIGKLKGFQKNLSYEVSQEYGDLQLVLNQFAKSNTNVIFVIPPVNSKWMAYTGLNQDMYDATVSKIRYQ
LESQGFTNIADFSKDGDQPYFMQDTIHMGWKGWVAFDRVVNSFVSNPTPAPSYKLNDRFYSKDWSGYTGTPSQFKDE
;
_entity_poly.pdbx_strand_id   A,B,C,D
#
loop_
_chem_comp.id
_chem_comp.type
_chem_comp.name
_chem_comp.formula
SO4 non-polymer 'SULFATE ION' 'O4 S -2'
#
# COMPACT_ATOMS: atom_id res chain seq x y z
N TYR A 5 -65.07 -23.78 -2.11
CA TYR A 5 -65.75 -22.49 -2.04
C TYR A 5 -65.33 -21.61 -3.23
N SER A 6 -64.17 -20.95 -3.12
CA SER A 6 -63.58 -20.28 -4.28
C SER A 6 -62.08 -20.11 -4.05
N TYR A 7 -61.29 -20.95 -4.75
CA TYR A 7 -59.85 -20.92 -4.61
C TYR A 7 -59.30 -19.53 -4.87
N GLU A 8 -59.90 -18.78 -5.81
CA GLU A 8 -59.33 -17.47 -6.10
C GLU A 8 -59.83 -16.42 -5.13
N ALA A 9 -61.02 -16.63 -4.57
CA ALA A 9 -61.51 -15.80 -3.47
C ALA A 9 -60.64 -15.98 -2.23
N GLU A 10 -60.32 -17.24 -1.89
CA GLU A 10 -59.42 -17.49 -0.77
C GLU A 10 -58.01 -17.00 -1.06
N LYS A 11 -57.52 -17.20 -2.29
CA LYS A 11 -56.19 -16.71 -2.64
C LYS A 11 -56.07 -15.20 -2.42
N ARG A 12 -57.09 -14.44 -2.77
CA ARG A 12 -57.02 -13.00 -2.55
C ARG A 12 -57.33 -12.60 -1.11
N SER A 13 -58.11 -13.42 -0.38
CA SER A 13 -58.27 -13.14 1.05
C SER A 13 -56.96 -13.37 1.79
N ALA A 14 -56.12 -14.27 1.27
CA ALA A 14 -54.94 -14.70 1.98
C ALA A 14 -53.88 -13.62 2.06
N VAL A 15 -54.01 -12.55 1.28
CA VAL A 15 -52.98 -11.51 1.28
C VAL A 15 -53.63 -10.14 1.31
N THR A 16 -54.89 -10.06 1.78
CA THR A 16 -55.53 -8.74 1.81
C THR A 16 -54.91 -7.87 2.90
N LEU A 17 -54.74 -8.41 4.10
CA LEU A 17 -53.92 -7.77 5.13
C LEU A 17 -54.52 -6.42 5.57
N THR A 18 -55.82 -6.42 5.82
CA THR A 18 -56.52 -5.27 6.39
C THR A 18 -57.06 -5.64 7.76
N ASN A 19 -57.18 -4.64 8.62
CA ASN A 19 -57.68 -4.89 9.96
C ASN A 19 -59.00 -5.63 9.89
N GLU A 20 -59.91 -5.16 9.03
CA GLU A 20 -61.22 -5.78 8.97
C GLU A 20 -61.13 -7.25 8.61
N ASN A 21 -60.13 -7.61 7.77
CA ASN A 21 -59.93 -9.01 7.42
C ASN A 21 -59.30 -9.79 8.56
N PHE A 22 -58.59 -9.12 9.46
CA PHE A 22 -57.97 -9.82 10.56
C PHE A 22 -59.02 -10.40 11.49
N LYS A 23 -60.06 -9.63 11.78
CA LYS A 23 -61.08 -10.04 12.73
C LYS A 23 -62.31 -10.63 12.07
N SER A 24 -62.22 -10.95 10.78
CA SER A 24 -63.31 -11.60 10.06
C SER A 24 -63.18 -13.10 10.30
N ARG A 25 -64.06 -13.64 11.14
CA ARG A 25 -64.09 -15.09 11.34
C ARG A 25 -64.41 -15.81 10.03
N LYS A 26 -65.37 -15.30 9.25
CA LYS A 26 -65.80 -16.03 8.07
C LYS A 26 -64.62 -16.22 7.11
N ASN A 27 -63.89 -15.14 6.81
CA ASN A 27 -62.81 -15.23 5.83
C ASN A 27 -61.77 -16.27 6.24
N LYS A 28 -61.22 -16.13 7.45
CA LYS A 28 -60.10 -16.98 7.78
C LYS A 28 -60.54 -18.43 7.97
N THR A 29 -61.63 -18.67 8.70
CA THR A 29 -62.05 -20.07 8.84
C THR A 29 -62.35 -20.68 7.47
N THR A 30 -63.00 -19.93 6.58
CA THR A 30 -63.25 -20.41 5.22
C THR A 30 -61.96 -20.91 4.56
N ALA A 31 -60.95 -20.03 4.48
CA ALA A 31 -59.70 -20.42 3.83
C ALA A 31 -58.97 -21.51 4.61
N LEU A 32 -59.06 -21.50 5.93
CA LEU A 32 -58.27 -22.41 6.74
C LEU A 32 -58.94 -23.75 6.91
N SER A 33 -60.12 -23.95 6.38
CA SER A 33 -60.72 -25.27 6.44
C SER A 33 -61.07 -25.83 5.06
N ASP A 34 -60.84 -25.07 3.98
CA ASP A 34 -60.96 -25.60 2.60
C ASP A 34 -60.25 -26.94 2.50
N GLN A 35 -60.98 -28.02 2.19
CA GLN A 35 -60.32 -29.31 2.14
C GLN A 35 -59.72 -29.63 0.78
N ASN A 36 -59.92 -28.78 -0.23
CA ASN A 36 -59.37 -29.02 -1.56
C ASN A 36 -58.22 -28.09 -1.94
N HIS A 37 -57.94 -27.10 -1.11
CA HIS A 37 -56.73 -26.28 -1.21
C HIS A 37 -56.25 -25.95 0.19
N ARG A 38 -54.99 -26.25 0.50
CA ARG A 38 -54.48 -26.14 1.86
C ARG A 38 -53.92 -24.74 2.12
N PHE A 39 -54.52 -24.02 3.05
CA PHE A 39 -53.97 -22.74 3.49
C PHE A 39 -53.41 -22.91 4.88
N VAL A 40 -52.23 -22.31 5.11
CA VAL A 40 -51.53 -22.43 6.38
C VAL A 40 -51.43 -21.01 6.99
N PRO A 41 -51.76 -20.84 8.26
CA PRO A 41 -51.80 -19.47 8.80
C PRO A 41 -50.41 -18.98 9.18
N TYR A 42 -50.15 -17.72 8.80
CA TYR A 42 -48.89 -17.02 9.00
C TYR A 42 -49.20 -15.81 9.87
N PHE A 43 -48.97 -15.94 11.17
CA PHE A 43 -49.24 -14.88 12.13
C PHE A 43 -48.06 -13.92 12.24
N GLY A 44 -48.32 -12.64 11.99
CA GLY A 44 -47.31 -11.62 12.26
C GLY A 44 -47.97 -10.28 12.05
N SER A 45 -47.16 -9.22 11.92
CA SER A 45 -47.64 -7.85 11.90
C SER A 45 -47.02 -7.42 10.58
N SER A 46 -46.74 -6.12 10.44
CA SER A 46 -46.59 -5.39 9.18
C SER A 46 -45.64 -6.08 8.20
N GLU A 47 -44.81 -7.00 8.69
CA GLU A 47 -43.82 -7.69 7.84
C GLU A 47 -44.37 -8.33 6.57
N TRP A 48 -45.62 -8.74 6.61
CA TRP A 48 -46.27 -9.40 5.47
C TRP A 48 -46.60 -8.44 4.34
N LEU A 49 -46.57 -7.13 4.58
CA LEU A 49 -46.90 -6.20 3.51
C LEU A 49 -45.73 -5.91 2.60
N ARG A 50 -44.54 -6.44 2.90
CA ARG A 50 -43.35 -6.09 2.11
C ARG A 50 -43.30 -7.00 0.89
N PHE A 51 -44.25 -6.77 -0.02
CA PHE A 51 -44.29 -7.58 -1.21
C PHE A 51 -43.08 -7.28 -2.06
N ASP A 52 -42.48 -8.34 -2.58
CA ASP A 52 -41.47 -8.30 -3.62
C ASP A 52 -41.43 -9.69 -4.23
N ALA A 53 -40.55 -9.89 -5.21
CA ALA A 53 -40.62 -11.13 -5.96
C ALA A 53 -40.34 -12.38 -5.12
N LEU A 54 -39.73 -12.24 -3.94
CA LEU A 54 -39.40 -13.40 -3.10
C LEU A 54 -40.34 -13.63 -1.91
N HIS A 55 -41.32 -12.74 -1.70
CA HIS A 55 -42.33 -12.89 -0.67
C HIS A 55 -42.92 -14.32 -0.68
N PRO A 56 -43.25 -14.89 0.49
CA PRO A 56 -43.76 -16.28 0.51
C PRO A 56 -44.99 -16.47 -0.33
N ALA A 57 -45.87 -15.46 -0.41
CA ALA A 57 -47.06 -15.58 -1.24
C ALA A 57 -46.66 -15.91 -2.66
N VAL A 58 -45.73 -15.10 -3.19
CA VAL A 58 -45.26 -15.26 -4.57
C VAL A 58 -44.68 -16.64 -4.77
N LEU A 59 -43.79 -17.05 -3.85
CA LEU A 59 -43.11 -18.33 -4.00
C LEU A 59 -44.10 -19.49 -4.02
N ALA A 60 -44.99 -19.55 -3.04
CA ALA A 60 -45.94 -20.67 -3.01
C ALA A 60 -46.87 -20.66 -4.21
N GLU A 61 -47.09 -19.50 -4.84
CA GLU A 61 -47.86 -19.50 -6.07
C GLU A 61 -47.04 -20.05 -7.23
N LYS A 62 -45.84 -19.48 -7.45
CA LYS A 62 -45.02 -19.83 -8.61
C LYS A 62 -44.76 -21.32 -8.69
N TYR A 63 -44.21 -21.89 -7.63
CA TYR A 63 -43.84 -23.30 -7.59
C TYR A 63 -44.97 -24.18 -7.09
N ASP A 64 -46.20 -23.63 -7.00
CA ASP A 64 -47.41 -24.42 -6.78
C ASP A 64 -47.18 -25.39 -5.64
N ARG A 65 -47.09 -24.90 -4.42
CA ARG A 65 -46.70 -25.80 -3.35
C ARG A 65 -47.96 -26.43 -2.76
N ASN A 66 -47.76 -27.41 -1.91
CA ASN A 66 -48.90 -28.13 -1.37
C ASN A 66 -49.67 -27.31 -0.34
N TYR A 67 -49.56 -25.98 -0.42
CA TYR A 67 -50.13 -25.03 0.53
C TYR A 67 -50.02 -23.64 -0.05
N ARG A 68 -50.75 -22.70 0.56
CA ARG A 68 -50.55 -21.29 0.32
C ARG A 68 -50.60 -20.61 1.67
N PRO A 69 -49.76 -19.60 1.89
CA PRO A 69 -49.83 -18.85 3.15
C PRO A 69 -51.05 -17.95 3.19
N TYR A 70 -51.77 -18.01 4.31
CA TYR A 70 -52.86 -17.09 4.62
C TYR A 70 -52.32 -16.17 5.71
N PHE A 71 -52.25 -14.89 5.43
CA PHE A 71 -51.57 -13.98 6.34
C PHE A 71 -52.52 -13.33 7.34
N ILE A 72 -52.08 -13.25 8.59
CA ILE A 72 -52.90 -12.81 9.70
C ILE A 72 -52.05 -11.87 10.55
N GLY A 73 -52.33 -10.58 10.47
CA GLY A 73 -51.52 -9.57 11.13
C GLY A 73 -51.44 -8.27 10.38
N GLN A 74 -50.96 -7.26 11.09
CA GLN A 74 -50.92 -5.87 10.66
C GLN A 74 -50.25 -5.11 11.80
N ARG A 75 -49.82 -3.89 11.51
CA ARG A 75 -49.03 -3.14 12.46
C ARG A 75 -49.77 -3.02 13.78
N GLY A 76 -49.13 -3.43 14.85
CA GLY A 76 -49.78 -3.41 16.13
C GLY A 76 -50.50 -4.67 16.54
N SER A 77 -50.51 -5.71 15.71
CA SER A 77 -51.17 -6.97 16.10
C SER A 77 -50.19 -7.89 16.83
N ALA A 78 -49.91 -7.58 18.10
CA ALA A 78 -49.00 -8.40 18.91
C ALA A 78 -49.77 -9.60 19.50
N SER A 79 -49.20 -10.28 20.49
CA SER A 79 -49.74 -11.60 20.85
C SER A 79 -51.10 -11.52 21.54
N LEU A 80 -51.41 -10.45 22.26
CA LEU A 80 -52.74 -10.40 22.87
C LEU A 80 -53.84 -10.37 21.80
N ASN A 81 -53.69 -9.48 20.81
CA ASN A 81 -54.65 -9.41 19.71
C ASN A 81 -54.67 -10.69 18.90
N GLN A 82 -53.47 -11.30 18.72
CA GLN A 82 -53.37 -12.57 18.00
C GLN A 82 -54.10 -13.69 18.74
N TYR A 83 -53.91 -13.81 20.06
CA TYR A 83 -54.64 -14.80 20.82
C TYR A 83 -56.14 -14.61 20.70
N LEU A 84 -56.60 -13.35 20.79
CA LEU A 84 -58.05 -13.13 20.73
C LEU A 84 -58.59 -13.42 19.34
N GLY A 85 -57.82 -13.13 18.29
CA GLY A 85 -58.23 -13.52 16.96
C GLY A 85 -58.25 -15.02 16.81
N MET A 86 -57.30 -15.68 17.46
CA MET A 86 -57.25 -17.13 17.44
C MET A 86 -58.51 -17.73 17.99
N GLN A 87 -59.10 -17.06 18.98
CA GLN A 87 -60.37 -17.52 19.53
C GLN A 87 -61.45 -17.73 18.48
N GLN A 88 -61.35 -17.07 17.30
CA GLN A 88 -62.36 -17.18 16.24
C GLN A 88 -62.15 -18.34 15.28
N MET A 89 -61.04 -19.08 15.40
CA MET A 89 -60.64 -20.10 14.42
C MET A 89 -60.06 -21.31 15.13
N LEU A 90 -60.58 -21.61 16.33
CA LEU A 90 -60.09 -22.71 17.15
C LEU A 90 -60.02 -24.05 16.41
N PRO A 91 -61.06 -24.48 15.65
CA PRO A 91 -60.91 -25.71 14.87
C PRO A 91 -59.77 -25.69 13.87
N GLU A 92 -59.54 -24.54 13.22
CA GLU A 92 -58.52 -24.49 12.20
C GLU A 92 -57.11 -24.61 12.77
N LEU A 93 -56.94 -24.55 14.09
CA LEU A 93 -55.61 -24.77 14.67
C LEU A 93 -55.41 -26.20 15.14
N GLN A 94 -56.47 -27.00 15.19
CA GLN A 94 -56.40 -28.29 15.88
C GLN A 94 -55.49 -29.23 15.13
N ASN A 95 -54.41 -29.63 15.78
CA ASN A 95 -53.45 -30.54 15.15
C ASN A 95 -52.97 -29.94 13.83
N GLY A 96 -52.79 -28.62 13.82
CA GLY A 96 -52.44 -27.88 12.62
C GLY A 96 -50.97 -27.48 12.56
N THR A 97 -50.64 -26.74 11.52
CA THR A 97 -49.27 -26.22 11.43
C THR A 97 -49.34 -24.73 11.13
N ALA A 98 -48.45 -23.96 11.75
CA ALA A 98 -48.59 -22.50 11.76
C ALA A 98 -47.22 -21.86 11.80
N VAL A 99 -47.12 -20.67 11.18
CA VAL A 99 -45.91 -19.85 11.29
C VAL A 99 -46.25 -18.67 12.20
N TYR A 100 -45.34 -18.32 13.10
CA TYR A 100 -45.60 -17.21 14.00
C TYR A 100 -44.35 -16.36 14.16
N VAL A 101 -44.35 -15.18 13.54
CA VAL A 101 -43.24 -14.24 13.67
C VAL A 101 -43.39 -13.53 15.00
N LEU A 102 -42.35 -13.62 15.83
CA LEU A 102 -42.18 -12.81 17.03
C LEU A 102 -41.38 -11.58 16.65
N SER A 103 -42.05 -10.45 16.48
CA SER A 103 -41.38 -9.19 16.15
C SER A 103 -40.83 -8.58 17.45
N PRO A 104 -39.53 -8.33 17.57
CA PRO A 104 -39.00 -7.91 18.88
C PRO A 104 -39.38 -6.48 19.24
N GLN A 105 -39.65 -5.63 18.26
CA GLN A 105 -40.20 -4.30 18.48
C GLN A 105 -41.48 -4.35 19.31
N TRP A 106 -42.05 -5.56 19.45
CA TRP A 106 -43.25 -5.70 20.25
C TRP A 106 -42.96 -5.45 21.71
N PHE A 107 -41.76 -5.81 22.15
CA PHE A 107 -41.55 -6.09 23.56
C PHE A 107 -41.08 -4.88 24.34
N THR A 108 -41.64 -3.70 24.06
CA THR A 108 -41.35 -2.49 24.82
C THR A 108 -42.08 -2.49 26.18
N LYS A 109 -41.71 -1.54 27.04
CA LYS A 109 -42.24 -1.55 28.39
C LYS A 109 -43.72 -1.18 28.42
N LYS A 110 -44.12 -0.14 27.68
CA LYS A 110 -45.52 0.27 27.72
C LYS A 110 -46.37 -0.43 26.67
N GLY A 111 -45.77 -1.10 25.69
CA GLY A 111 -46.55 -1.81 24.70
C GLY A 111 -47.22 -0.87 23.71
N TYR A 112 -48.28 -1.31 23.05
CA TYR A 112 -48.96 -0.46 22.11
C TYR A 112 -50.19 0.23 22.67
N ASN A 113 -50.69 1.17 21.92
CA ASN A 113 -51.86 1.95 22.22
C ASN A 113 -53.08 1.15 22.48
N SER A 114 -54.08 1.79 23.04
CA SER A 114 -55.35 1.15 23.31
C SER A 114 -56.05 1.21 21.97
N ALA A 115 -55.73 2.24 21.20
CA ALA A 115 -56.29 2.40 19.87
C ALA A 115 -55.82 1.28 18.93
N ALA A 116 -54.53 0.94 18.99
CA ALA A 116 -54.05 -0.19 18.18
C ALA A 116 -54.64 -1.49 18.67
N PHE A 117 -54.97 -1.58 19.96
CA PHE A 117 -55.62 -2.78 20.45
C PHE A 117 -57.02 -2.89 19.87
N GLN A 118 -57.76 -1.78 19.84
CA GLN A 118 -59.14 -1.87 19.37
C GLN A 118 -59.23 -2.27 17.91
N GLN A 119 -58.21 -1.97 17.11
CA GLN A 119 -58.37 -2.19 15.68
C GLN A 119 -58.20 -3.64 15.30
N PHE A 120 -57.94 -4.52 16.25
CA PHE A 120 -58.02 -5.95 16.01
C PHE A 120 -59.03 -6.65 16.88
N PHE A 121 -59.26 -6.16 18.08
CA PHE A 121 -60.20 -6.77 18.98
C PHE A 121 -61.64 -6.48 18.55
N ASN A 122 -62.55 -7.40 18.82
CA ASN A 122 -63.98 -7.14 18.65
C ASN A 122 -64.78 -8.00 19.62
N ASN A 123 -66.09 -7.86 19.59
CA ASN A 123 -66.86 -8.58 20.59
C ASN A 123 -67.07 -10.04 20.23
N ASP A 124 -66.81 -10.42 18.98
CA ASP A 124 -66.83 -11.85 18.66
C ASP A 124 -65.68 -12.55 19.34
N GLN A 125 -64.49 -11.96 19.28
CA GLN A 125 -63.32 -12.52 19.99
C GLN A 125 -63.58 -12.61 21.49
N LEU A 126 -64.23 -11.61 22.07
CA LEU A 126 -64.46 -11.62 23.51
C LEU A 126 -65.49 -12.66 23.91
N SER A 127 -66.63 -12.71 23.23
CA SER A 127 -67.63 -13.74 23.51
C SER A 127 -67.06 -15.15 23.28
N SER A 128 -66.29 -15.34 22.20
CA SER A 128 -65.60 -16.61 22.06
C SER A 128 -64.77 -16.89 23.30
N PHE A 129 -63.96 -15.92 23.68
CA PHE A 129 -63.06 -16.06 24.83
C PHE A 129 -63.77 -16.46 26.12
N LEU A 130 -64.86 -15.79 26.44
CA LEU A 130 -65.61 -16.07 27.67
C LEU A 130 -66.35 -17.39 27.54
N SER A 131 -66.75 -17.76 26.33
CA SER A 131 -67.46 -19.01 26.13
C SER A 131 -66.61 -20.20 26.56
N GLN A 132 -65.31 -20.16 26.34
CA GLN A 132 -64.47 -21.25 26.77
C GLN A 132 -64.10 -20.98 28.20
N ASN A 133 -64.98 -21.30 29.13
CA ASN A 133 -64.71 -21.03 30.54
C ASN A 133 -63.95 -22.11 31.21
N GLN A 134 -62.70 -21.77 31.53
CA GLN A 134 -61.74 -22.58 32.24
C GLN A 134 -61.19 -21.50 33.16
N THR A 135 -61.19 -21.75 34.46
CA THR A 135 -60.76 -20.74 35.37
C THR A 135 -59.31 -20.96 35.60
N ASP A 136 -58.52 -21.04 34.56
CA ASP A 136 -57.12 -21.33 34.88
C ASP A 136 -56.31 -20.03 34.94
N ALA A 137 -54.99 -20.13 35.04
CA ALA A 137 -54.18 -18.92 35.13
C ALA A 137 -54.21 -18.15 33.82
N ASN A 138 -54.35 -18.88 32.73
CA ASN A 138 -54.34 -18.30 31.40
C ASN A 138 -55.59 -17.44 31.17
N SER A 139 -56.76 -18.00 31.51
CA SER A 139 -57.98 -17.22 31.48
C SER A 139 -57.82 -15.96 32.31
N GLN A 140 -57.37 -16.09 33.56
CA GLN A 140 -57.24 -14.95 34.46
C GLN A 140 -56.37 -13.86 33.85
N TYR A 141 -55.18 -14.22 33.38
CA TYR A 141 -54.28 -13.23 32.81
C TYR A 141 -54.88 -12.59 31.56
N ALA A 142 -55.56 -13.37 30.72
CA ALA A 142 -56.19 -12.79 29.55
C ALA A 142 -57.15 -11.70 29.97
N ALA A 143 -58.06 -12.04 30.89
CA ALA A 143 -59.07 -11.08 31.32
C ALA A 143 -58.41 -9.86 31.93
N LYS A 144 -57.36 -10.07 32.73
CA LYS A 144 -56.66 -8.95 33.32
C LYS A 144 -56.18 -7.99 32.24
N ARG A 145 -55.53 -8.53 31.22
CA ARG A 145 -54.98 -7.70 30.16
C ARG A 145 -56.09 -6.97 29.38
N ILE A 146 -57.19 -7.68 29.07
CA ILE A 146 -58.27 -7.03 28.35
C ILE A 146 -58.81 -5.85 29.13
N LEU A 147 -59.14 -6.06 30.41
CA LEU A 147 -59.59 -4.94 31.23
C LEU A 147 -58.54 -3.84 31.29
N GLU A 148 -57.25 -4.18 31.20
CA GLU A 148 -56.24 -3.12 31.11
C GLU A 148 -56.35 -2.36 29.79
N MET A 149 -56.63 -3.04 28.69
CA MET A 149 -56.56 -2.36 27.41
C MET A 149 -57.80 -1.57 27.14
N LYS A 150 -58.96 -2.16 27.45
CA LYS A 150 -60.25 -1.52 27.21
C LYS A 150 -61.04 -1.62 28.52
N PRO A 151 -60.82 -0.67 29.46
CA PRO A 151 -61.53 -0.76 30.75
C PRO A 151 -63.03 -0.51 30.66
N GLU A 152 -63.51 0.30 29.71
CA GLU A 152 -64.96 0.51 29.53
C GLU A 152 -65.43 -0.42 28.42
N ILE A 153 -65.85 -1.58 28.86
CA ILE A 153 -65.95 -2.83 28.11
C ILE A 153 -67.37 -3.34 28.29
N THR A 154 -67.89 -4.03 27.27
CA THR A 154 -69.14 -4.71 27.56
C THR A 154 -68.80 -5.99 28.29
N MET A 155 -69.80 -6.55 28.98
CA MET A 155 -69.58 -7.78 29.75
C MET A 155 -68.42 -7.61 30.72
N LYS A 156 -68.34 -6.43 31.34
CA LYS A 156 -67.24 -6.15 32.26
C LYS A 156 -67.34 -7.02 33.51
N SER A 157 -68.54 -7.28 34.01
CA SER A 157 -68.63 -8.05 35.24
C SER A 157 -68.03 -9.43 35.03
N GLN A 158 -68.43 -10.09 33.93
CA GLN A 158 -67.91 -11.41 33.64
C GLN A 158 -66.39 -11.40 33.50
N LEU A 159 -65.85 -10.40 32.81
CA LEU A 159 -64.40 -10.31 32.69
C LEU A 159 -63.75 -10.13 34.04
N SER A 160 -64.41 -9.45 34.98
CA SER A 160 -63.84 -9.28 36.31
C SER A 160 -63.88 -10.61 37.08
N LYS A 161 -64.97 -11.38 36.91
CA LYS A 161 -65.06 -12.70 37.53
C LYS A 161 -64.00 -13.64 36.96
N VAL A 162 -63.81 -13.63 35.65
CA VAL A 162 -62.77 -14.45 35.06
C VAL A 162 -61.39 -13.97 35.51
N ALA A 163 -61.21 -12.65 35.66
CA ALA A 163 -59.87 -12.14 35.95
C ALA A 163 -59.49 -12.37 37.40
N LYS A 164 -60.47 -12.51 38.29
CA LYS A 164 -60.23 -12.87 39.68
C LYS A 164 -60.22 -14.39 39.90
N GLY A 165 -60.46 -15.19 38.86
CA GLY A 165 -60.43 -16.64 38.98
C GLY A 165 -61.76 -17.29 39.29
N GLN A 166 -62.83 -16.53 39.43
CA GLN A 166 -64.09 -17.08 39.91
C GLN A 166 -64.85 -17.75 38.77
N ASP A 167 -65.74 -18.65 39.14
CA ASP A 167 -66.56 -19.37 38.19
C ASP A 167 -67.74 -18.52 37.76
N LEU A 168 -68.12 -18.69 36.49
CA LEU A 168 -69.21 -17.91 35.93
C LEU A 168 -70.58 -18.53 36.25
N ASN A 169 -71.47 -17.68 36.76
CA ASN A 169 -72.82 -18.04 37.16
C ASN A 169 -73.63 -18.55 35.97
N THR A 170 -74.51 -19.53 36.20
CA THR A 170 -75.46 -19.96 35.17
C THR A 170 -75.95 -18.78 34.31
N VAL A 171 -76.36 -17.68 34.94
CA VAL A 171 -76.89 -16.53 34.22
C VAL A 171 -75.82 -15.94 33.30
N ASP A 172 -74.60 -15.79 33.80
CA ASP A 172 -73.46 -15.35 32.99
C ASP A 172 -73.26 -16.25 31.77
N LYS A 173 -73.06 -17.56 31.99
CA LYS A 173 -72.91 -18.48 30.87
C LYS A 173 -73.99 -18.25 29.82
N THR A 174 -75.27 -18.19 30.22
CA THR A 174 -76.30 -18.05 29.19
C THR A 174 -76.15 -16.74 28.43
N TYR A 175 -75.88 -15.65 29.15
CA TYR A 175 -75.69 -14.37 28.49
C TYR A 175 -74.57 -14.45 27.47
N ILE A 176 -73.45 -15.07 27.86
CA ILE A 176 -72.26 -15.04 27.02
C ILE A 176 -72.44 -15.93 25.80
N GLN A 177 -73.14 -17.08 25.93
CA GLN A 177 -73.35 -17.90 24.74
C GLN A 177 -74.36 -17.22 23.80
N PHE A 178 -75.29 -16.43 24.35
CA PHE A 178 -76.23 -15.71 23.50
C PHE A 178 -75.51 -14.63 22.70
N MET A 179 -74.63 -13.88 23.36
CA MET A 179 -73.87 -12.87 22.66
C MET A 179 -72.88 -13.51 21.69
N ALA A 180 -72.30 -14.64 22.06
CA ALA A 180 -71.51 -15.40 21.11
C ALA A 180 -72.30 -15.60 19.82
N GLU A 181 -73.43 -16.27 19.97
CA GLU A 181 -74.31 -16.61 18.86
C GLU A 181 -74.65 -15.43 17.98
N LEU A 182 -74.87 -14.27 18.58
CA LEU A 182 -75.21 -13.10 17.78
C LEU A 182 -73.99 -12.56 17.06
N ASN A 183 -72.83 -12.59 17.72
CA ASN A 183 -71.63 -12.04 17.10
C ASN A 183 -71.19 -12.87 15.92
N ARG A 184 -71.13 -14.20 16.10
CA ARG A 184 -70.97 -15.10 14.97
C ARG A 184 -71.88 -14.68 13.82
N ARG A 185 -73.18 -14.50 14.09
CA ARG A 185 -74.10 -14.27 12.99
C ARG A 185 -73.86 -12.91 12.36
N GLU A 186 -73.45 -11.93 13.15
CA GLU A 186 -73.10 -10.61 12.62
C GLU A 186 -71.88 -10.69 11.70
N ASP A 187 -70.85 -11.44 12.13
CA ASP A 187 -69.70 -11.73 11.27
C ASP A 187 -70.18 -12.28 9.94
N SER A 188 -70.97 -13.36 9.99
CA SER A 188 -71.42 -13.99 8.76
C SER A 188 -72.18 -13.02 7.89
N LEU A 189 -72.85 -12.04 8.51
CA LEU A 189 -73.64 -11.06 7.76
C LEU A 189 -72.78 -9.98 7.13
N PHE A 190 -71.77 -9.50 7.82
CA PHE A 190 -71.07 -8.30 7.35
C PHE A 190 -69.74 -8.59 6.68
N SER A 191 -69.13 -9.75 6.90
CA SER A 191 -67.83 -9.99 6.30
C SER A 191 -67.84 -9.83 4.79
N PRO A 192 -68.86 -10.30 4.06
CA PRO A 192 -68.90 -10.03 2.61
C PRO A 192 -68.60 -8.60 2.18
N LEU A 193 -69.14 -7.60 2.87
CA LEU A 193 -68.90 -6.22 2.43
C LEU A 193 -67.88 -5.51 3.31
N ALA A 194 -67.95 -5.74 4.61
CA ALA A 194 -67.02 -5.11 5.55
C ALA A 194 -65.59 -5.61 5.34
N ALA A 195 -65.41 -6.90 5.02
CA ALA A 195 -64.12 -7.57 4.88
C ALA A 195 -63.89 -8.10 3.47
N SER A 196 -63.89 -7.21 2.48
CA SER A 196 -63.78 -7.63 1.10
C SER A 196 -62.31 -7.65 0.66
N ASN A 197 -62.03 -8.46 -0.37
CA ASN A 197 -60.66 -8.64 -0.85
C ASN A 197 -60.07 -7.34 -1.40
N ASN A 198 -58.75 -7.23 -1.26
CA ASN A 198 -57.92 -6.17 -1.81
C ASN A 198 -57.58 -6.46 -3.26
N ALA A 199 -56.88 -5.50 -3.89
CA ALA A 199 -56.12 -5.76 -5.11
C ALA A 199 -54.70 -6.24 -4.78
N ASN A 200 -54.41 -6.46 -3.50
CA ASN A 200 -53.07 -6.84 -3.11
C ASN A 200 -52.58 -8.08 -3.84
N TYR A 201 -53.40 -9.13 -3.95
CA TYR A 201 -52.96 -10.31 -4.69
C TYR A 201 -52.74 -10.01 -6.17
N ASP A 202 -53.70 -9.31 -6.79
CA ASP A 202 -53.61 -9.03 -8.21
C ASP A 202 -52.47 -8.06 -8.51
N LYS A 203 -52.18 -7.14 -7.61
CA LYS A 203 -51.25 -6.07 -7.97
C LYS A 203 -49.87 -6.21 -7.35
N LYS A 204 -49.70 -6.99 -6.28
CA LYS A 204 -48.44 -7.09 -5.55
C LYS A 204 -47.96 -8.53 -5.41
N VAL A 205 -48.68 -9.51 -5.98
CA VAL A 205 -48.28 -10.91 -5.97
C VAL A 205 -48.05 -11.37 -7.41
N LEU A 206 -49.15 -11.53 -8.15
CA LEU A 206 -49.11 -12.10 -9.50
C LEU A 206 -48.10 -11.43 -10.42
N PRO A 207 -48.01 -10.09 -10.50
CA PRO A 207 -46.99 -9.50 -11.38
C PRO A 207 -45.63 -10.16 -11.27
N TYR A 208 -45.15 -10.29 -10.03
CA TYR A 208 -43.82 -10.84 -9.73
C TYR A 208 -43.58 -12.23 -10.31
N LEU A 209 -44.61 -13.03 -10.63
CA LEU A 209 -44.35 -14.34 -11.23
C LEU A 209 -43.54 -14.24 -12.52
N LYS A 210 -43.68 -13.14 -13.27
CA LYS A 210 -42.88 -12.99 -14.48
C LYS A 210 -41.39 -13.14 -14.17
N GLU A 211 -40.96 -12.75 -12.97
CA GLU A 211 -39.55 -12.59 -12.62
C GLU A 211 -38.92 -13.88 -12.13
N LEU A 212 -39.75 -14.92 -11.80
CA LEU A 212 -39.15 -16.06 -11.13
C LEU A 212 -38.78 -17.14 -12.13
N PRO A 213 -37.78 -17.94 -11.83
CA PRO A 213 -37.33 -18.95 -12.80
C PRO A 213 -38.29 -20.13 -12.84
N ASP A 214 -38.62 -20.56 -14.06
CA ASP A 214 -39.53 -21.68 -14.22
C ASP A 214 -39.07 -22.89 -13.42
N GLN A 215 -37.76 -23.07 -13.26
CA GLN A 215 -37.18 -24.18 -12.52
C GLN A 215 -36.55 -23.69 -11.23
N PHE A 216 -36.96 -24.28 -10.10
CA PHE A 216 -36.55 -23.77 -8.80
C PHE A 216 -35.04 -23.88 -8.55
N SER A 217 -34.43 -22.80 -8.08
CA SER A 217 -33.03 -22.82 -7.71
C SER A 217 -32.81 -21.75 -6.65
N TYR A 218 -32.35 -22.13 -5.45
CA TYR A 218 -32.09 -21.12 -4.44
C TYR A 218 -30.99 -20.16 -4.90
N ASP A 219 -30.07 -20.61 -5.74
CA ASP A 219 -29.06 -19.69 -6.22
C ASP A 219 -29.69 -18.64 -7.12
N ALA A 220 -30.58 -19.06 -8.04
CA ALA A 220 -31.27 -18.10 -8.91
C ALA A 220 -32.12 -17.12 -8.13
N LEU A 221 -32.84 -17.61 -7.11
CA LEU A 221 -33.62 -16.73 -6.25
C LEU A 221 -32.73 -15.70 -5.58
N ASP A 222 -31.55 -16.14 -5.10
CA ASP A 222 -30.66 -15.20 -4.44
C ASP A 222 -30.17 -14.14 -5.41
N GLN A 223 -29.82 -14.55 -6.63
CA GLN A 223 -29.36 -13.60 -7.61
C GLN A 223 -30.45 -12.58 -7.93
N LEU A 224 -31.69 -13.06 -8.12
CA LEU A 224 -32.80 -12.17 -8.43
C LEU A 224 -33.04 -11.20 -7.29
N ALA A 225 -32.96 -11.69 -6.05
CA ALA A 225 -33.08 -10.84 -4.89
C ALA A 225 -32.03 -9.74 -4.89
N VAL A 226 -30.77 -10.05 -5.27
CA VAL A 226 -29.78 -8.98 -5.18
C VAL A 226 -29.97 -7.98 -6.32
N ARG A 227 -30.34 -8.45 -7.52
CA ARG A 227 -30.59 -7.52 -8.63
C ARG A 227 -31.72 -6.55 -8.27
N ASP A 228 -32.84 -7.09 -7.78
CA ASP A 228 -34.00 -6.25 -7.49
C ASP A 228 -33.76 -5.36 -6.27
N ALA A 229 -33.20 -5.91 -5.20
CA ALA A 229 -32.79 -5.09 -4.07
C ALA A 229 -31.88 -3.94 -4.50
N GLU A 230 -30.97 -4.17 -5.44
CA GLU A 230 -30.12 -3.06 -5.86
C GLU A 230 -30.91 -2.02 -6.63
N ALA A 231 -31.82 -2.47 -7.52
CA ALA A 231 -32.71 -1.52 -8.20
C ALA A 231 -33.44 -0.60 -7.21
N HIS A 232 -33.92 -1.15 -6.09
CA HIS A 232 -34.84 -0.41 -5.23
C HIS A 232 -34.20 0.20 -3.99
N THR A 233 -32.89 0.49 -4.01
CA THR A 233 -32.29 1.13 -2.84
C THR A 233 -31.26 2.19 -3.21
N LYS A 234 -31.27 2.73 -4.44
CA LYS A 234 -30.25 3.71 -4.81
C LYS A 234 -30.44 5.07 -4.14
N SER A 235 -31.37 5.21 -3.20
CA SER A 235 -31.65 6.51 -2.60
C SER A 235 -30.96 6.72 -1.26
N ASN A 236 -30.15 5.78 -0.81
CA ASN A 236 -29.51 5.93 0.49
C ASN A 236 -28.39 4.91 0.61
N ASP A 237 -27.79 4.86 1.80
CA ASP A 237 -26.68 3.98 2.13
C ASP A 237 -27.07 2.92 3.14
N PHE A 238 -28.33 2.88 3.55
CA PHE A 238 -28.79 1.90 4.51
C PHE A 238 -29.29 0.62 3.86
N GLY A 239 -29.37 0.60 2.53
CA GLY A 239 -30.03 -0.45 1.79
C GLY A 239 -31.48 -0.54 2.21
N ILE A 240 -32.16 0.61 2.30
CA ILE A 240 -33.56 0.67 2.68
C ILE A 240 -34.37 1.01 1.43
N ASP A 241 -35.50 0.33 1.27
CA ASP A 241 -36.32 0.52 0.09
C ASP A 241 -36.61 1.99 -0.16
N ASP A 242 -36.56 2.37 -1.44
CA ASP A 242 -36.68 3.78 -1.83
C ASP A 242 -37.94 4.42 -1.25
N ARG A 243 -39.09 3.81 -1.52
CA ARG A 243 -40.36 4.39 -1.08
C ARG A 243 -40.40 4.51 0.44
N PHE A 244 -40.05 3.44 1.17
CA PHE A 244 -40.06 3.50 2.62
C PHE A 244 -39.12 4.59 3.09
N TYR A 245 -37.98 4.75 2.41
CA TYR A 245 -37.00 5.74 2.85
C TYR A 245 -37.49 7.18 2.68
N LYS A 246 -38.08 7.55 1.51
CA LYS A 246 -38.66 8.90 1.35
C LYS A 246 -39.91 9.08 2.19
N GLU A 247 -40.64 8.01 2.46
CA GLU A 247 -41.96 8.22 3.04
C GLU A 247 -41.87 8.33 4.53
N ARG A 248 -40.91 7.65 5.16
CA ARG A 248 -40.88 7.60 6.62
C ARG A 248 -39.58 8.11 7.25
N LEU A 249 -38.51 8.24 6.49
CA LEU A 249 -37.19 8.48 7.04
C LEU A 249 -36.50 9.70 6.51
N SER A 250 -36.73 10.05 5.23
CA SER A 250 -36.03 11.16 4.60
C SER A 250 -36.13 12.44 5.45
N LYS A 251 -37.36 12.89 5.71
CA LYS A 251 -37.61 14.19 6.34
C LYS A 251 -36.88 14.33 7.68
N LYS A 252 -36.96 13.31 8.55
CA LYS A 252 -36.48 13.46 9.91
C LYS A 252 -35.22 12.65 10.21
N ILE A 253 -34.38 12.41 9.19
CA ILE A 253 -33.31 11.44 9.37
C ILE A 253 -32.22 11.98 10.31
N GLY A 254 -31.97 13.28 10.25
CA GLY A 254 -31.11 13.94 11.22
C GLY A 254 -31.60 13.78 12.65
N LYS A 255 -32.85 14.18 12.93
CA LYS A 255 -33.38 14.07 14.28
C LYS A 255 -33.37 12.63 14.78
N LEU A 256 -33.20 11.66 13.87
CA LEU A 256 -33.30 10.25 14.24
C LEU A 256 -32.01 9.71 14.87
N LYS A 257 -30.85 10.08 14.34
CA LYS A 257 -29.59 9.50 14.80
C LYS A 257 -29.56 9.42 16.32
N GLY A 258 -29.15 8.27 16.82
CA GLY A 258 -29.03 8.10 18.25
C GLY A 258 -30.32 7.89 18.99
N PHE A 259 -31.49 7.89 18.32
CA PHE A 259 -32.71 7.95 19.11
C PHE A 259 -33.05 6.65 19.82
N GLN A 260 -32.31 5.56 19.59
CA GLN A 260 -32.56 4.30 20.27
C GLN A 260 -31.48 3.93 21.25
N LYS A 261 -30.62 4.90 21.61
CA LYS A 261 -29.48 4.66 22.50
C LYS A 261 -29.86 3.79 23.69
N ASN A 262 -30.94 4.16 24.38
CA ASN A 262 -31.31 3.52 25.64
C ASN A 262 -32.52 2.61 25.53
N LEU A 263 -33.11 2.47 24.34
CA LEU A 263 -34.31 1.64 24.16
C LEU A 263 -34.00 0.17 24.39
N SER A 264 -34.88 -0.50 25.13
CA SER A 264 -34.75 -1.93 25.39
C SER A 264 -36.05 -2.66 25.06
N TYR A 265 -35.93 -3.96 24.74
CA TYR A 265 -37.07 -4.86 24.56
C TYR A 265 -37.12 -5.97 25.62
N GLU A 266 -36.38 -5.81 26.72
CA GLU A 266 -36.18 -6.86 27.70
C GLU A 266 -37.26 -6.91 28.76
N VAL A 267 -37.95 -5.81 28.99
CA VAL A 267 -39.10 -5.79 29.90
C VAL A 267 -40.33 -5.44 29.07
N SER A 268 -41.35 -6.30 29.14
CA SER A 268 -42.58 -6.07 28.41
C SER A 268 -43.67 -6.97 28.95
N GLN A 269 -44.90 -6.46 28.94
CA GLN A 269 -46.03 -7.34 29.22
C GLN A 269 -46.27 -8.31 28.08
N GLU A 270 -45.69 -8.00 26.92
CA GLU A 270 -45.81 -8.82 25.72
C GLU A 270 -45.26 -10.22 25.94
N TYR A 271 -44.34 -10.38 26.91
CA TYR A 271 -43.91 -11.72 27.32
C TYR A 271 -45.08 -12.55 27.82
N GLY A 272 -45.90 -11.99 28.69
CA GLY A 272 -47.12 -12.69 29.10
C GLY A 272 -48.10 -12.88 27.96
N ASP A 273 -48.26 -11.85 27.12
CA ASP A 273 -49.17 -12.00 26.00
C ASP A 273 -48.75 -13.17 25.15
N LEU A 274 -47.47 -13.25 24.83
CA LEU A 274 -46.91 -14.42 24.15
C LEU A 274 -47.31 -15.71 24.86
N GLN A 275 -47.16 -15.76 26.18
CA GLN A 275 -47.58 -16.97 26.88
C GLN A 275 -49.00 -17.34 26.49
N LEU A 276 -49.87 -16.35 26.25
CA LEU A 276 -51.25 -16.69 25.89
C LEU A 276 -51.29 -17.51 24.60
N VAL A 277 -50.52 -17.08 23.60
CA VAL A 277 -50.49 -17.78 22.33
C VAL A 277 -49.92 -19.20 22.51
N LEU A 278 -48.91 -19.32 23.37
CA LEU A 278 -48.29 -20.63 23.57
C LEU A 278 -49.27 -21.58 24.22
N ASN A 279 -50.02 -21.08 25.19
CA ASN A 279 -51.09 -21.86 25.76
C ASN A 279 -52.08 -22.31 24.68
N GLN A 280 -52.41 -21.39 23.76
CA GLN A 280 -53.41 -21.72 22.74
C GLN A 280 -52.90 -22.82 21.81
N PHE A 281 -51.64 -22.68 21.39
CA PHE A 281 -51.01 -23.68 20.55
C PHE A 281 -51.03 -25.03 21.24
N ALA A 282 -50.68 -25.07 22.53
CA ALA A 282 -50.67 -26.32 23.27
C ALA A 282 -52.08 -26.92 23.38
N LYS A 283 -53.03 -26.13 23.89
CA LYS A 283 -54.40 -26.63 24.00
C LYS A 283 -54.94 -27.11 22.66
N SER A 284 -54.50 -26.52 21.54
CA SER A 284 -54.96 -26.94 20.21
C SER A 284 -54.04 -27.94 19.53
N ASN A 285 -52.96 -28.35 20.20
CA ASN A 285 -51.95 -29.25 19.64
C ASN A 285 -51.49 -28.77 18.27
N THR A 286 -50.98 -27.54 18.24
CA THR A 286 -50.54 -26.94 17.00
C THR A 286 -49.02 -26.97 16.91
N ASN A 287 -48.52 -27.25 15.72
CA ASN A 287 -47.09 -27.32 15.50
C ASN A 287 -46.65 -26.06 14.76
N VAL A 288 -45.82 -25.27 15.44
CA VAL A 288 -45.53 -23.91 15.02
C VAL A 288 -44.04 -23.79 14.83
N ILE A 289 -43.63 -23.00 13.85
CA ILE A 289 -42.27 -22.51 13.74
C ILE A 289 -42.30 -21.01 14.03
N PHE A 290 -41.48 -20.58 14.97
CA PHE A 290 -41.45 -19.20 15.42
C PHE A 290 -40.30 -18.46 14.73
N VAL A 291 -40.61 -17.39 14.01
CA VAL A 291 -39.60 -16.67 13.24
C VAL A 291 -39.17 -15.44 14.02
N ILE A 292 -37.86 -15.26 14.19
CA ILE A 292 -37.35 -14.06 14.85
C ILE A 292 -36.48 -13.27 13.87
N PRO A 293 -36.90 -12.07 13.50
CA PRO A 293 -36.11 -11.30 12.57
C PRO A 293 -35.23 -10.28 13.19
N PRO A 294 -34.12 -9.98 12.52
CA PRO A 294 -33.15 -9.03 13.05
C PRO A 294 -33.40 -7.69 12.40
N VAL A 295 -32.55 -6.74 12.73
CA VAL A 295 -32.72 -5.40 12.28
C VAL A 295 -31.54 -4.98 11.51
N ASN A 296 -31.82 -4.28 10.44
CA ASN A 296 -30.75 -3.73 9.63
C ASN A 296 -29.69 -3.19 10.58
N SER A 297 -28.48 -3.76 10.52
CA SER A 297 -27.50 -3.43 11.55
C SER A 297 -26.83 -2.08 11.28
N LYS A 298 -26.71 -1.67 10.00
CA LYS A 298 -26.36 -0.30 9.67
C LYS A 298 -27.32 0.70 10.31
N TRP A 299 -28.62 0.42 10.20
CA TRP A 299 -29.64 1.21 10.89
C TRP A 299 -29.42 1.18 12.41
N MET A 300 -29.24 0.00 12.98
CA MET A 300 -29.01 -0.10 14.43
C MET A 300 -27.82 0.73 14.86
N ALA A 301 -26.80 0.80 14.01
CA ALA A 301 -25.67 1.66 14.27
C ALA A 301 -26.11 3.12 14.30
N TYR A 302 -26.88 3.55 13.29
CA TYR A 302 -27.22 4.98 13.19
C TYR A 302 -28.18 5.42 14.29
N THR A 303 -29.03 4.53 14.76
CA THR A 303 -30.02 4.85 15.78
C THR A 303 -29.56 4.46 17.16
N GLY A 304 -28.41 3.80 17.28
CA GLY A 304 -27.98 3.37 18.58
C GLY A 304 -28.66 2.13 19.11
N LEU A 305 -29.51 1.47 18.31
CA LEU A 305 -30.14 0.25 18.81
C LEU A 305 -29.08 -0.75 19.21
N ASN A 306 -29.04 -1.08 20.50
CA ASN A 306 -27.95 -1.90 21.04
C ASN A 306 -28.14 -3.37 20.69
N GLN A 307 -27.18 -3.96 19.97
CA GLN A 307 -27.39 -5.32 19.49
C GLN A 307 -27.30 -6.35 20.60
N ASP A 308 -26.61 -6.05 21.69
CA ASP A 308 -26.55 -7.03 22.76
C ASP A 308 -27.84 -7.08 23.56
N MET A 309 -28.52 -5.94 23.65
CA MET A 309 -29.86 -5.93 24.23
C MET A 309 -30.80 -6.78 23.39
N TYR A 310 -30.77 -6.56 22.07
CA TYR A 310 -31.47 -7.41 21.12
C TYR A 310 -31.19 -8.88 21.40
N ASP A 311 -29.90 -9.20 21.60
CA ASP A 311 -29.50 -10.59 21.78
C ASP A 311 -30.05 -11.16 23.09
N ALA A 312 -30.06 -10.36 24.16
CA ALA A 312 -30.66 -10.81 25.41
C ALA A 312 -32.17 -10.98 25.30
N THR A 313 -32.82 -10.09 24.55
CA THR A 313 -34.25 -10.22 24.29
C THR A 313 -34.56 -11.53 23.60
N VAL A 314 -33.89 -11.77 22.47
CA VAL A 314 -34.06 -12.99 21.71
C VAL A 314 -33.82 -14.20 22.61
N SER A 315 -32.78 -14.14 23.45
CA SER A 315 -32.46 -15.24 24.35
C SER A 315 -33.62 -15.53 25.30
N LYS A 316 -34.24 -14.49 25.85
CA LYS A 316 -35.33 -14.70 26.82
C LYS A 316 -36.59 -15.21 26.12
N ILE A 317 -36.84 -14.71 24.92
CA ILE A 317 -37.93 -15.24 24.10
C ILE A 317 -37.72 -16.73 23.88
N ARG A 318 -36.52 -17.08 23.37
CA ARG A 318 -36.19 -18.47 23.05
C ARG A 318 -36.28 -19.35 24.28
N TYR A 319 -35.79 -18.87 25.42
CA TYR A 319 -35.93 -19.63 26.65
C TYR A 319 -37.39 -19.96 26.90
N GLN A 320 -38.26 -18.93 26.89
CA GLN A 320 -39.68 -19.19 27.12
C GLN A 320 -40.22 -20.25 26.15
N LEU A 321 -39.79 -20.17 24.87
CA LEU A 321 -40.28 -21.07 23.83
C LEU A 321 -39.78 -22.50 24.02
N GLU A 322 -38.46 -22.66 24.08
CA GLU A 322 -37.82 -23.98 24.14
C GLU A 322 -38.13 -24.68 25.46
N SER A 323 -38.00 -23.98 26.60
CA SER A 323 -38.26 -24.63 27.87
C SER A 323 -39.67 -25.23 27.99
N GLN A 324 -40.54 -25.04 27.01
CA GLN A 324 -41.91 -25.53 27.10
C GLN A 324 -42.28 -26.54 26.04
N GLY A 325 -41.48 -26.65 24.98
CA GLY A 325 -41.73 -27.58 23.91
C GLY A 325 -41.68 -26.94 22.55
N PHE A 326 -41.74 -25.63 22.47
CA PHE A 326 -41.76 -24.95 21.19
C PHE A 326 -40.31 -24.77 20.80
N THR A 327 -39.83 -25.67 19.94
CA THR A 327 -38.42 -25.71 19.57
C THR A 327 -38.20 -25.40 18.10
N ASN A 328 -39.26 -25.24 17.30
CA ASN A 328 -39.13 -24.89 15.89
C ASN A 328 -38.95 -23.38 15.82
N ILE A 329 -37.72 -22.91 15.60
CA ILE A 329 -37.43 -21.49 15.69
C ILE A 329 -36.53 -21.06 14.56
N ALA A 330 -37.07 -20.35 13.59
CA ALA A 330 -36.18 -19.79 12.58
C ALA A 330 -35.68 -18.46 13.14
N ASP A 331 -34.52 -18.51 13.81
CA ASP A 331 -33.95 -17.35 14.49
C ASP A 331 -32.95 -16.66 13.57
N PHE A 332 -33.36 -15.54 12.97
CA PHE A 332 -32.52 -14.72 12.10
C PHE A 332 -32.00 -13.46 12.77
N SER A 333 -31.98 -13.40 14.12
CA SER A 333 -31.66 -12.13 14.78
C SER A 333 -30.24 -11.67 14.49
N LYS A 334 -29.33 -12.59 14.22
CA LYS A 334 -27.95 -12.19 13.99
C LYS A 334 -27.61 -12.05 12.51
N ASP A 335 -28.60 -11.99 11.63
CA ASP A 335 -28.34 -11.93 10.19
C ASP A 335 -28.61 -10.55 9.61
N GLY A 336 -28.71 -9.52 10.47
CA GLY A 336 -29.07 -8.20 10.02
C GLY A 336 -27.99 -7.49 9.21
N ASP A 337 -26.75 -7.97 9.29
CA ASP A 337 -25.63 -7.40 8.54
C ASP A 337 -25.51 -7.93 7.12
N GLN A 338 -26.24 -8.97 6.77
CA GLN A 338 -26.09 -9.55 5.46
C GLN A 338 -26.66 -8.60 4.42
N PRO A 339 -25.89 -8.15 3.45
CA PRO A 339 -26.42 -7.26 2.41
C PRO A 339 -27.77 -7.71 1.85
N TYR A 340 -28.78 -6.87 2.04
CA TYR A 340 -30.13 -7.06 1.50
C TYR A 340 -30.92 -8.15 2.21
N PHE A 341 -30.59 -8.43 3.47
CA PHE A 341 -31.46 -9.27 4.26
C PHE A 341 -32.76 -8.55 4.59
N MET A 342 -32.69 -7.25 4.87
CA MET A 342 -33.86 -6.46 5.22
C MET A 342 -34.32 -5.67 4.02
N GLN A 343 -35.66 -5.47 3.92
CA GLN A 343 -36.23 -4.59 2.91
C GLN A 343 -36.39 -3.16 3.41
N ASP A 344 -36.70 -2.99 4.69
CA ASP A 344 -36.80 -1.69 5.34
C ASP A 344 -35.77 -1.66 6.45
N THR A 345 -36.16 -0.97 7.53
CA THR A 345 -35.36 -0.88 8.75
C THR A 345 -35.49 -2.16 9.58
N ILE A 346 -36.72 -2.60 9.88
CA ILE A 346 -36.95 -3.72 10.80
C ILE A 346 -37.74 -4.86 10.19
N HIS A 347 -37.93 -4.83 8.86
CA HIS A 347 -38.71 -5.84 8.14
C HIS A 347 -37.83 -6.50 7.09
N MET A 348 -37.81 -7.83 7.09
CA MET A 348 -36.98 -8.54 6.13
C MET A 348 -37.64 -8.56 4.77
N GLY A 349 -36.82 -8.66 3.74
CA GLY A 349 -37.30 -8.74 2.37
C GLY A 349 -36.21 -9.28 1.49
N TRP A 350 -36.54 -9.43 0.21
CA TRP A 350 -35.54 -9.80 -0.77
C TRP A 350 -34.75 -11.04 -0.34
N LYS A 351 -33.45 -10.88 -0.10
CA LYS A 351 -32.63 -12.00 0.33
C LYS A 351 -33.15 -12.57 1.64
N GLY A 352 -33.53 -11.69 2.58
CA GLY A 352 -34.15 -12.14 3.80
C GLY A 352 -35.34 -13.04 3.55
N TRP A 353 -36.12 -12.77 2.48
CA TRP A 353 -37.26 -13.63 2.17
C TRP A 353 -36.80 -15.03 1.77
N VAL A 354 -35.68 -15.12 1.07
CA VAL A 354 -35.14 -16.41 0.65
C VAL A 354 -34.63 -17.19 1.87
N ALA A 355 -33.88 -16.51 2.74
CA ALA A 355 -33.49 -17.14 3.99
C ALA A 355 -34.71 -17.63 4.77
N PHE A 356 -35.76 -16.80 4.84
CA PHE A 356 -37.02 -17.19 5.46
C PHE A 356 -37.56 -18.48 4.83
N ASP A 357 -37.56 -18.53 3.50
CA ASP A 357 -38.03 -19.71 2.79
C ASP A 357 -37.26 -20.96 3.20
N ARG A 358 -35.93 -20.85 3.32
CA ARG A 358 -35.12 -22.05 3.45
C ARG A 358 -35.52 -22.86 4.68
N VAL A 359 -35.91 -22.21 5.76
CA VAL A 359 -36.35 -22.95 6.94
C VAL A 359 -37.86 -23.16 6.94
N VAL A 360 -38.62 -22.14 6.54
CA VAL A 360 -40.05 -22.20 6.80
C VAL A 360 -40.73 -23.14 5.81
N ASN A 361 -40.34 -23.10 4.53
CA ASN A 361 -41.04 -23.90 3.54
C ASN A 361 -40.86 -25.37 3.80
N SER A 362 -39.65 -25.79 4.14
CA SER A 362 -39.48 -27.16 4.60
C SER A 362 -40.38 -27.44 5.78
N PHE A 363 -40.52 -26.47 6.72
CA PHE A 363 -41.40 -26.76 7.87
C PHE A 363 -42.86 -26.92 7.44
N VAL A 364 -43.34 -26.12 6.49
CA VAL A 364 -44.77 -26.05 6.21
C VAL A 364 -45.17 -27.05 5.15
N SER A 365 -44.26 -27.30 4.22
CA SER A 365 -44.50 -28.27 3.15
C SER A 365 -44.52 -29.68 3.68
N ASN A 366 -43.91 -29.89 4.84
CA ASN A 366 -43.73 -31.22 5.41
C ASN A 366 -44.32 -31.20 6.80
N PRO A 367 -45.66 -31.17 6.91
CA PRO A 367 -46.29 -31.14 8.23
C PRO A 367 -45.99 -32.41 9.00
N THR A 368 -45.71 -32.24 10.28
CA THR A 368 -45.47 -33.32 11.22
C THR A 368 -46.25 -33.01 12.49
N PRO A 369 -46.61 -34.03 13.29
CA PRO A 369 -47.36 -33.74 14.53
C PRO A 369 -46.58 -32.83 15.44
N ALA A 370 -47.30 -32.19 16.32
CA ALA A 370 -46.68 -31.32 17.26
C ALA A 370 -46.15 -32.07 18.43
N PRO A 371 -44.95 -31.72 18.84
CA PRO A 371 -44.41 -32.37 20.03
C PRO A 371 -45.25 -32.17 21.28
N SER A 372 -44.84 -32.86 22.34
CA SER A 372 -45.47 -32.70 23.65
C SER A 372 -44.91 -31.45 24.32
N TYR A 373 -45.84 -30.61 24.76
CA TYR A 373 -45.57 -29.33 25.38
C TYR A 373 -45.76 -29.44 26.88
N LYS A 374 -44.89 -28.77 27.63
CA LYS A 374 -45.15 -28.61 29.05
C LYS A 374 -45.24 -27.09 29.32
N LEU A 375 -46.46 -26.62 29.56
CA LEU A 375 -46.70 -25.21 29.83
C LEU A 375 -46.28 -24.85 31.25
N ASN A 376 -45.93 -23.58 31.46
CA ASN A 376 -45.36 -23.08 32.72
C ASN A 376 -46.02 -21.77 33.09
N ASP A 377 -46.97 -21.83 34.05
CA ASP A 377 -47.76 -20.65 34.42
C ASP A 377 -46.91 -19.48 34.89
N ARG A 378 -45.67 -19.72 35.32
CA ARG A 378 -44.87 -18.64 35.89
C ARG A 378 -44.53 -17.57 34.84
N PHE A 379 -44.99 -17.77 33.61
CA PHE A 379 -44.69 -16.81 32.56
C PHE A 379 -45.71 -15.69 32.45
N TYR A 380 -46.93 -15.90 32.95
CA TYR A 380 -47.87 -14.80 33.15
C TYR A 380 -47.42 -13.83 34.25
N SER A 381 -46.40 -14.18 35.03
CA SER A 381 -46.10 -13.43 36.26
C SER A 381 -45.50 -12.06 35.95
N LYS A 382 -45.63 -11.14 36.93
CA LYS A 382 -44.98 -9.84 36.83
C LYS A 382 -43.47 -10.01 36.83
N ASP A 383 -42.99 -11.00 37.56
CA ASP A 383 -41.55 -11.22 37.71
C ASP A 383 -40.92 -11.59 36.39
N TRP A 384 -41.59 -12.50 35.64
CA TRP A 384 -41.15 -12.85 34.29
C TRP A 384 -41.31 -11.68 33.32
N SER A 385 -42.31 -10.81 33.56
CA SER A 385 -42.45 -9.61 32.74
C SER A 385 -41.27 -8.67 32.91
N GLY A 386 -40.70 -8.63 34.11
CA GLY A 386 -39.57 -7.76 34.37
C GLY A 386 -38.20 -8.43 34.43
N TYR A 387 -38.17 -9.77 34.47
CA TYR A 387 -36.94 -10.51 34.71
C TYR A 387 -35.88 -10.21 33.65
N THR A 388 -34.62 -9.99 34.08
CA THR A 388 -33.53 -9.65 33.19
C THR A 388 -32.21 -10.34 33.52
N GLY A 389 -32.20 -11.22 34.50
CA GLY A 389 -31.04 -12.05 34.74
C GLY A 389 -30.95 -13.13 33.68
N THR A 390 -30.20 -14.15 34.00
CA THR A 390 -30.03 -15.25 33.07
C THR A 390 -31.36 -16.01 32.97
N PRO A 391 -31.89 -16.21 31.75
CA PRO A 391 -33.20 -16.89 31.59
C PRO A 391 -33.26 -18.27 32.20
N SER A 392 -32.15 -19.02 32.18
CA SER A 392 -32.12 -20.35 32.78
C SER A 392 -32.47 -20.30 34.26
N GLN A 393 -32.11 -19.22 34.96
CA GLN A 393 -32.27 -19.13 36.42
C GLN A 393 -33.53 -18.36 36.81
N PHE A 394 -34.69 -18.89 36.43
CA PHE A 394 -35.94 -18.22 36.78
C PHE A 394 -36.70 -18.96 37.89
N LYS A 395 -37.08 -20.22 37.65
CA LYS A 395 -37.74 -21.11 38.62
C LYS A 395 -38.53 -20.43 39.75
N SER B 6 -16.64 -5.28 -14.65
CA SER B 6 -15.92 -5.46 -13.41
C SER B 6 -16.08 -6.88 -12.86
N TYR B 7 -17.04 -7.65 -13.40
CA TYR B 7 -17.00 -9.09 -13.12
C TYR B 7 -15.77 -9.73 -13.78
N GLU B 8 -15.40 -9.26 -14.99
CA GLU B 8 -14.20 -9.75 -15.66
C GLU B 8 -12.93 -9.27 -14.99
N ALA B 9 -12.92 -8.03 -14.48
CA ALA B 9 -11.75 -7.53 -13.76
C ALA B 9 -11.52 -8.33 -12.50
N GLU B 10 -12.61 -8.71 -11.83
CA GLU B 10 -12.51 -9.51 -10.61
C GLU B 10 -12.10 -10.94 -10.92
N LYS B 11 -12.69 -11.53 -11.97
CA LYS B 11 -12.28 -12.86 -12.36
C LYS B 11 -10.78 -12.90 -12.61
N ARG B 12 -10.26 -11.93 -13.36
CA ARG B 12 -8.82 -11.87 -13.59
C ARG B 12 -8.03 -11.55 -12.32
N SER B 13 -8.54 -10.68 -11.44
CA SER B 13 -7.89 -10.37 -10.18
C SER B 13 -7.67 -11.62 -9.33
N ALA B 14 -8.69 -12.47 -9.25
CA ALA B 14 -8.64 -13.56 -8.28
C ALA B 14 -7.50 -14.51 -8.54
N VAL B 15 -7.03 -14.63 -9.79
CA VAL B 15 -5.99 -15.61 -10.10
C VAL B 15 -4.64 -14.97 -10.42
N THR B 16 -4.52 -13.65 -10.33
CA THR B 16 -3.26 -13.02 -10.72
C THR B 16 -2.12 -13.49 -9.81
N LEU B 17 -2.38 -13.52 -8.50
CA LEU B 17 -1.52 -14.15 -7.51
C LEU B 17 -0.11 -13.53 -7.54
N THR B 18 -0.08 -12.23 -7.33
CA THR B 18 1.16 -11.50 -7.12
C THR B 18 1.17 -10.93 -5.70
N ASN B 19 2.37 -10.60 -5.20
CA ASN B 19 2.46 -9.95 -3.90
C ASN B 19 1.69 -8.64 -3.90
N GLU B 20 1.95 -7.76 -4.90
CA GLU B 20 1.28 -6.46 -4.91
C GLU B 20 -0.21 -6.67 -4.77
N ASN B 21 -0.71 -7.77 -5.34
CA ASN B 21 -2.12 -8.06 -5.20
C ASN B 21 -2.44 -8.53 -3.79
N PHE B 22 -1.58 -9.35 -3.22
CA PHE B 22 -1.88 -9.89 -1.89
C PHE B 22 -2.26 -8.78 -0.93
N LYS B 23 -1.49 -7.67 -0.96
CA LYS B 23 -1.61 -6.57 -0.01
C LYS B 23 -2.43 -5.42 -0.56
N SER B 24 -3.18 -5.65 -1.64
CA SER B 24 -4.04 -4.62 -2.24
C SER B 24 -5.45 -4.73 -1.66
N ARG B 25 -5.71 -3.90 -0.63
CA ARG B 25 -7.03 -3.84 0.00
C ARG B 25 -8.15 -3.57 -1.00
N LYS B 26 -7.97 -2.60 -1.92
CA LYS B 26 -8.94 -2.33 -2.96
C LYS B 26 -9.36 -3.60 -3.69
N ASN B 27 -8.40 -4.33 -4.30
CA ASN B 27 -8.74 -5.45 -5.17
C ASN B 27 -9.49 -6.53 -4.42
N LYS B 28 -9.05 -6.85 -3.20
CA LYS B 28 -9.67 -7.98 -2.54
C LYS B 28 -10.99 -7.58 -1.90
N THR B 29 -11.10 -6.39 -1.31
CA THR B 29 -12.40 -6.02 -0.77
C THR B 29 -13.43 -5.80 -1.88
N THR B 30 -12.99 -5.28 -3.05
CA THR B 30 -13.87 -5.23 -4.20
C THR B 30 -14.42 -6.59 -4.54
N ALA B 31 -13.54 -7.54 -4.90
CA ALA B 31 -14.02 -8.84 -5.34
C ALA B 31 -14.82 -9.54 -4.24
N LEU B 32 -14.29 -9.52 -3.02
CA LEU B 32 -14.86 -10.30 -1.92
C LEU B 32 -16.22 -9.77 -1.49
N SER B 33 -16.46 -8.47 -1.60
CA SER B 33 -17.78 -7.94 -1.23
C SER B 33 -18.73 -7.76 -2.42
N ASP B 34 -18.34 -8.14 -3.64
CA ASP B 34 -19.26 -8.12 -4.78
C ASP B 34 -20.45 -9.04 -4.52
N GLN B 35 -21.66 -8.44 -4.43
CA GLN B 35 -22.86 -9.19 -4.13
C GLN B 35 -23.51 -9.79 -5.38
N ASN B 36 -23.11 -9.39 -6.56
CA ASN B 36 -23.68 -9.99 -7.74
C ASN B 36 -22.91 -11.20 -8.21
N HIS B 37 -21.66 -11.34 -7.79
CA HIS B 37 -20.94 -12.58 -8.05
C HIS B 37 -20.13 -12.94 -6.82
N ARG B 38 -20.33 -14.16 -6.34
CA ARG B 38 -19.80 -14.55 -5.05
C ARG B 38 -18.35 -14.99 -5.20
N PHE B 39 -17.42 -14.19 -4.70
CA PHE B 39 -16.07 -14.68 -4.51
C PHE B 39 -15.87 -15.16 -3.08
N VAL B 40 -15.19 -16.28 -2.95
CA VAL B 40 -14.87 -16.87 -1.66
C VAL B 40 -13.35 -16.87 -1.51
N PRO B 41 -12.81 -16.30 -0.43
CA PRO B 41 -11.36 -16.22 -0.28
C PRO B 41 -10.76 -17.60 -0.02
N TYR B 42 -9.82 -17.99 -0.90
CA TYR B 42 -8.96 -19.15 -0.70
C TYR B 42 -7.60 -18.62 -0.23
N PHE B 43 -7.34 -18.74 1.08
CA PHE B 43 -6.05 -18.46 1.68
C PHE B 43 -5.09 -19.63 1.53
N GLY B 44 -3.84 -19.31 1.23
CA GLY B 44 -2.82 -20.33 1.18
C GLY B 44 -1.52 -19.73 0.69
N SER B 45 -0.72 -20.51 -0.03
CA SER B 45 0.54 -19.98 -0.53
C SER B 45 0.64 -20.65 -1.88
N SER B 46 1.87 -20.79 -2.39
CA SER B 46 2.20 -21.02 -3.78
C SER B 46 1.49 -22.22 -4.37
N GLU B 47 0.73 -22.97 -3.55
CA GLU B 47 -0.08 -24.06 -4.09
C GLU B 47 -1.01 -23.56 -5.22
N TRP B 48 -1.54 -22.34 -5.08
CA TRP B 48 -2.48 -21.82 -6.05
C TRP B 48 -1.84 -21.56 -7.41
N LEU B 49 -0.54 -21.26 -7.47
CA LEU B 49 0.08 -20.96 -8.76
C LEU B 49 0.22 -22.20 -9.63
N ARG B 50 -0.11 -23.39 -9.12
CA ARG B 50 0.10 -24.64 -9.82
C ARG B 50 -1.14 -24.94 -10.67
N PHE B 51 -1.23 -24.21 -11.77
CA PHE B 51 -2.35 -24.40 -12.67
C PHE B 51 -2.21 -25.73 -13.43
N ASP B 52 -3.33 -26.41 -13.57
CA ASP B 52 -3.56 -27.44 -14.56
C ASP B 52 -5.06 -27.43 -14.86
N ALA B 53 -5.54 -28.41 -15.63
CA ALA B 53 -6.95 -28.45 -15.98
C ALA B 53 -7.88 -28.71 -14.80
N LEU B 54 -7.36 -29.06 -13.62
CA LEU B 54 -8.21 -29.42 -12.50
C LEU B 54 -8.13 -28.43 -11.36
N HIS B 55 -7.37 -27.35 -11.56
CA HIS B 55 -7.25 -26.28 -10.59
C HIS B 55 -8.62 -25.69 -10.27
N PRO B 56 -8.88 -25.30 -9.03
CA PRO B 56 -10.25 -24.89 -8.67
C PRO B 56 -10.77 -23.74 -9.50
N ALA B 57 -9.89 -22.83 -9.92
CA ALA B 57 -10.22 -21.83 -10.92
C ALA B 57 -10.92 -22.45 -12.13
N VAL B 58 -10.31 -23.47 -12.72
CA VAL B 58 -10.84 -24.03 -13.96
C VAL B 58 -12.19 -24.69 -13.71
N LEU B 59 -12.31 -25.47 -12.64
CA LEU B 59 -13.59 -26.13 -12.38
C LEU B 59 -14.68 -25.09 -12.13
N ALA B 60 -14.43 -24.13 -11.23
CA ALA B 60 -15.42 -23.12 -10.88
C ALA B 60 -15.89 -22.35 -12.11
N GLU B 61 -14.97 -22.03 -13.02
CA GLU B 61 -15.41 -21.37 -14.23
C GLU B 61 -16.23 -22.33 -15.10
N LYS B 62 -15.69 -23.53 -15.33
CA LYS B 62 -16.29 -24.46 -16.28
C LYS B 62 -17.73 -24.74 -15.92
N TYR B 63 -17.95 -25.32 -14.75
CA TYR B 63 -19.29 -25.74 -14.37
C TYR B 63 -20.07 -24.60 -13.71
N ASP B 64 -19.70 -23.34 -14.03
CA ASP B 64 -20.36 -22.12 -13.58
C ASP B 64 -20.99 -22.19 -12.20
N ARG B 65 -20.18 -22.38 -11.17
CA ARG B 65 -20.70 -22.72 -9.86
C ARG B 65 -21.21 -21.47 -9.17
N ASN B 66 -21.81 -21.66 -7.99
CA ASN B 66 -22.35 -20.52 -7.27
C ASN B 66 -21.29 -19.69 -6.57
N TYR B 67 -20.02 -19.90 -6.90
CA TYR B 67 -18.92 -19.16 -6.33
C TYR B 67 -17.81 -19.13 -7.36
N ARG B 68 -16.83 -18.26 -7.12
CA ARG B 68 -15.50 -18.27 -7.72
C ARG B 68 -14.52 -18.10 -6.58
N PRO B 69 -13.39 -18.80 -6.64
CA PRO B 69 -12.37 -18.64 -5.60
C PRO B 69 -11.52 -17.42 -5.90
N TYR B 70 -11.34 -16.57 -4.90
CA TYR B 70 -10.35 -15.50 -4.96
C TYR B 70 -9.13 -15.93 -4.17
N PHE B 71 -8.01 -16.18 -4.85
CA PHE B 71 -6.84 -16.78 -4.24
C PHE B 71 -5.98 -15.70 -3.60
N ILE B 72 -5.81 -15.78 -2.28
CA ILE B 72 -4.91 -14.94 -1.50
C ILE B 72 -3.73 -15.82 -1.07
N GLY B 73 -2.55 -15.53 -1.63
CA GLY B 73 -1.40 -16.35 -1.34
C GLY B 73 -0.23 -16.18 -2.30
N GLN B 74 0.92 -16.68 -1.86
CA GLN B 74 2.18 -16.56 -2.56
C GLN B 74 3.20 -17.39 -1.78
N ARG B 75 4.39 -17.55 -2.36
CA ARG B 75 5.44 -18.20 -1.60
C ARG B 75 5.78 -17.38 -0.36
N GLY B 76 5.66 -18.02 0.81
CA GLY B 76 6.13 -17.44 2.06
C GLY B 76 5.10 -16.68 2.86
N SER B 77 3.86 -16.69 2.41
CA SER B 77 2.75 -15.98 3.06
C SER B 77 2.13 -16.88 4.14
N ALA B 78 2.95 -17.17 5.16
CA ALA B 78 2.54 -17.86 6.38
C ALA B 78 1.48 -17.08 7.15
N SER B 79 1.00 -17.69 8.25
CA SER B 79 -0.18 -17.18 8.96
C SER B 79 -0.01 -15.76 9.46
N LEU B 80 1.17 -15.38 9.97
CA LEU B 80 1.33 -13.99 10.43
C LEU B 80 1.00 -13.03 9.30
N ASN B 81 1.58 -13.27 8.12
CA ASN B 81 1.23 -12.47 6.94
C ASN B 81 -0.23 -12.66 6.56
N GLN B 82 -0.75 -13.87 6.73
CA GLN B 82 -2.15 -14.09 6.40
C GLN B 82 -3.02 -13.19 7.25
N TYR B 83 -2.74 -13.15 8.56
CA TYR B 83 -3.55 -12.43 9.53
C TYR B 83 -3.46 -10.94 9.31
N LEU B 84 -2.24 -10.44 9.15
CA LEU B 84 -2.08 -9.03 8.83
C LEU B 84 -2.84 -8.66 7.55
N GLY B 85 -2.72 -9.50 6.51
CA GLY B 85 -3.52 -9.26 5.32
C GLY B 85 -5.02 -9.21 5.62
N MET B 86 -5.50 -10.07 6.55
CA MET B 86 -6.93 -10.14 6.85
C MET B 86 -7.39 -8.86 7.51
N GLN B 87 -6.49 -8.20 8.24
CA GLN B 87 -6.81 -6.89 8.79
C GLN B 87 -7.33 -5.91 7.75
N GLN B 88 -7.09 -6.16 6.48
CA GLN B 88 -7.54 -5.27 5.42
C GLN B 88 -8.97 -5.56 4.96
N MET B 89 -9.53 -6.71 5.35
CA MET B 89 -10.79 -7.19 4.78
C MET B 89 -11.67 -7.81 5.86
N LEU B 90 -11.61 -7.22 7.06
CA LEU B 90 -12.43 -7.67 8.19
C LEU B 90 -13.92 -7.80 7.88
N PRO B 91 -14.58 -6.85 7.21
CA PRO B 91 -16.00 -7.06 6.85
C PRO B 91 -16.26 -8.34 6.08
N GLU B 92 -15.42 -8.64 5.09
CA GLU B 92 -15.63 -9.77 4.20
C GLU B 92 -15.31 -11.10 4.84
N LEU B 93 -15.09 -11.12 6.17
CA LEU B 93 -14.97 -12.35 6.95
C LEU B 93 -16.10 -12.53 7.96
N GLN B 94 -16.81 -11.45 8.31
CA GLN B 94 -17.98 -11.56 9.17
C GLN B 94 -18.94 -12.54 8.54
N ASN B 95 -19.21 -13.63 9.24
CA ASN B 95 -20.19 -14.64 8.83
C ASN B 95 -20.05 -14.99 7.35
N GLY B 96 -18.82 -15.07 6.86
CA GLY B 96 -18.55 -15.65 5.57
C GLY B 96 -17.89 -17.02 5.72
N THR B 97 -17.66 -17.66 4.59
CA THR B 97 -16.90 -18.89 4.55
C THR B 97 -15.60 -18.66 3.78
N ALA B 98 -14.58 -19.48 4.07
CA ALA B 98 -13.26 -19.30 3.48
C ALA B 98 -12.50 -20.63 3.51
N VAL B 99 -11.53 -20.75 2.60
CA VAL B 99 -10.63 -21.91 2.50
C VAL B 99 -9.27 -21.51 3.02
N TYR B 100 -8.62 -22.39 3.79
CA TYR B 100 -7.37 -22.01 4.45
C TYR B 100 -6.44 -23.21 4.42
N VAL B 101 -5.40 -23.15 3.60
CA VAL B 101 -4.49 -24.27 3.45
C VAL B 101 -3.32 -24.15 4.42
N LEU B 102 -3.15 -25.15 5.27
CA LEU B 102 -2.04 -25.22 6.23
C LEU B 102 -0.89 -26.05 5.65
N SER B 103 0.11 -25.39 5.07
CA SER B 103 1.25 -26.10 4.52
C SER B 103 2.25 -26.38 5.64
N PRO B 104 2.46 -27.64 6.02
CA PRO B 104 3.45 -27.94 7.07
C PRO B 104 4.82 -27.33 6.84
N GLN B 105 5.25 -27.16 5.59
CA GLN B 105 6.50 -26.47 5.29
C GLN B 105 6.67 -25.15 6.06
N TRP B 106 5.56 -24.49 6.44
CA TRP B 106 5.68 -23.19 7.12
C TRP B 106 6.17 -23.36 8.54
N PHE B 107 5.82 -24.49 9.16
CA PHE B 107 6.07 -24.75 10.57
C PHE B 107 7.50 -25.18 10.88
N THR B 108 8.48 -24.54 10.25
CA THR B 108 9.92 -24.71 10.49
C THR B 108 10.30 -23.99 11.77
N LYS B 109 11.45 -24.34 12.34
CA LYS B 109 11.82 -23.71 13.60
C LYS B 109 12.14 -22.24 13.40
N LYS B 110 12.90 -21.90 12.36
CA LYS B 110 13.30 -20.51 12.20
C LYS B 110 12.34 -19.68 11.35
N GLY B 111 11.43 -20.34 10.62
CA GLY B 111 10.47 -19.63 9.80
C GLY B 111 11.05 -18.99 8.55
N TYR B 112 10.19 -18.21 7.88
CA TYR B 112 10.58 -17.51 6.66
C TYR B 112 11.37 -16.25 7.00
N ASN B 113 12.18 -15.84 6.02
CA ASN B 113 12.92 -14.58 5.99
C ASN B 113 12.07 -13.37 6.42
N SER B 114 12.75 -12.33 6.94
CA SER B 114 12.11 -11.03 7.13
C SER B 114 11.80 -10.33 5.81
N ALA B 115 12.61 -10.55 4.76
CA ALA B 115 12.25 -9.96 3.48
C ALA B 115 11.06 -10.68 2.87
N ALA B 116 10.96 -11.99 3.10
CA ALA B 116 9.72 -12.72 2.81
C ALA B 116 8.54 -12.04 3.48
N PHE B 117 8.65 -11.82 4.79
CA PHE B 117 7.59 -11.13 5.51
C PHE B 117 7.30 -9.77 4.88
N GLN B 118 8.34 -9.05 4.45
CA GLN B 118 8.07 -7.70 3.96
C GLN B 118 7.40 -7.72 2.61
N GLN B 119 7.51 -8.81 1.85
CA GLN B 119 6.85 -8.65 0.55
C GLN B 119 5.35 -8.71 0.65
N PHE B 120 4.81 -9.11 1.80
CA PHE B 120 3.36 -9.06 2.02
C PHE B 120 2.90 -8.00 3.03
N PHE B 121 3.76 -7.51 3.91
CA PHE B 121 3.39 -6.55 4.95
C PHE B 121 3.52 -5.10 4.46
N ASN B 122 2.60 -4.25 4.89
CA ASN B 122 2.63 -2.86 4.45
C ASN B 122 1.87 -2.02 5.46
N ASN B 123 2.10 -0.70 5.43
CA ASN B 123 1.62 0.09 6.57
C ASN B 123 0.11 0.05 6.71
N ASP B 124 -0.63 -0.02 5.60
CA ASP B 124 -2.07 -0.26 5.68
C ASP B 124 -2.39 -1.33 6.72
N GLN B 125 -1.81 -2.51 6.56
CA GLN B 125 -2.06 -3.60 7.50
C GLN B 125 -1.69 -3.21 8.93
N LEU B 126 -0.61 -2.45 9.10
CA LEU B 126 -0.15 -2.12 10.45
C LEU B 126 -1.13 -1.18 11.14
N SER B 127 -1.52 -0.10 10.45
CA SER B 127 -2.47 0.81 11.04
C SER B 127 -3.80 0.12 11.27
N SER B 128 -4.23 -0.78 10.37
CA SER B 128 -5.49 -1.44 10.66
C SER B 128 -5.37 -2.26 11.93
N PHE B 129 -4.27 -2.98 12.07
CA PHE B 129 -4.10 -3.77 13.29
C PHE B 129 -4.16 -2.88 14.52
N LEU B 130 -3.43 -1.75 14.48
CA LEU B 130 -3.37 -0.83 15.62
C LEU B 130 -4.67 -0.07 15.85
N SER B 131 -5.61 -0.07 14.91
CA SER B 131 -6.93 0.49 15.16
C SER B 131 -7.86 -0.51 15.83
N GLN B 132 -7.89 -1.74 15.37
CA GLN B 132 -8.69 -2.79 16.00
C GLN B 132 -8.03 -3.15 17.33
N ASN B 133 -8.02 -2.17 18.24
CA ASN B 133 -7.25 -2.27 19.48
C ASN B 133 -8.10 -2.97 20.54
N GLN B 134 -7.58 -4.07 21.10
CA GLN B 134 -8.25 -4.70 22.22
C GLN B 134 -7.34 -4.94 23.41
N THR B 135 -6.04 -5.09 23.19
CA THR B 135 -5.08 -5.41 24.24
C THR B 135 -5.51 -6.65 25.04
N ASP B 136 -5.56 -7.79 24.32
CA ASP B 136 -5.75 -9.14 24.82
C ASP B 136 -4.45 -9.93 24.59
N ALA B 137 -4.50 -11.25 24.79
CA ALA B 137 -3.32 -12.07 24.50
C ALA B 137 -2.98 -12.04 23.01
N ASN B 138 -4.02 -12.00 22.18
CA ASN B 138 -3.85 -12.05 20.74
C ASN B 138 -3.06 -10.86 20.21
N SER B 139 -3.55 -9.65 20.48
CA SER B 139 -2.79 -8.48 20.05
C SER B 139 -1.38 -8.49 20.65
N GLN B 140 -1.22 -8.96 21.89
CA GLN B 140 0.10 -8.97 22.49
C GLN B 140 1.07 -9.82 21.67
N TYR B 141 0.62 -11.00 21.26
CA TYR B 141 1.47 -11.91 20.50
C TYR B 141 1.74 -11.34 19.09
N ALA B 142 0.73 -10.70 18.49
CA ALA B 142 0.89 -10.12 17.16
C ALA B 142 1.92 -8.98 17.15
N ALA B 143 1.80 -8.07 18.09
CA ALA B 143 2.78 -6.98 18.20
C ALA B 143 4.18 -7.53 18.49
N LYS B 144 4.27 -8.50 19.42
CA LYS B 144 5.54 -9.18 19.68
C LYS B 144 6.15 -9.69 18.37
N ARG B 145 5.39 -10.48 17.60
CA ARG B 145 5.91 -11.06 16.37
C ARG B 145 6.26 -9.99 15.33
N ILE B 146 5.43 -8.96 15.16
CA ILE B 146 5.77 -7.94 14.17
C ILE B 146 7.09 -7.30 14.53
N LEU B 147 7.31 -7.04 15.83
CA LEU B 147 8.57 -6.42 16.22
C LEU B 147 9.72 -7.38 15.98
N GLU B 148 9.49 -8.69 16.19
CA GLU B 148 10.53 -9.66 15.90
C GLU B 148 10.93 -9.63 14.43
N MET B 149 9.96 -9.49 13.53
CA MET B 149 10.29 -9.54 12.11
C MET B 149 10.81 -8.20 11.61
N LYS B 150 10.31 -7.10 12.16
CA LYS B 150 10.52 -5.76 11.61
C LYS B 150 10.81 -4.81 12.76
N PRO B 151 11.99 -4.87 13.34
CA PRO B 151 12.29 -3.99 14.49
C PRO B 151 12.37 -2.50 14.16
N GLU B 152 12.72 -2.15 12.91
CA GLU B 152 12.85 -0.74 12.51
C GLU B 152 11.55 -0.37 11.81
N ILE B 153 10.51 -0.14 12.62
CA ILE B 153 9.14 -0.05 12.17
C ILE B 153 8.57 1.33 12.48
N THR B 154 7.82 1.88 11.54
CA THR B 154 7.02 3.06 11.91
C THR B 154 6.05 2.69 13.02
N MET B 155 5.68 3.71 13.82
CA MET B 155 4.78 3.50 14.95
C MET B 155 5.35 2.49 15.94
N LYS B 156 6.65 2.60 16.22
CA LYS B 156 7.27 1.63 17.11
C LYS B 156 6.76 1.75 18.55
N SER B 157 6.65 2.97 19.08
CA SER B 157 6.14 3.13 20.43
C SER B 157 4.77 2.50 20.58
N GLN B 158 3.89 2.70 19.60
CA GLN B 158 2.54 2.15 19.72
C GLN B 158 2.59 0.63 19.70
N LEU B 159 3.39 0.07 18.79
CA LEU B 159 3.54 -1.38 18.73
C LEU B 159 4.10 -1.93 20.04
N SER B 160 5.05 -1.23 20.66
CA SER B 160 5.61 -1.68 21.92
C SER B 160 4.56 -1.71 22.99
N LYS B 161 3.79 -0.63 23.11
CA LYS B 161 2.65 -0.60 24.01
C LYS B 161 1.74 -1.80 23.78
N VAL B 162 1.45 -2.11 22.52
CA VAL B 162 0.50 -3.20 22.29
C VAL B 162 1.12 -4.54 22.68
N ALA B 163 2.43 -4.66 22.58
CA ALA B 163 3.07 -5.92 22.92
C ALA B 163 3.21 -6.10 24.43
N LYS B 164 3.37 -5.00 25.19
CA LYS B 164 3.47 -5.07 26.64
C LYS B 164 2.12 -5.22 27.32
N GLY B 165 1.02 -5.06 26.58
CA GLY B 165 -0.31 -5.13 27.14
C GLY B 165 -0.94 -3.79 27.50
N GLN B 166 -0.21 -2.68 27.33
CA GLN B 166 -0.73 -1.38 27.67
C GLN B 166 -1.79 -0.93 26.69
N ASP B 167 -2.76 -0.18 27.20
CA ASP B 167 -3.75 0.44 26.34
C ASP B 167 -3.12 1.60 25.59
N LEU B 168 -3.76 1.96 24.50
CA LEU B 168 -3.28 3.01 23.68
C LEU B 168 -3.82 4.29 24.21
N ASN B 169 -2.93 5.22 24.49
CA ASN B 169 -3.33 6.52 24.93
C ASN B 169 -4.01 7.22 23.82
N THR B 170 -4.56 8.38 24.11
CA THR B 170 -5.41 9.08 23.19
C THR B 170 -4.67 9.69 22.04
N VAL B 171 -3.48 10.19 22.27
CA VAL B 171 -2.66 10.73 21.18
C VAL B 171 -2.31 9.62 20.19
N ASP B 172 -1.91 8.46 20.74
CA ASP B 172 -1.73 7.22 20.01
C ASP B 172 -2.91 6.98 19.09
N LYS B 173 -4.08 6.77 19.68
CA LYS B 173 -5.28 6.50 18.88
C LYS B 173 -5.47 7.49 17.74
N THR B 174 -5.37 8.82 17.98
CA THR B 174 -5.64 9.72 16.86
C THR B 174 -4.56 9.62 15.79
N TYR B 175 -3.29 9.39 16.18
CA TYR B 175 -2.25 9.20 15.19
C TYR B 175 -2.51 7.93 14.36
N ILE B 176 -2.75 6.80 15.04
CA ILE B 176 -3.11 5.55 14.36
C ILE B 176 -4.23 5.80 13.36
N GLN B 177 -5.29 6.50 13.78
CA GLN B 177 -6.45 6.71 12.91
C GLN B 177 -6.07 7.55 11.68
N PHE B 178 -5.19 8.53 11.84
CA PHE B 178 -4.86 9.33 10.67
C PHE B 178 -4.03 8.53 9.68
N MET B 179 -3.15 7.67 10.18
CA MET B 179 -2.37 6.89 9.23
C MET B 179 -3.19 5.77 8.64
N ALA B 180 -4.19 5.25 9.36
CA ALA B 180 -5.14 4.35 8.75
C ALA B 180 -5.87 5.02 7.58
N GLU B 181 -6.38 6.24 7.78
CA GLU B 181 -7.02 6.95 6.67
C GLU B 181 -6.06 7.14 5.50
N LEU B 182 -4.83 7.56 5.80
CA LEU B 182 -3.89 7.83 4.72
C LEU B 182 -3.53 6.55 3.98
N ASN B 183 -3.33 5.47 4.71
CA ASN B 183 -2.91 4.22 4.10
C ASN B 183 -4.02 3.62 3.23
N ARG B 184 -5.23 3.63 3.70
CA ARG B 184 -6.30 3.12 2.90
C ARG B 184 -6.46 3.93 1.65
N ARG B 185 -6.24 5.22 1.76
CA ARG B 185 -6.42 6.14 0.66
C ARG B 185 -5.31 6.09 -0.36
N GLU B 186 -4.22 5.46 0.01
CA GLU B 186 -3.08 5.27 -0.83
C GLU B 186 -3.35 3.98 -1.54
N ASP B 187 -3.54 2.95 -0.76
CA ASP B 187 -3.90 1.66 -1.32
C ASP B 187 -4.84 1.85 -2.51
N SER B 188 -5.92 2.61 -2.30
CA SER B 188 -6.89 2.81 -3.36
C SER B 188 -6.33 3.62 -4.53
N LEU B 189 -5.47 4.62 -4.29
CA LEU B 189 -4.90 5.35 -5.43
C LEU B 189 -3.96 4.49 -6.26
N PHE B 190 -3.12 3.68 -5.61
CA PHE B 190 -2.06 2.98 -6.33
C PHE B 190 -2.42 1.58 -6.83
N SER B 191 -3.31 0.84 -6.15
CA SER B 191 -3.71 -0.48 -6.66
C SER B 191 -3.98 -0.54 -8.15
N PRO B 192 -4.67 0.43 -8.79
CA PRO B 192 -4.94 0.30 -10.25
C PRO B 192 -3.73 0.02 -11.11
N LEU B 193 -2.60 0.69 -10.85
CA LEU B 193 -1.32 0.50 -11.54
C LEU B 193 -0.45 -0.50 -10.81
N ALA B 194 -0.21 -0.29 -9.52
CA ALA B 194 0.74 -1.11 -8.77
C ALA B 194 0.25 -2.53 -8.53
N ALA B 195 -1.04 -2.81 -8.72
CA ALA B 195 -1.56 -4.14 -8.46
C ALA B 195 -2.41 -4.64 -9.63
N SER B 196 -2.02 -4.31 -10.87
CA SER B 196 -2.94 -4.53 -11.97
C SER B 196 -2.99 -6.00 -12.36
N ASN B 197 -4.06 -6.36 -13.04
CA ASN B 197 -4.26 -7.76 -13.36
C ASN B 197 -3.22 -8.22 -14.37
N ASN B 198 -2.82 -9.49 -14.25
CA ASN B 198 -1.91 -10.12 -15.18
C ASN B 198 -2.68 -11.10 -16.04
N ALA B 199 -1.95 -11.90 -16.81
CA ALA B 199 -2.56 -12.80 -17.78
C ALA B 199 -2.78 -14.21 -17.23
N ASN B 200 -2.63 -14.41 -15.91
CA ASN B 200 -2.83 -15.75 -15.38
C ASN B 200 -4.17 -16.33 -15.80
N TYR B 201 -5.23 -15.52 -15.78
CA TYR B 201 -6.56 -16.06 -16.12
C TYR B 201 -6.63 -16.40 -17.60
N ASP B 202 -6.34 -15.43 -18.45
CA ASP B 202 -6.45 -15.62 -19.90
C ASP B 202 -5.50 -16.70 -20.39
N LYS B 203 -4.32 -16.80 -19.79
CA LYS B 203 -3.33 -17.71 -20.35
C LYS B 203 -3.28 -19.06 -19.66
N LYS B 204 -3.64 -19.16 -18.37
CA LYS B 204 -3.44 -20.35 -17.56
C LYS B 204 -4.70 -20.90 -16.89
N VAL B 205 -5.88 -20.28 -17.08
CA VAL B 205 -7.14 -20.84 -16.61
C VAL B 205 -8.08 -21.12 -17.78
N LEU B 206 -8.37 -20.12 -18.58
CA LEU B 206 -9.33 -20.29 -19.68
C LEU B 206 -8.91 -21.37 -20.65
N PRO B 207 -7.66 -21.43 -21.12
CA PRO B 207 -7.30 -22.45 -22.12
C PRO B 207 -7.46 -23.89 -21.65
N TYR B 208 -7.69 -24.16 -20.37
CA TYR B 208 -8.00 -25.52 -20.02
C TYR B 208 -9.47 -25.88 -20.23
N LEU B 209 -10.36 -24.89 -20.32
CA LEU B 209 -11.78 -25.19 -20.37
C LEU B 209 -12.15 -26.11 -21.53
N LYS B 210 -11.32 -26.15 -22.57
CA LYS B 210 -11.63 -26.96 -23.75
C LYS B 210 -11.46 -28.45 -23.47
N GLU B 211 -10.62 -28.78 -22.51
CA GLU B 211 -10.38 -30.15 -22.15
C GLU B 211 -11.34 -30.69 -21.16
N LEU B 212 -12.13 -29.90 -20.49
CA LEU B 212 -12.94 -30.67 -19.55
C LEU B 212 -14.28 -31.05 -20.15
N PRO B 213 -14.81 -32.20 -19.74
CA PRO B 213 -16.17 -32.57 -20.11
C PRO B 213 -17.18 -31.48 -19.74
N ASP B 214 -18.27 -31.44 -20.53
CA ASP B 214 -19.36 -30.49 -20.32
C ASP B 214 -20.39 -31.01 -19.32
N GLN B 215 -20.52 -32.34 -19.18
CA GLN B 215 -21.25 -32.92 -18.07
C GLN B 215 -20.25 -33.29 -16.99
N PHE B 216 -20.56 -32.95 -15.75
CA PHE B 216 -19.61 -33.08 -14.66
C PHE B 216 -19.55 -34.51 -14.14
N SER B 217 -18.35 -35.07 -14.10
CA SER B 217 -18.15 -36.45 -13.68
C SER B 217 -16.78 -36.58 -13.03
N TYR B 218 -16.75 -36.80 -11.70
CA TYR B 218 -15.48 -36.95 -10.98
C TYR B 218 -14.58 -37.98 -11.62
N ASP B 219 -15.16 -38.97 -12.28
CA ASP B 219 -14.35 -40.02 -12.86
C ASP B 219 -13.70 -39.56 -14.15
N ALA B 220 -14.43 -38.81 -14.97
CA ALA B 220 -13.80 -38.21 -16.15
C ALA B 220 -12.70 -37.25 -15.71
N LEU B 221 -12.89 -36.59 -14.57
CA LEU B 221 -11.88 -35.70 -14.02
C LEU B 221 -10.61 -36.47 -13.64
N ASP B 222 -10.75 -37.59 -12.94
CA ASP B 222 -9.58 -38.40 -12.61
C ASP B 222 -8.88 -38.91 -13.87
N GLN B 223 -9.66 -39.28 -14.89
CA GLN B 223 -9.02 -39.81 -16.09
C GLN B 223 -8.25 -38.72 -16.79
N LEU B 224 -8.83 -37.52 -16.85
CA LEU B 224 -8.11 -36.36 -17.35
C LEU B 224 -6.83 -36.11 -16.54
N ALA B 225 -6.95 -36.18 -15.22
CA ALA B 225 -5.83 -35.93 -14.34
C ALA B 225 -4.64 -36.82 -14.72
N VAL B 226 -4.88 -38.13 -14.76
CA VAL B 226 -3.75 -39.03 -14.98
C VAL B 226 -3.25 -38.90 -16.41
N ARG B 227 -4.14 -38.61 -17.37
CA ARG B 227 -3.68 -38.41 -18.74
C ARG B 227 -2.73 -37.22 -18.80
N ASP B 228 -3.16 -36.10 -18.23
CA ASP B 228 -2.35 -34.88 -18.31
C ASP B 228 -1.09 -35.00 -17.47
N ALA B 229 -1.17 -35.67 -16.32
CA ALA B 229 0.01 -35.84 -15.46
C ALA B 229 1.03 -36.72 -16.13
N GLU B 230 0.59 -37.85 -16.69
CA GLU B 230 1.49 -38.71 -17.45
C GLU B 230 2.17 -37.92 -18.54
N ALA B 231 1.39 -37.13 -19.29
CA ALA B 231 1.99 -36.36 -20.39
C ALA B 231 3.09 -35.41 -19.92
N HIS B 232 3.03 -34.98 -18.64
CA HIS B 232 3.88 -33.92 -18.11
C HIS B 232 4.82 -34.38 -17.00
N THR B 233 4.98 -35.70 -16.82
CA THR B 233 5.95 -36.21 -15.87
C THR B 233 6.93 -37.16 -16.56
N LYS B 234 7.14 -36.99 -17.86
CA LYS B 234 8.03 -37.88 -18.59
C LYS B 234 9.50 -37.65 -18.27
N SER B 235 9.86 -36.56 -17.59
CA SER B 235 11.27 -36.19 -17.51
C SER B 235 12.00 -36.83 -16.34
N ASN B 236 11.33 -37.65 -15.54
CA ASN B 236 11.93 -38.15 -14.31
C ASN B 236 11.01 -39.23 -13.72
N ASP B 237 11.45 -39.83 -12.62
CA ASP B 237 10.81 -40.99 -12.00
C ASP B 237 9.97 -40.62 -10.79
N PHE B 238 9.96 -39.35 -10.37
CA PHE B 238 9.28 -38.94 -9.15
C PHE B 238 7.83 -38.58 -9.34
N GLY B 239 7.35 -38.46 -10.57
CA GLY B 239 6.01 -37.97 -10.79
C GLY B 239 5.95 -36.48 -10.53
N ILE B 240 7.00 -35.77 -10.93
CA ILE B 240 7.17 -34.34 -10.72
C ILE B 240 7.04 -33.64 -12.06
N ASP B 241 6.25 -32.55 -12.10
CA ASP B 241 6.05 -31.77 -13.33
C ASP B 241 7.38 -31.42 -14.01
N ASP B 242 7.42 -31.66 -15.31
CA ASP B 242 8.69 -31.60 -16.04
C ASP B 242 9.38 -30.24 -15.87
N ARG B 243 8.61 -29.15 -15.99
CA ARG B 243 9.23 -27.83 -15.92
C ARG B 243 9.75 -27.55 -14.52
N PHE B 244 9.00 -27.97 -13.49
CA PHE B 244 9.50 -27.86 -12.13
C PHE B 244 10.84 -28.57 -12.00
N TYR B 245 10.85 -29.87 -12.30
CA TYR B 245 12.07 -30.68 -12.20
C TYR B 245 13.26 -30.02 -12.88
N LYS B 246 13.09 -29.58 -14.14
CA LYS B 246 14.20 -28.93 -14.82
C LYS B 246 14.63 -27.67 -14.07
N GLU B 247 13.68 -26.75 -13.84
CA GLU B 247 14.03 -25.42 -13.38
C GLU B 247 14.54 -25.41 -11.94
N ARG B 248 14.06 -26.34 -11.12
CA ARG B 248 14.27 -26.31 -9.67
C ARG B 248 15.08 -27.47 -9.12
N LEU B 249 15.23 -28.60 -9.89
CA LEU B 249 15.71 -29.86 -9.31
C LEU B 249 16.87 -30.52 -10.03
N SER B 250 16.92 -30.45 -11.37
CA SER B 250 17.89 -31.23 -12.15
C SER B 250 19.34 -30.92 -11.76
N LYS B 251 19.76 -29.66 -11.90
CA LYS B 251 21.18 -29.31 -11.73
C LYS B 251 21.74 -29.68 -10.36
N LYS B 252 20.87 -29.84 -9.36
CA LYS B 252 21.29 -30.02 -7.97
C LYS B 252 20.79 -31.34 -7.39
N ILE B 253 20.27 -32.22 -8.24
CA ILE B 253 19.51 -33.39 -7.78
C ILE B 253 20.34 -34.24 -6.82
N GLY B 254 21.63 -34.41 -7.10
CA GLY B 254 22.46 -35.25 -6.25
C GLY B 254 22.54 -34.70 -4.84
N LYS B 255 22.98 -33.44 -4.72
CA LYS B 255 23.06 -32.70 -3.48
C LYS B 255 21.81 -32.87 -2.58
N LEU B 256 20.64 -33.13 -3.17
CA LEU B 256 19.38 -33.16 -2.43
C LEU B 256 18.97 -34.57 -1.97
N LYS B 257 19.82 -35.58 -2.07
CA LYS B 257 19.49 -36.87 -1.50
C LYS B 257 19.66 -36.80 0.01
N GLY B 258 18.61 -37.21 0.72
CA GLY B 258 18.58 -37.18 2.16
C GLY B 258 18.89 -35.82 2.73
N PHE B 259 18.34 -34.76 2.16
CA PHE B 259 18.62 -33.44 2.67
C PHE B 259 17.65 -32.94 3.70
N GLN B 260 16.57 -33.68 3.88
CA GLN B 260 15.59 -33.32 4.90
C GLN B 260 15.44 -34.42 5.95
N LYS B 261 16.41 -35.36 6.01
CA LYS B 261 16.35 -36.39 7.03
C LYS B 261 16.28 -35.77 8.40
N ASN B 262 17.00 -34.66 8.61
CA ASN B 262 17.14 -33.99 9.90
C ASN B 262 16.07 -32.92 10.15
N LEU B 263 15.15 -32.71 9.22
CA LEU B 263 14.20 -31.61 9.34
C LEU B 263 12.97 -32.02 10.13
N SER B 264 12.49 -31.13 10.98
CA SER B 264 11.19 -31.36 11.63
C SER B 264 10.32 -30.11 11.49
N TYR B 265 9.02 -30.37 11.36
CA TYR B 265 8.00 -29.33 11.33
C TYR B 265 7.21 -29.26 12.63
N GLU B 266 7.74 -29.80 13.74
CA GLU B 266 6.93 -29.92 14.96
C GLU B 266 7.09 -28.75 15.91
N VAL B 267 8.16 -27.97 15.81
CA VAL B 267 8.34 -26.81 16.70
C VAL B 267 8.60 -25.57 15.84
N SER B 268 7.75 -24.56 16.04
CA SER B 268 7.71 -23.37 15.21
C SER B 268 6.89 -22.30 15.93
N GLN B 269 7.30 -21.03 15.80
CA GLN B 269 6.42 -19.93 16.15
C GLN B 269 5.16 -19.92 15.29
N GLU B 270 5.12 -20.64 14.18
CA GLU B 270 3.96 -20.59 13.31
C GLU B 270 2.72 -21.15 14.02
N TYR B 271 2.91 -22.02 15.00
CA TYR B 271 1.78 -22.43 15.83
C TYR B 271 1.18 -21.24 16.54
N GLY B 272 2.02 -20.32 17.00
CA GLY B 272 1.52 -19.03 17.44
C GLY B 272 0.85 -18.26 16.31
N ASP B 273 1.54 -18.09 15.18
CA ASP B 273 0.93 -17.37 14.07
C ASP B 273 -0.43 -17.95 13.72
N LEU B 274 -0.49 -19.27 13.59
CA LEU B 274 -1.76 -19.94 13.33
C LEU B 274 -2.84 -19.43 14.27
N GLN B 275 -2.56 -19.38 15.58
CA GLN B 275 -3.55 -18.94 16.55
C GLN B 275 -4.14 -17.57 16.15
N LEU B 276 -3.28 -16.61 15.77
CA LEU B 276 -3.76 -15.30 15.34
C LEU B 276 -4.83 -15.45 14.27
N VAL B 277 -4.55 -16.26 13.25
CA VAL B 277 -5.55 -16.46 12.19
C VAL B 277 -6.80 -17.09 12.77
N LEU B 278 -6.64 -18.19 13.53
CA LEU B 278 -7.80 -18.81 14.15
C LEU B 278 -8.55 -17.78 14.98
N ASN B 279 -7.80 -16.97 15.73
CA ASN B 279 -8.42 -15.94 16.54
C ASN B 279 -9.27 -15.03 15.66
N GLN B 280 -8.67 -14.51 14.60
CA GLN B 280 -9.41 -13.63 13.73
C GLN B 280 -10.63 -14.35 13.17
N PHE B 281 -10.48 -15.62 12.79
CA PHE B 281 -11.63 -16.33 12.22
C PHE B 281 -12.80 -16.34 13.21
N ALA B 282 -12.49 -16.50 14.51
CA ALA B 282 -13.54 -16.56 15.51
C ALA B 282 -14.07 -15.17 15.83
N LYS B 283 -13.23 -14.13 15.78
CA LYS B 283 -13.79 -12.79 16.03
C LYS B 283 -14.75 -12.40 14.91
N SER B 284 -14.53 -12.88 13.69
CA SER B 284 -15.40 -12.53 12.58
C SER B 284 -16.50 -13.54 12.37
N ASN B 285 -16.52 -14.62 13.16
CA ASN B 285 -17.46 -15.74 13.00
C ASN B 285 -17.41 -16.27 11.56
N THR B 286 -16.22 -16.70 11.18
CA THR B 286 -16.02 -17.24 9.85
C THR B 286 -16.13 -18.76 9.93
N ASN B 287 -16.80 -19.36 8.95
CA ASN B 287 -16.76 -20.80 8.79
C ASN B 287 -15.66 -21.14 7.79
N VAL B 288 -14.70 -21.97 8.21
CA VAL B 288 -13.49 -22.21 7.43
C VAL B 288 -13.27 -23.71 7.27
N ILE B 289 -12.94 -24.14 6.05
CA ILE B 289 -12.41 -25.47 5.82
C ILE B 289 -10.89 -25.37 5.75
N PHE B 290 -10.19 -26.30 6.39
CA PHE B 290 -8.75 -26.24 6.49
C PHE B 290 -8.14 -27.38 5.71
N VAL B 291 -7.21 -27.07 4.83
CA VAL B 291 -6.68 -28.04 3.88
C VAL B 291 -5.27 -28.41 4.31
N ILE B 292 -5.02 -29.70 4.46
CA ILE B 292 -3.68 -30.13 4.85
C ILE B 292 -3.15 -31.05 3.77
N PRO B 293 -2.11 -30.65 3.04
CA PRO B 293 -1.61 -31.49 1.96
C PRO B 293 -0.50 -32.42 2.45
N PRO B 294 -0.18 -33.45 1.69
CA PRO B 294 1.02 -34.23 2.01
C PRO B 294 2.18 -33.81 1.15
N VAL B 295 3.25 -34.57 1.21
CA VAL B 295 4.43 -34.41 0.38
C VAL B 295 4.56 -35.67 -0.45
N ASN B 296 5.03 -35.50 -1.68
CA ASN B 296 5.22 -36.61 -2.60
C ASN B 296 5.98 -37.77 -1.95
N SER B 297 5.35 -38.94 -1.91
CA SER B 297 5.95 -40.06 -1.20
C SER B 297 7.34 -40.38 -1.74
N LYS B 298 7.44 -40.56 -3.06
CA LYS B 298 8.74 -40.83 -3.67
C LYS B 298 9.74 -39.73 -3.32
N TRP B 299 9.30 -38.48 -3.46
CA TRP B 299 10.18 -37.38 -3.10
C TRP B 299 10.62 -37.51 -1.64
N MET B 300 9.69 -37.80 -0.73
CA MET B 300 10.01 -37.81 0.68
C MET B 300 11.05 -38.87 0.97
N ALA B 301 10.83 -40.08 0.43
CA ALA B 301 11.80 -41.16 0.59
C ALA B 301 13.16 -40.78 0.01
N TYR B 302 13.17 -40.01 -1.07
CA TYR B 302 14.44 -39.57 -1.61
C TYR B 302 15.15 -38.58 -0.68
N THR B 303 14.43 -37.53 -0.25
CA THR B 303 14.99 -36.50 0.63
C THR B 303 15.13 -36.96 2.08
N GLY B 304 14.41 -37.99 2.49
CA GLY B 304 14.46 -38.42 3.86
C GLY B 304 13.60 -37.63 4.84
N LEU B 305 12.79 -36.69 4.37
CA LEU B 305 11.76 -36.10 5.23
C LEU B 305 10.95 -37.22 5.89
N ASN B 306 10.86 -37.17 7.21
CA ASN B 306 10.35 -38.31 7.97
C ASN B 306 8.83 -38.29 8.04
N GLN B 307 8.19 -39.39 7.59
CA GLN B 307 6.73 -39.42 7.56
C GLN B 307 6.12 -39.50 8.95
N ASP B 308 6.81 -40.12 9.91
CA ASP B 308 6.26 -40.10 11.26
C ASP B 308 6.35 -38.70 11.85
N MET B 309 7.44 -37.99 11.58
CA MET B 309 7.51 -36.58 11.95
C MET B 309 6.37 -35.81 11.31
N TYR B 310 6.08 -36.11 10.05
CA TYR B 310 5.02 -35.41 9.35
C TYR B 310 3.66 -35.68 9.98
N ASP B 311 3.33 -36.96 10.24
CA ASP B 311 2.05 -37.29 10.82
C ASP B 311 1.91 -36.70 12.21
N ALA B 312 3.02 -36.65 12.95
CA ALA B 312 3.01 -35.99 14.26
C ALA B 312 2.67 -34.52 14.14
N THR B 313 3.32 -33.78 13.21
CA THR B 313 2.99 -32.35 13.14
C THR B 313 1.57 -32.13 12.61
N VAL B 314 1.07 -33.00 11.74
CA VAL B 314 -0.32 -32.85 11.35
C VAL B 314 -1.21 -33.11 12.55
N SER B 315 -0.81 -34.02 13.44
CA SER B 315 -1.59 -34.24 14.65
C SER B 315 -1.62 -33.01 15.54
N LYS B 316 -0.45 -32.39 15.74
CA LYS B 316 -0.37 -31.16 16.51
C LYS B 316 -1.28 -30.08 15.94
N ILE B 317 -1.19 -29.85 14.62
CA ILE B 317 -2.04 -28.84 13.96
C ILE B 317 -3.51 -29.20 14.12
N ARG B 318 -3.89 -30.41 13.73
CA ARG B 318 -5.27 -30.84 13.86
C ARG B 318 -5.78 -30.70 15.28
N TYR B 319 -4.92 -30.86 16.28
CA TYR B 319 -5.42 -30.68 17.64
C TYR B 319 -5.68 -29.20 17.92
N GLN B 320 -4.72 -28.34 17.58
CA GLN B 320 -4.97 -26.89 17.71
C GLN B 320 -6.22 -26.47 16.96
N LEU B 321 -6.58 -27.18 15.91
CA LEU B 321 -7.82 -26.88 15.21
C LEU B 321 -9.05 -27.46 15.93
N GLU B 322 -9.08 -28.78 16.12
CA GLU B 322 -10.33 -29.39 16.56
C GLU B 322 -10.66 -28.97 17.99
N SER B 323 -9.67 -28.91 18.88
CA SER B 323 -9.92 -28.65 20.29
C SER B 323 -10.52 -27.26 20.54
N GLN B 324 -10.55 -26.40 19.52
CA GLN B 324 -11.11 -25.06 19.62
C GLN B 324 -12.38 -24.88 18.79
N GLY B 325 -12.87 -25.93 18.12
CA GLY B 325 -14.09 -25.84 17.36
C GLY B 325 -13.90 -25.89 15.86
N PHE B 326 -12.69 -25.70 15.37
CA PHE B 326 -12.43 -25.77 13.94
C PHE B 326 -12.32 -27.24 13.58
N THR B 327 -13.43 -27.79 13.07
CA THR B 327 -13.53 -29.21 12.78
C THR B 327 -13.77 -29.48 11.30
N ASN B 328 -13.67 -28.44 10.47
CA ASN B 328 -13.83 -28.57 9.02
C ASN B 328 -12.44 -28.71 8.40
N ILE B 329 -11.99 -29.96 8.29
CA ILE B 329 -10.62 -30.27 7.89
C ILE B 329 -10.63 -31.25 6.73
N ALA B 330 -10.18 -30.79 5.58
CA ALA B 330 -9.80 -31.65 4.46
C ALA B 330 -8.33 -32.06 4.61
N ASP B 331 -8.11 -33.13 5.38
CA ASP B 331 -6.77 -33.64 5.68
C ASP B 331 -6.38 -34.70 4.66
N PHE B 332 -5.53 -34.33 3.70
CA PHE B 332 -4.99 -35.24 2.71
C PHE B 332 -3.54 -35.62 3.01
N SER B 333 -3.13 -35.54 4.29
CA SER B 333 -1.70 -35.67 4.59
C SER B 333 -1.19 -37.09 4.42
N LYS B 334 -2.06 -38.10 4.34
CA LYS B 334 -1.60 -39.46 4.12
C LYS B 334 -1.81 -39.93 2.70
N ASP B 335 -2.12 -39.02 1.77
CA ASP B 335 -2.36 -39.39 0.38
C ASP B 335 -1.16 -39.06 -0.50
N GLY B 336 -0.01 -38.76 0.11
CA GLY B 336 1.19 -38.45 -0.64
C GLY B 336 1.57 -39.50 -1.69
N ASP B 337 1.16 -40.76 -1.48
CA ASP B 337 1.56 -41.89 -2.34
C ASP B 337 0.61 -42.21 -3.49
N GLN B 338 -0.64 -41.73 -3.47
CA GLN B 338 -1.53 -42.00 -4.60
C GLN B 338 -0.95 -41.36 -5.86
N PRO B 339 -0.88 -42.10 -6.99
CA PRO B 339 -0.03 -41.62 -8.09
C PRO B 339 -0.60 -40.35 -8.70
N TYR B 340 0.29 -39.39 -8.97
CA TYR B 340 -0.07 -38.11 -9.58
C TYR B 340 -1.03 -37.29 -8.71
N PHE B 341 -1.09 -37.59 -7.41
CA PHE B 341 -1.82 -36.72 -6.50
C PHE B 341 -1.14 -35.36 -6.39
N MET B 342 0.16 -35.30 -6.65
CA MET B 342 0.89 -34.05 -6.54
C MET B 342 1.43 -33.64 -7.89
N GLN B 343 1.44 -32.34 -8.11
CA GLN B 343 2.09 -31.79 -9.29
C GLN B 343 3.58 -31.56 -9.07
N ASP B 344 4.00 -31.28 -7.84
CA ASP B 344 5.39 -31.00 -7.51
C ASP B 344 5.91 -31.91 -6.41
N THR B 345 6.98 -31.43 -5.75
CA THR B 345 7.44 -32.02 -4.50
C THR B 345 6.41 -31.85 -3.40
N ILE B 346 6.03 -30.60 -3.11
CA ILE B 346 5.16 -30.28 -1.97
C ILE B 346 3.78 -29.79 -2.37
N HIS B 347 3.49 -29.60 -3.64
CA HIS B 347 2.28 -28.93 -4.06
C HIS B 347 1.29 -29.90 -4.68
N MET B 348 0.03 -29.83 -4.24
CA MET B 348 -0.99 -30.63 -4.89
C MET B 348 -1.18 -30.18 -6.34
N GLY B 349 -1.84 -31.05 -7.10
CA GLY B 349 -1.96 -30.89 -8.54
C GLY B 349 -2.49 -32.17 -9.18
N TRP B 350 -3.09 -31.99 -10.36
CA TRP B 350 -3.69 -33.11 -11.06
C TRP B 350 -4.49 -33.82 -9.96
N LYS B 351 -4.41 -35.15 -9.91
CA LYS B 351 -5.40 -35.92 -9.17
C LYS B 351 -5.66 -35.31 -7.80
N GLY B 352 -4.65 -34.64 -7.24
CA GLY B 352 -4.84 -33.99 -5.97
C GLY B 352 -5.95 -32.96 -6.04
N TRP B 353 -5.89 -32.09 -7.05
CA TRP B 353 -6.94 -31.12 -7.25
C TRP B 353 -8.32 -31.77 -7.18
N VAL B 354 -8.50 -32.93 -7.86
CA VAL B 354 -9.81 -33.58 -7.86
C VAL B 354 -10.26 -33.90 -6.43
N ALA B 355 -9.38 -34.52 -5.64
CA ALA B 355 -9.67 -34.77 -4.23
C ALA B 355 -9.96 -33.48 -3.48
N PHE B 356 -9.11 -32.46 -3.69
CA PHE B 356 -9.42 -31.13 -3.19
C PHE B 356 -10.89 -30.80 -3.48
N ASP B 357 -11.28 -30.90 -4.74
CA ASP B 357 -12.64 -30.56 -5.13
C ASP B 357 -13.65 -31.46 -4.43
N ARG B 358 -13.37 -32.77 -4.39
CA ARG B 358 -14.28 -33.70 -3.74
C ARG B 358 -14.66 -33.22 -2.33
N VAL B 359 -13.73 -32.60 -1.61
CA VAL B 359 -14.06 -32.22 -0.24
C VAL B 359 -14.55 -30.79 -0.17
N VAL B 360 -14.05 -29.92 -1.06
CA VAL B 360 -14.02 -28.49 -0.76
C VAL B 360 -15.16 -27.76 -1.49
N ASN B 361 -15.36 -28.11 -2.75
CA ASN B 361 -16.46 -27.54 -3.53
C ASN B 361 -17.75 -27.57 -2.73
N SER B 362 -18.22 -28.76 -2.32
CA SER B 362 -19.40 -28.84 -1.43
C SER B 362 -19.36 -27.76 -0.35
N PHE B 363 -18.30 -27.75 0.46
CA PHE B 363 -18.25 -26.83 1.61
C PHE B 363 -18.38 -25.36 1.18
N VAL B 364 -17.71 -25.00 0.09
CA VAL B 364 -17.80 -23.61 -0.38
C VAL B 364 -19.12 -23.38 -1.14
N SER B 365 -19.70 -24.41 -1.74
CA SER B 365 -20.93 -24.22 -2.50
C SER B 365 -22.15 -24.05 -1.59
N ASN B 366 -22.04 -24.37 -0.30
CA ASN B 366 -23.19 -24.40 0.62
C ASN B 366 -22.82 -23.77 1.96
N PRO B 367 -22.80 -22.44 2.03
CA PRO B 367 -22.33 -21.79 3.26
C PRO B 367 -23.27 -22.08 4.41
N THR B 368 -22.72 -22.14 5.62
CA THR B 368 -23.51 -22.39 6.83
C THR B 368 -22.90 -21.65 8.00
N PRO B 369 -23.69 -21.23 8.99
CA PRO B 369 -23.13 -20.54 10.15
C PRO B 369 -21.94 -21.29 10.74
N ALA B 370 -21.07 -20.53 11.36
CA ALA B 370 -19.88 -21.06 11.98
C ALA B 370 -20.21 -21.70 13.33
N PRO B 371 -19.63 -22.89 13.62
CA PRO B 371 -19.86 -23.55 14.91
C PRO B 371 -19.26 -22.80 16.08
N SER B 372 -19.44 -23.36 17.26
CA SER B 372 -19.07 -22.65 18.48
C SER B 372 -17.57 -22.83 18.74
N TYR B 373 -16.82 -21.73 18.67
CA TYR B 373 -15.38 -21.78 18.89
C TYR B 373 -15.08 -21.47 20.34
N LYS B 374 -14.15 -22.23 20.92
CA LYS B 374 -13.61 -21.97 22.25
C LYS B 374 -12.09 -21.78 22.11
N LEU B 375 -11.65 -20.53 21.96
CA LEU B 375 -10.23 -20.22 21.83
C LEU B 375 -9.48 -20.51 23.11
N ASN B 376 -8.15 -20.71 22.97
CA ASN B 376 -7.27 -21.18 24.04
C ASN B 376 -5.93 -20.44 23.90
N ASP B 377 -5.70 -19.44 24.77
CA ASP B 377 -4.51 -18.58 24.65
C ASP B 377 -3.19 -19.30 24.88
N ARG B 378 -3.24 -20.50 25.42
CA ARG B 378 -2.01 -21.19 25.66
C ARG B 378 -1.24 -21.42 24.39
N PHE B 379 -1.93 -21.46 23.27
CA PHE B 379 -1.32 -21.68 21.97
C PHE B 379 -0.40 -20.54 21.56
N TYR B 380 -0.45 -19.39 22.22
CA TYR B 380 0.55 -18.36 21.95
C TYR B 380 1.86 -18.60 22.70
N SER B 381 1.81 -19.46 23.72
CA SER B 381 2.98 -19.77 24.53
C SER B 381 4.13 -20.36 23.72
N LYS B 382 5.28 -20.44 24.37
CA LYS B 382 6.48 -20.97 23.77
C LYS B 382 6.36 -22.45 24.00
N ASP B 383 5.73 -22.81 25.09
CA ASP B 383 5.44 -24.21 25.41
C ASP B 383 4.74 -24.87 24.25
N TRP B 384 3.66 -24.25 23.76
CA TRP B 384 3.02 -24.82 22.60
C TRP B 384 3.94 -24.78 21.39
N SER B 385 4.72 -23.70 21.23
CA SER B 385 5.63 -23.58 20.08
C SER B 385 6.48 -24.82 19.91
N GLY B 386 7.03 -25.32 21.00
CA GLY B 386 7.96 -26.41 20.89
C GLY B 386 7.48 -27.69 21.52
N TYR B 387 6.19 -27.79 21.81
CA TYR B 387 5.67 -29.01 22.44
C TYR B 387 5.62 -30.16 21.43
N THR B 388 6.49 -31.15 21.61
CA THR B 388 6.49 -32.35 20.79
C THR B 388 5.81 -33.56 21.47
N GLY B 389 5.16 -33.35 22.61
CA GLY B 389 4.45 -34.44 23.25
C GLY B 389 3.18 -34.79 22.50
N THR B 390 2.41 -35.69 23.07
CA THR B 390 1.16 -36.08 22.44
C THR B 390 0.14 -34.95 22.66
N PRO B 391 -0.56 -34.52 21.61
CA PRO B 391 -1.34 -33.27 21.72
C PRO B 391 -2.30 -33.20 22.90
N SER B 392 -3.13 -34.23 23.08
CA SER B 392 -4.10 -34.29 24.18
C SER B 392 -3.48 -33.80 25.48
N GLN B 393 -2.38 -34.45 25.87
CA GLN B 393 -1.83 -34.23 27.20
C GLN B 393 -0.93 -32.99 27.26
N PHE B 394 -1.22 -31.97 26.44
CA PHE B 394 -0.46 -30.73 26.53
C PHE B 394 -0.81 -29.96 27.80
N LYS B 395 -2.08 -30.01 28.21
CA LYS B 395 -2.50 -29.31 29.42
C LYS B 395 -1.69 -29.74 30.65
N ASP B 396 -1.31 -31.03 30.72
CA ASP B 396 -0.56 -31.58 31.85
C ASP B 396 0.93 -31.39 31.60
N GLU B 397 1.51 -30.35 32.21
CA GLU B 397 2.93 -30.01 32.01
C GLU B 397 3.66 -29.79 33.34
N TYR C 5 14.81 -15.12 -16.03
CA TYR C 5 13.69 -14.19 -16.19
C TYR C 5 13.87 -13.00 -15.20
N SER C 6 13.12 -12.99 -14.09
CA SER C 6 13.49 -12.11 -13.00
C SER C 6 14.85 -12.47 -12.42
N TYR C 7 15.22 -13.77 -12.43
CA TYR C 7 16.57 -14.15 -12.03
C TYR C 7 17.60 -13.51 -12.93
N GLU C 8 17.40 -13.57 -14.25
CA GLU C 8 18.34 -12.94 -15.17
C GLU C 8 18.46 -11.45 -14.88
N ALA C 9 17.32 -10.77 -14.74
CA ALA C 9 17.32 -9.35 -14.43
C ALA C 9 18.11 -9.07 -13.16
N GLU C 10 17.89 -9.88 -12.13
CA GLU C 10 18.54 -9.69 -10.85
C GLU C 10 20.03 -9.90 -10.96
N LYS C 11 20.44 -10.92 -11.73
CA LYS C 11 21.86 -11.19 -11.91
C LYS C 11 22.53 -10.01 -12.57
N ARG C 12 21.82 -9.34 -13.48
CA ARG C 12 22.44 -8.23 -14.18
C ARG C 12 22.44 -6.95 -13.35
N SER C 13 21.46 -6.80 -12.45
CA SER C 13 21.47 -5.71 -11.47
C SER C 13 22.62 -5.86 -10.48
N ALA C 14 22.86 -7.09 -10.02
CA ALA C 14 23.87 -7.34 -9.02
C ALA C 14 25.26 -6.85 -9.40
N VAL C 15 25.47 -6.39 -10.64
CA VAL C 15 26.79 -5.88 -11.01
C VAL C 15 26.77 -4.64 -11.89
N THR C 16 25.63 -3.93 -12.01
CA THR C 16 25.68 -2.73 -12.86
C THR C 16 26.61 -1.68 -12.25
N LEU C 17 26.59 -1.54 -10.92
CA LEU C 17 27.55 -0.72 -10.19
C LEU C 17 27.49 0.75 -10.61
N THR C 18 26.27 1.21 -10.89
CA THR C 18 26.03 2.60 -11.23
C THR C 18 25.55 3.34 -9.99
N ASN C 19 25.71 4.66 -10.02
CA ASN C 19 25.16 5.53 -8.99
C ASN C 19 23.68 5.24 -8.74
N GLU C 20 22.89 5.25 -9.82
CA GLU C 20 21.45 5.15 -9.63
C GLU C 20 21.00 3.74 -9.30
N ASN C 21 21.87 2.76 -9.49
CA ASN C 21 21.56 1.47 -8.91
C ASN C 21 21.73 1.48 -7.39
N PHE C 22 22.80 2.12 -6.92
CA PHE C 22 23.04 2.24 -5.48
C PHE C 22 21.80 2.80 -4.78
N LYS C 23 21.25 3.89 -5.32
CA LYS C 23 20.07 4.54 -4.77
C LYS C 23 18.80 4.08 -5.49
N SER C 24 18.54 2.76 -5.46
CA SER C 24 17.36 2.17 -6.10
C SER C 24 16.77 1.12 -5.15
N ARG C 25 15.82 1.53 -4.30
CA ARG C 25 15.13 0.56 -3.46
C ARG C 25 14.66 -0.65 -4.26
N LYS C 26 14.12 -0.41 -5.45
CA LYS C 26 13.57 -1.45 -6.32
C LYS C 26 14.57 -2.56 -6.60
N ASN C 27 15.63 -2.25 -7.37
CA ASN C 27 16.58 -3.28 -7.81
C ASN C 27 17.09 -4.11 -6.64
N LYS C 28 17.62 -3.43 -5.61
CA LYS C 28 18.39 -4.14 -4.60
C LYS C 28 17.49 -4.89 -3.63
N THR C 29 16.35 -4.29 -3.23
CA THR C 29 15.43 -5.09 -2.43
C THR C 29 14.88 -6.28 -3.22
N THR C 30 14.65 -6.12 -4.54
CA THR C 30 14.10 -7.23 -5.31
C THR C 30 15.08 -8.38 -5.37
N ALA C 31 16.34 -8.09 -5.71
CA ALA C 31 17.35 -9.15 -5.74
C ALA C 31 17.47 -9.81 -4.38
N LEU C 32 17.72 -9.01 -3.34
CA LEU C 32 17.97 -9.55 -2.00
C LEU C 32 16.78 -10.26 -1.36
N SER C 33 15.60 -10.17 -1.92
CA SER C 33 14.45 -10.81 -1.32
C SER C 33 13.94 -12.01 -2.10
N ASP C 34 14.61 -12.39 -3.20
CA ASP C 34 14.22 -13.54 -4.02
C ASP C 34 14.27 -14.81 -3.20
N GLN C 35 13.10 -15.42 -2.95
CA GLN C 35 13.02 -16.64 -2.16
C GLN C 35 13.66 -17.84 -2.85
N ASN C 36 13.98 -17.74 -4.15
CA ASN C 36 14.45 -18.88 -4.90
C ASN C 36 15.94 -18.85 -5.19
N HIS C 37 16.53 -17.67 -5.21
CA HIS C 37 17.96 -17.50 -5.42
C HIS C 37 18.46 -16.53 -4.36
N ARG C 38 19.59 -16.87 -3.75
CA ARG C 38 20.08 -16.13 -2.60
C ARG C 38 21.16 -15.15 -3.03
N PHE C 39 20.85 -13.86 -3.03
CA PHE C 39 21.88 -12.84 -3.18
C PHE C 39 22.30 -12.31 -1.82
N VAL C 40 23.53 -11.84 -1.75
CA VAL C 40 24.13 -11.38 -0.49
C VAL C 40 24.71 -10.00 -0.74
N PRO C 41 24.46 -9.04 0.15
CA PRO C 41 24.98 -7.67 -0.05
C PRO C 41 26.48 -7.58 0.17
N TYR C 42 27.18 -7.05 -0.85
CA TYR C 42 28.61 -6.81 -0.81
C TYR C 42 28.82 -5.28 -0.86
N PHE C 43 29.09 -4.68 0.28
CA PHE C 43 29.23 -3.23 0.40
C PHE C 43 30.68 -2.81 0.19
N GLY C 44 30.92 -1.76 -0.55
CA GLY C 44 32.26 -1.29 -0.76
C GLY C 44 32.21 -0.12 -1.68
N SER C 45 33.34 0.21 -2.28
CA SER C 45 33.38 1.30 -3.20
C SER C 45 33.77 1.25 -4.67
N SER C 46 35.04 1.42 -4.97
CA SER C 46 35.58 1.16 -6.28
C SER C 46 36.25 -0.13 -6.55
N GLU C 47 36.44 -0.94 -5.53
CA GLU C 47 37.13 -2.22 -5.72
C GLU C 47 36.30 -3.20 -6.54
N TRP C 48 34.98 -3.08 -6.51
CA TRP C 48 34.11 -3.95 -7.29
C TRP C 48 34.11 -3.64 -8.78
N LEU C 49 34.68 -2.52 -9.20
CA LEU C 49 34.60 -2.16 -10.62
C LEU C 49 35.67 -2.80 -11.49
N ARG C 50 36.60 -3.57 -10.90
CA ARG C 50 37.77 -4.08 -11.61
C ARG C 50 37.47 -5.52 -12.05
N PHE C 51 36.69 -5.65 -13.13
CA PHE C 51 36.22 -6.98 -13.53
C PHE C 51 37.37 -7.78 -14.16
N ASP C 52 37.48 -9.04 -13.74
CA ASP C 52 38.37 -10.00 -14.38
C ASP C 52 37.88 -11.40 -14.03
N ALA C 53 38.74 -12.39 -14.17
CA ALA C 53 38.23 -13.75 -14.10
C ALA C 53 38.12 -14.25 -12.67
N LEU C 54 38.77 -13.58 -11.71
CA LEU C 54 38.75 -13.99 -10.31
C LEU C 54 37.90 -13.07 -9.46
N HIS C 55 37.29 -12.05 -10.07
CA HIS C 55 36.33 -11.19 -9.40
C HIS C 55 35.20 -12.04 -8.82
N PRO C 56 34.72 -11.72 -7.61
CA PRO C 56 33.71 -12.56 -6.94
C PRO C 56 32.52 -12.96 -7.81
N ALA C 57 32.01 -12.07 -8.66
CA ALA C 57 30.83 -12.39 -9.45
C ALA C 57 31.10 -13.58 -10.38
N VAL C 58 32.25 -13.54 -11.05
CA VAL C 58 32.68 -14.63 -11.93
C VAL C 58 32.77 -15.94 -11.15
N LEU C 59 33.54 -15.95 -10.05
CA LEU C 59 33.71 -17.18 -9.28
C LEU C 59 32.36 -17.76 -8.87
N ALA C 60 31.46 -16.93 -8.33
CA ALA C 60 30.13 -17.40 -7.93
C ALA C 60 29.36 -17.98 -9.11
N GLU C 61 29.46 -17.35 -10.28
CA GLU C 61 28.71 -17.86 -11.43
C GLU C 61 29.24 -19.21 -11.88
N LYS C 62 30.54 -19.26 -12.21
CA LYS C 62 31.19 -20.45 -12.75
C LYS C 62 30.91 -21.68 -11.90
N TYR C 63 31.05 -21.54 -10.59
CA TYR C 63 30.98 -22.69 -9.72
C TYR C 63 29.60 -22.85 -9.05
N ASP C 64 28.60 -22.14 -9.55
CA ASP C 64 27.21 -22.24 -9.09
C ASP C 64 27.14 -22.38 -7.57
N ARG C 65 27.83 -21.47 -6.89
CA ARG C 65 27.79 -21.40 -5.44
C ARG C 65 26.39 -21.08 -4.96
N ASN C 66 26.15 -21.35 -3.67
CA ASN C 66 24.79 -21.25 -3.14
C ASN C 66 24.35 -19.84 -3.01
N TYR C 67 25.05 -18.89 -3.62
CA TYR C 67 24.73 -17.48 -3.46
C TYR C 67 25.21 -16.74 -4.70
N ARG C 68 24.72 -15.51 -4.85
CA ARG C 68 25.40 -14.59 -5.75
C ARG C 68 25.57 -13.27 -5.04
N PRO C 69 26.68 -12.57 -5.25
CA PRO C 69 26.87 -11.26 -4.61
C PRO C 69 26.08 -10.18 -5.34
N TYR C 70 25.38 -9.35 -4.57
CA TYR C 70 24.81 -8.09 -5.03
C TYR C 70 25.75 -6.98 -4.57
N PHE C 71 26.49 -6.39 -5.51
CA PHE C 71 27.50 -5.38 -5.20
C PHE C 71 26.85 -4.02 -5.04
N ILE C 72 27.30 -3.28 -4.04
CA ILE C 72 26.72 -2.00 -3.69
C ILE C 72 27.87 -1.02 -3.46
N GLY C 73 28.12 -0.17 -4.45
CA GLY C 73 29.25 0.74 -4.32
C GLY C 73 29.52 1.48 -5.61
N GLN C 74 30.54 2.32 -5.53
CA GLN C 74 31.12 3.15 -6.58
C GLN C 74 32.19 4.00 -5.91
N ARG C 75 32.97 4.79 -6.64
CA ARG C 75 33.93 5.65 -5.97
C ARG C 75 33.19 6.76 -5.25
N GLY C 76 33.56 7.03 -4.00
CA GLY C 76 32.91 8.04 -3.20
C GLY C 76 31.76 7.56 -2.33
N SER C 77 31.50 6.25 -2.30
CA SER C 77 30.39 5.72 -1.51
C SER C 77 30.92 5.23 -0.16
N ALA C 78 31.26 6.21 0.69
CA ALA C 78 31.80 5.93 2.02
C ALA C 78 30.69 5.48 2.98
N SER C 79 31.03 5.33 4.26
CA SER C 79 30.15 4.67 5.22
C SER C 79 28.85 5.43 5.41
N LEU C 80 28.92 6.77 5.44
CA LEU C 80 27.70 7.56 5.62
C LEU C 80 26.72 7.27 4.51
N ASN C 81 27.17 7.39 3.26
CA ASN C 81 26.28 7.06 2.15
C ASN C 81 25.81 5.62 2.23
N GLN C 82 26.68 4.72 2.71
CA GLN C 82 26.30 3.31 2.83
C GLN C 82 25.15 3.13 3.79
N TYR C 83 25.26 3.71 4.98
CA TYR C 83 24.17 3.73 5.95
C TYR C 83 22.87 4.19 5.31
N LEU C 84 22.91 5.36 4.65
CA LEU C 84 21.66 5.92 4.16
C LEU C 84 21.04 5.00 3.11
N GLY C 85 21.87 4.44 2.22
CA GLY C 85 21.37 3.44 1.29
C GLY C 85 20.79 2.22 1.98
N MET C 86 21.37 1.82 3.12
CA MET C 86 20.88 0.63 3.82
C MET C 86 19.48 0.85 4.35
N GLN C 87 19.17 2.11 4.70
CA GLN C 87 17.81 2.44 5.12
C GLN C 87 16.76 2.00 4.09
N GLN C 88 17.11 1.98 2.81
CA GLN C 88 16.23 1.42 1.79
C GLN C 88 16.05 -0.10 1.88
N MET C 89 16.89 -0.82 2.61
CA MET C 89 16.88 -2.28 2.54
C MET C 89 16.90 -2.90 3.92
N LEU C 90 16.52 -2.14 4.93
CA LEU C 90 16.40 -2.72 6.27
C LEU C 90 15.84 -4.15 6.36
N PRO C 91 14.74 -4.53 5.70
CA PRO C 91 14.30 -5.94 5.84
C PRO C 91 15.28 -6.97 5.31
N GLU C 92 16.09 -6.61 4.31
CA GLU C 92 17.02 -7.58 3.78
C GLU C 92 18.21 -7.78 4.68
N LEU C 93 18.33 -6.99 5.76
CA LEU C 93 19.49 -7.12 6.64
C LEU C 93 19.18 -7.86 7.92
N GLN C 94 17.90 -8.07 8.22
CA GLN C 94 17.53 -8.64 9.50
C GLN C 94 17.96 -10.09 9.59
N ASN C 95 18.83 -10.40 10.55
CA ASN C 95 19.36 -11.75 10.67
C ASN C 95 20.08 -12.17 9.41
N GLY C 96 20.53 -11.21 8.61
CA GLY C 96 21.21 -11.48 7.36
C GLY C 96 22.71 -11.62 7.54
N THR C 97 23.41 -11.87 6.42
CA THR C 97 24.86 -11.83 6.39
C THR C 97 25.31 -10.95 5.23
N ALA C 98 26.46 -10.32 5.38
CA ALA C 98 26.87 -9.30 4.44
C ALA C 98 28.40 -9.16 4.47
N VAL C 99 28.95 -8.68 3.37
CA VAL C 99 30.36 -8.40 3.27
C VAL C 99 30.53 -6.89 3.24
N TYR C 100 31.49 -6.36 3.98
CA TYR C 100 31.69 -4.93 4.01
C TYR C 100 33.17 -4.63 3.88
N VAL C 101 33.57 -3.96 2.79
CA VAL C 101 34.96 -3.62 2.57
C VAL C 101 35.21 -2.21 3.10
N LEU C 102 36.16 -2.10 4.04
CA LEU C 102 36.60 -0.83 4.63
C LEU C 102 37.84 -0.31 3.91
N SER C 103 37.65 0.50 2.87
CA SER C 103 38.76 1.17 2.16
C SER C 103 39.38 2.25 3.05
N PRO C 104 40.62 2.10 3.52
CA PRO C 104 41.22 3.13 4.37
C PRO C 104 41.28 4.51 3.73
N GLN C 105 41.44 4.58 2.39
CA GLN C 105 41.38 5.83 1.64
C GLN C 105 40.19 6.69 2.03
N TRP C 106 39.15 6.10 2.61
CA TRP C 106 37.98 6.86 3.02
C TRP C 106 38.28 7.81 4.17
N PHE C 107 39.14 7.37 5.10
CA PHE C 107 39.37 8.04 6.38
C PHE C 107 40.31 9.22 6.24
N THR C 108 40.08 10.03 5.21
CA THR C 108 40.86 11.26 5.03
C THR C 108 40.24 12.29 5.97
N LYS C 109 41.05 13.23 6.47
CA LYS C 109 40.54 14.24 7.39
C LYS C 109 39.50 15.14 6.72
N LYS C 110 39.64 15.42 5.42
CA LYS C 110 38.68 16.30 4.79
C LYS C 110 37.42 15.58 4.31
N GLY C 111 37.48 14.25 4.15
CA GLY C 111 36.34 13.50 3.66
C GLY C 111 36.11 13.68 2.16
N TYR C 112 34.98 13.16 1.71
CA TYR C 112 34.64 13.30 0.31
C TYR C 112 33.82 14.57 0.04
N ASN C 113 33.83 14.96 -1.23
CA ASN C 113 33.07 16.09 -1.76
C ASN C 113 31.59 16.05 -1.33
N SER C 114 30.89 17.17 -1.46
CA SER C 114 29.44 17.15 -1.26
C SER C 114 28.72 16.66 -2.52
N ALA C 115 29.33 16.83 -3.69
CA ALA C 115 28.75 16.24 -4.90
C ALA C 115 28.91 14.74 -4.90
N ALA C 116 30.07 14.25 -4.45
CA ALA C 116 30.22 12.84 -4.12
C ALA C 116 29.05 12.35 -3.29
N PHE C 117 28.71 13.09 -2.22
CA PHE C 117 27.59 12.70 -1.38
C PHE C 117 26.27 12.74 -2.15
N GLN C 118 26.11 13.74 -3.02
CA GLN C 118 24.85 13.89 -3.74
C GLN C 118 24.60 12.73 -4.68
N GLN C 119 25.66 12.14 -5.25
CA GLN C 119 25.46 11.06 -6.24
C GLN C 119 24.64 9.91 -5.68
N PHE C 120 24.88 9.57 -4.41
CA PHE C 120 24.37 8.35 -3.78
C PHE C 120 23.12 8.56 -2.92
N PHE C 121 22.76 9.81 -2.63
CA PHE C 121 21.64 10.12 -1.74
C PHE C 121 20.40 10.52 -2.55
N ASN C 122 19.23 10.33 -1.93
CA ASN C 122 17.99 10.81 -2.54
C ASN C 122 16.93 10.95 -1.46
N ASN C 123 15.80 11.52 -1.86
CA ASN C 123 14.70 11.78 -0.93
C ASN C 123 14.13 10.49 -0.34
N ASP C 124 14.17 9.38 -1.09
CA ASP C 124 13.68 8.12 -0.53
C ASP C 124 14.50 7.71 0.68
N GLN C 125 15.81 7.86 0.61
CA GLN C 125 16.66 7.54 1.76
C GLN C 125 16.30 8.45 2.94
N LEU C 126 16.01 9.72 2.66
CA LEU C 126 15.75 10.66 3.75
C LEU C 126 14.39 10.41 4.38
N SER C 127 13.39 10.09 3.55
CA SER C 127 12.06 9.77 4.07
C SER C 127 12.07 8.48 4.86
N SER C 128 12.85 7.49 4.42
CA SER C 128 12.87 6.24 5.18
C SER C 128 13.65 6.42 6.48
N PHE C 129 14.76 7.16 6.44
CA PHE C 129 15.56 7.39 7.64
C PHE C 129 14.75 8.12 8.71
N LEU C 130 14.00 9.15 8.31
CA LEU C 130 13.16 9.86 9.26
C LEU C 130 11.93 9.05 9.65
N SER C 131 11.42 8.20 8.77
CA SER C 131 10.26 7.42 9.17
C SER C 131 10.60 6.43 10.27
N GLN C 132 11.82 5.90 10.27
CA GLN C 132 12.25 4.94 11.28
C GLN C 132 13.75 4.83 11.55
N ASN C 133 14.19 5.22 12.74
CA ASN C 133 13.31 5.74 13.79
C ASN C 133 14.05 6.38 14.96
N GLN C 134 14.27 7.69 14.87
CA GLN C 134 14.95 8.42 15.93
C GLN C 134 14.14 8.34 17.21
N THR C 135 14.67 8.92 18.29
CA THR C 135 15.84 9.79 18.20
C THR C 135 16.78 9.50 19.36
N ASP C 136 17.86 8.82 19.02
CA ASP C 136 18.97 8.53 19.91
C ASP C 136 20.22 9.21 19.35
N ALA C 137 21.38 8.82 19.89
CA ALA C 137 22.63 9.44 19.45
C ALA C 137 22.96 9.03 18.02
N ASN C 138 22.53 7.84 17.60
CA ASN C 138 22.77 7.40 16.23
C ASN C 138 22.07 8.32 15.24
N SER C 139 20.74 8.45 15.37
CA SER C 139 19.97 9.33 14.51
C SER C 139 20.43 10.78 14.63
N GLN C 140 20.84 11.19 15.83
CA GLN C 140 21.47 12.49 16.04
C GLN C 140 22.65 12.71 15.09
N TYR C 141 23.65 11.84 15.21
CA TYR C 141 24.86 11.99 14.41
C TYR C 141 24.53 11.91 12.91
N ALA C 142 23.63 11.00 12.54
CA ALA C 142 23.22 10.86 11.13
C ALA C 142 22.63 12.15 10.60
N ALA C 143 21.72 12.75 11.39
CA ALA C 143 21.10 14.01 11.00
C ALA C 143 22.16 15.09 10.84
N LYS C 144 23.07 15.18 11.81
CA LYS C 144 24.05 16.26 11.76
C LYS C 144 24.91 16.13 10.50
N ARG C 145 25.32 14.89 10.18
CA ARG C 145 26.19 14.66 9.03
C ARG C 145 25.45 14.93 7.73
N ILE C 146 24.16 14.56 7.66
CA ILE C 146 23.36 14.91 6.49
C ILE C 146 23.32 16.43 6.30
N LEU C 147 23.04 17.16 7.40
CA LEU C 147 22.89 18.62 7.31
C LEU C 147 24.20 19.27 6.88
N GLU C 148 25.34 18.76 7.37
CA GLU C 148 26.63 19.22 6.87
C GLU C 148 26.76 18.96 5.38
N MET C 149 26.36 17.76 4.91
CA MET C 149 26.75 17.35 3.56
C MET C 149 25.81 17.84 2.47
N LYS C 150 24.53 18.06 2.77
CA LYS C 150 23.57 18.63 1.82
C LYS C 150 22.80 19.76 2.49
N PRO C 151 23.40 20.94 2.64
CA PRO C 151 22.76 22.01 3.44
C PRO C 151 21.41 22.43 2.91
N GLU C 152 21.21 22.42 1.60
CA GLU C 152 19.94 22.87 1.02
C GLU C 152 19.08 21.66 0.66
N ILE C 153 18.53 21.06 1.71
CA ILE C 153 17.86 19.77 1.65
C ILE C 153 16.39 19.94 1.98
N THR C 154 15.57 19.03 1.45
CA THR C 154 14.17 18.97 1.84
C THR C 154 14.05 18.52 3.30
N MET C 155 12.93 18.89 3.91
CA MET C 155 12.61 18.51 5.28
C MET C 155 13.68 18.93 6.28
N LYS C 156 14.35 20.05 5.99
CA LYS C 156 15.48 20.49 6.81
C LYS C 156 15.08 20.77 8.26
N SER C 157 13.84 21.20 8.50
CA SER C 157 13.43 21.46 9.87
C SER C 157 13.42 20.18 10.71
N GLN C 158 12.98 19.06 10.14
CA GLN C 158 12.93 17.82 10.91
C GLN C 158 14.31 17.27 11.17
N LEU C 159 15.15 17.30 10.14
CA LEU C 159 16.55 16.99 10.34
C LEU C 159 17.11 17.82 11.49
N SER C 160 16.86 19.14 11.47
CA SER C 160 17.37 20.03 12.52
C SER C 160 16.96 19.53 13.89
N LYS C 161 15.66 19.25 14.07
CA LYS C 161 15.15 18.81 15.36
C LYS C 161 15.80 17.50 15.82
N VAL C 162 16.07 16.59 14.87
CA VAL C 162 16.70 15.31 15.25
C VAL C 162 18.17 15.49 15.55
N ALA C 163 18.86 16.37 14.82
CA ALA C 163 20.26 16.63 15.08
C ALA C 163 20.45 17.15 16.50
N LYS C 164 19.59 18.10 16.93
CA LYS C 164 19.71 18.61 18.28
C LYS C 164 18.88 17.78 19.26
N GLY C 165 18.63 16.52 18.93
CA GLY C 165 18.18 15.52 19.89
C GLY C 165 16.75 15.64 20.37
N GLN C 166 15.93 16.42 19.66
CA GLN C 166 14.52 16.56 20.01
C GLN C 166 13.68 15.46 19.35
N ASP C 167 12.59 15.12 20.02
CA ASP C 167 11.57 14.29 19.41
C ASP C 167 10.58 15.15 18.62
N LEU C 168 9.98 14.54 17.62
CA LEU C 168 9.34 15.29 16.57
C LEU C 168 7.83 15.35 16.75
N ASN C 169 7.31 16.58 16.67
CA ASN C 169 5.91 16.95 16.65
C ASN C 169 4.99 16.10 15.79
N THR C 170 3.75 15.93 16.23
CA THR C 170 2.84 15.02 15.54
C THR C 170 2.66 15.42 14.09
N VAL C 171 2.67 16.72 13.78
CA VAL C 171 2.63 17.16 12.38
C VAL C 171 3.90 16.70 11.66
N ASP C 172 5.04 16.78 12.33
CA ASP C 172 6.27 16.26 11.77
C ASP C 172 6.09 14.80 11.39
N LYS C 173 5.68 13.98 12.36
CA LYS C 173 5.54 12.55 12.11
C LYS C 173 4.55 12.30 10.97
N THR C 174 3.43 13.02 10.98
CA THR C 174 2.47 12.96 9.88
C THR C 174 3.14 13.16 8.53
N TYR C 175 3.82 14.29 8.33
CA TYR C 175 4.42 14.58 7.03
C TYR C 175 5.50 13.56 6.67
N ILE C 176 6.29 13.13 7.65
CA ILE C 176 7.33 12.13 7.39
C ILE C 176 6.71 10.86 6.87
N GLN C 177 5.74 10.31 7.60
CA GLN C 177 5.17 9.02 7.21
C GLN C 177 4.49 9.12 5.85
N PHE C 178 3.72 10.18 5.63
CA PHE C 178 3.06 10.39 4.35
C PHE C 178 4.07 10.37 3.21
N MET C 179 5.17 11.14 3.37
CA MET C 179 6.16 11.24 2.32
C MET C 179 6.91 9.93 2.12
N ALA C 180 7.20 9.22 3.22
CA ALA C 180 7.91 7.95 3.12
C ALA C 180 7.09 6.94 2.32
N GLU C 181 5.82 6.76 2.70
CA GLU C 181 4.94 5.87 1.96
C GLU C 181 4.86 6.24 0.49
N LEU C 182 4.71 7.54 0.21
CA LEU C 182 4.63 7.99 -1.17
C LEU C 182 5.89 7.63 -1.94
N ASN C 183 7.06 7.87 -1.34
CA ASN C 183 8.30 7.65 -2.06
C ASN C 183 8.48 6.17 -2.37
N ARG C 184 8.07 5.31 -1.43
CA ARG C 184 8.24 3.87 -1.65
C ARG C 184 7.27 3.38 -2.72
N ARG C 185 6.02 3.82 -2.68
CA ARG C 185 5.07 3.46 -3.72
C ARG C 185 5.50 4.00 -5.09
N GLU C 186 6.17 5.15 -5.10
CA GLU C 186 6.65 5.72 -6.36
C GLU C 186 7.80 4.90 -6.95
N ASP C 187 8.84 4.58 -6.15
CA ASP C 187 9.99 3.83 -6.67
C ASP C 187 9.60 2.42 -7.11
N SER C 188 8.80 1.72 -6.28
CA SER C 188 8.29 0.45 -6.75
C SER C 188 7.56 0.63 -8.09
N LEU C 189 6.69 1.67 -8.18
CA LEU C 189 5.79 1.75 -9.33
C LEU C 189 6.53 2.07 -10.64
N PHE C 190 7.44 3.05 -10.63
CA PHE C 190 8.20 3.38 -11.83
C PHE C 190 9.54 2.64 -11.80
N SER C 191 9.64 1.58 -12.62
CA SER C 191 10.83 0.71 -12.73
C SER C 191 12.11 1.50 -13.00
N ALA C 194 13.70 -2.61 -12.66
CA ALA C 194 14.61 -3.12 -13.65
C ALA C 194 13.93 -2.89 -14.96
N ALA C 195 14.55 -2.08 -15.82
CA ALA C 195 15.83 -1.43 -15.52
C ALA C 195 16.24 -0.48 -16.66
N SER C 196 17.20 0.43 -16.47
CA SER C 196 17.95 0.67 -15.23
C SER C 196 19.18 -0.17 -15.00
N ASN C 197 19.38 -1.18 -15.82
CA ASN C 197 20.52 -2.05 -15.71
C ASN C 197 21.61 -1.73 -16.67
N ASN C 198 22.72 -2.39 -16.49
CA ASN C 198 23.89 -2.26 -17.34
C ASN C 198 23.95 -3.39 -18.35
N ALA C 199 25.03 -3.40 -19.13
CA ALA C 199 25.48 -4.60 -19.80
C ALA C 199 26.70 -5.19 -19.12
N ASN C 200 26.95 -4.81 -17.86
CA ASN C 200 28.12 -5.32 -17.16
C ASN C 200 28.11 -6.84 -17.06
N TYR C 201 27.00 -7.43 -16.63
CA TYR C 201 26.92 -8.88 -16.55
C TYR C 201 27.22 -9.52 -17.90
N ASP C 202 26.56 -9.05 -18.97
CA ASP C 202 26.68 -9.72 -20.26
C ASP C 202 28.07 -9.61 -20.86
N LYS C 203 28.78 -8.51 -20.67
CA LYS C 203 30.03 -8.36 -21.39
C LYS C 203 31.26 -8.23 -20.50
N LYS C 204 31.11 -8.25 -19.17
CA LYS C 204 32.26 -8.21 -18.27
C LYS C 204 32.15 -9.24 -17.14
N VAL C 205 31.23 -10.20 -17.25
CA VAL C 205 31.19 -11.32 -16.32
C VAL C 205 31.26 -12.62 -17.14
N LEU C 206 30.19 -12.98 -17.86
CA LEU C 206 30.15 -14.22 -18.65
C LEU C 206 31.30 -14.42 -19.61
N PRO C 207 31.80 -13.39 -20.32
CA PRO C 207 33.03 -13.60 -21.11
C PRO C 207 34.08 -14.41 -20.39
N TYR C 208 34.28 -14.13 -19.10
CA TYR C 208 35.39 -14.71 -18.36
C TYR C 208 35.15 -16.15 -17.92
N LEU C 209 33.96 -16.73 -18.12
CA LEU C 209 33.77 -18.11 -17.68
C LEU C 209 34.58 -19.09 -18.54
N LYS C 210 34.88 -18.73 -19.81
CA LYS C 210 35.81 -19.54 -20.63
C LYS C 210 37.15 -19.67 -19.95
N GLU C 211 37.68 -18.57 -19.40
CA GLU C 211 38.97 -18.54 -18.71
C GLU C 211 38.99 -19.35 -17.44
N LEU C 212 37.82 -19.81 -16.90
CA LEU C 212 38.07 -20.48 -15.64
C LEU C 212 38.17 -21.98 -15.84
N PRO C 213 38.97 -22.63 -15.00
CA PRO C 213 38.92 -24.10 -14.88
C PRO C 213 37.53 -24.59 -14.46
N ASP C 214 36.99 -25.55 -15.21
CA ASP C 214 35.68 -26.09 -14.86
C ASP C 214 35.66 -26.64 -13.45
N GLN C 215 36.80 -27.15 -12.96
CA GLN C 215 36.92 -27.78 -11.66
C GLN C 215 37.44 -26.79 -10.62
N PHE C 216 36.83 -26.80 -9.43
CA PHE C 216 37.21 -25.81 -8.43
C PHE C 216 38.48 -26.23 -7.70
N SER C 217 39.51 -25.39 -7.77
CA SER C 217 40.74 -25.60 -6.99
C SER C 217 41.42 -24.26 -6.73
N TYR C 218 41.51 -23.89 -5.45
CA TYR C 218 42.27 -22.69 -5.09
C TYR C 218 43.65 -22.70 -5.71
N ASP C 219 44.27 -23.88 -5.80
CA ASP C 219 45.60 -24.00 -6.38
C ASP C 219 45.60 -23.64 -7.87
N ALA C 220 44.66 -24.21 -8.64
CA ALA C 220 44.54 -23.83 -10.04
C ALA C 220 44.27 -22.34 -10.17
N LEU C 221 43.48 -21.78 -9.25
CA LEU C 221 43.15 -20.36 -9.35
C LEU C 221 44.39 -19.50 -9.12
N ASP C 222 45.21 -19.83 -8.11
CA ASP C 222 46.47 -19.12 -7.92
C ASP C 222 47.32 -19.21 -9.19
N GLN C 223 47.35 -20.41 -9.81
CA GLN C 223 48.06 -20.58 -11.07
C GLN C 223 47.57 -19.58 -12.12
N LEU C 224 46.26 -19.56 -12.35
CA LEU C 224 45.69 -18.62 -13.30
C LEU C 224 46.06 -17.19 -12.94
N ALA C 225 46.07 -16.90 -11.65
CA ALA C 225 46.20 -15.54 -11.18
C ALA C 225 47.57 -14.97 -11.51
N VAL C 226 48.62 -15.75 -11.27
CA VAL C 226 49.95 -15.26 -11.63
C VAL C 226 50.14 -15.28 -13.14
N ARG C 227 49.51 -16.22 -13.87
CA ARG C 227 49.76 -16.23 -15.31
C ARG C 227 49.20 -14.99 -15.97
N ASP C 228 48.00 -14.56 -15.55
CA ASP C 228 47.41 -13.35 -16.13
C ASP C 228 47.94 -12.07 -15.48
N ALA C 229 48.50 -12.17 -14.27
CA ALA C 229 49.23 -11.04 -13.73
C ALA C 229 50.46 -10.76 -14.57
N GLU C 230 51.21 -11.79 -14.91
CA GLU C 230 52.37 -11.60 -15.77
C GLU C 230 51.98 -11.21 -17.19
N ALA C 231 50.81 -11.66 -17.66
CA ALA C 231 50.35 -11.27 -18.98
C ALA C 231 49.87 -9.82 -19.03
N HIS C 232 49.56 -9.22 -17.86
CA HIS C 232 49.11 -7.84 -17.77
C HIS C 232 49.97 -7.01 -16.82
N THR C 233 51.28 -7.26 -16.76
CA THR C 233 52.18 -6.48 -15.92
C THR C 233 53.42 -5.87 -16.57
N LYS C 234 53.91 -6.48 -17.65
CA LYS C 234 55.12 -6.03 -18.35
C LYS C 234 55.16 -4.54 -18.71
N SER C 235 54.01 -3.85 -18.61
CA SER C 235 53.81 -2.41 -18.79
C SER C 235 54.63 -1.53 -17.85
N ASN C 236 55.18 -2.08 -16.78
CA ASN C 236 55.87 -1.27 -15.78
C ASN C 236 56.41 -2.19 -14.71
N ASP C 237 57.10 -1.62 -13.73
CA ASP C 237 57.84 -2.42 -12.77
C ASP C 237 57.16 -2.53 -11.42
N PHE C 238 55.95 -1.98 -11.27
CA PHE C 238 55.30 -1.92 -9.97
C PHE C 238 54.33 -3.07 -9.73
N GLY C 239 53.89 -3.75 -10.78
CA GLY C 239 53.01 -4.89 -10.67
C GLY C 239 51.59 -4.42 -10.77
N ILE C 240 51.38 -3.50 -11.70
CA ILE C 240 50.10 -2.86 -11.92
C ILE C 240 49.57 -3.32 -13.25
N ASP C 241 48.26 -3.48 -13.32
CA ASP C 241 47.63 -3.88 -14.55
C ASP C 241 47.94 -2.89 -15.67
N ASP C 242 48.31 -3.43 -16.85
CA ASP C 242 48.70 -2.60 -17.99
C ASP C 242 47.66 -1.54 -18.27
N ARG C 243 46.42 -1.97 -18.52
CA ARG C 243 45.33 -1.05 -18.82
C ARG C 243 45.17 0.08 -17.81
N PHE C 244 45.34 -0.26 -16.52
CA PHE C 244 45.20 0.73 -15.46
C PHE C 244 46.42 1.63 -15.37
N TYR C 245 47.61 1.05 -15.51
CA TYR C 245 48.81 1.87 -15.52
C TYR C 245 48.76 2.92 -16.63
N LYS C 246 48.50 2.48 -17.87
CA LYS C 246 48.47 3.43 -18.97
C LYS C 246 47.34 4.46 -18.82
N GLU C 247 46.14 4.02 -18.39
CA GLU C 247 45.01 4.94 -18.27
C GLU C 247 45.24 6.00 -17.20
N ARG C 248 45.63 5.57 -16.01
CA ARG C 248 45.59 6.44 -14.84
C ARG C 248 46.95 6.89 -14.36
N LEU C 249 48.05 6.30 -14.80
CA LEU C 249 49.35 6.74 -14.29
C LEU C 249 50.46 6.99 -15.25
N SER C 250 50.19 6.82 -16.53
CA SER C 250 51.29 6.99 -17.49
C SER C 250 51.81 8.43 -17.50
N LYS C 251 50.93 9.40 -17.76
CA LYS C 251 51.27 10.82 -17.77
C LYS C 251 51.84 11.27 -16.42
N LYS C 252 50.97 11.34 -15.41
CA LYS C 252 51.22 12.06 -14.16
C LYS C 252 52.33 11.51 -13.27
N ILE C 253 53.08 10.50 -13.75
CA ILE C 253 53.92 9.68 -12.86
C ILE C 253 54.96 10.55 -12.15
N GLY C 254 55.67 11.40 -12.90
CA GLY C 254 56.60 12.33 -12.28
C GLY C 254 56.00 13.08 -11.12
N LYS C 255 54.80 13.64 -11.31
CA LYS C 255 54.17 14.46 -10.27
C LYS C 255 53.89 13.68 -8.97
N LEU C 256 54.02 12.35 -8.96
CA LEU C 256 53.48 11.56 -7.86
C LEU C 256 54.55 11.03 -6.90
N LYS C 257 55.79 11.30 -7.18
CA LYS C 257 56.72 10.79 -6.25
C LYS C 257 56.47 11.57 -5.02
N GLY C 258 56.63 10.88 -3.92
CA GLY C 258 56.60 11.43 -2.58
C GLY C 258 55.42 12.34 -2.36
N PHE C 259 54.31 12.10 -3.03
CA PHE C 259 53.11 12.92 -2.93
C PHE C 259 52.22 12.45 -1.78
N GLN C 260 52.59 11.34 -1.17
CA GLN C 260 51.82 10.79 -0.05
C GLN C 260 52.59 10.82 1.25
N LYS C 261 53.75 11.45 1.22
CA LYS C 261 54.59 11.54 2.40
C LYS C 261 53.80 12.02 3.61
N ASN C 262 52.98 13.04 3.43
CA ASN C 262 52.32 13.71 4.53
C ASN C 262 50.91 13.19 4.83
N LEU C 263 50.42 12.22 4.07
CA LEU C 263 49.02 11.83 4.14
C LEU C 263 48.78 10.82 5.27
N SER C 264 47.74 11.08 6.07
CA SER C 264 47.38 10.19 7.17
C SER C 264 45.88 9.92 7.19
N TYR C 265 45.54 8.67 7.53
CA TYR C 265 44.18 8.17 7.52
C TYR C 265 43.62 8.03 8.93
N GLU C 266 44.33 8.51 9.95
CA GLU C 266 43.92 8.29 11.33
C GLU C 266 42.92 9.32 11.85
N VAL C 267 42.76 10.44 11.17
CA VAL C 267 41.83 11.47 11.60
C VAL C 267 40.80 11.65 10.49
N SER C 268 39.52 11.45 10.82
CA SER C 268 38.46 11.54 9.82
C SER C 268 37.09 11.51 10.49
N GLN C 269 36.15 12.29 9.92
CA GLN C 269 34.76 12.10 10.29
C GLN C 269 34.26 10.71 9.90
N GLU C 270 34.97 10.05 8.98
CA GLU C 270 34.64 8.68 8.59
C GLU C 270 34.46 7.78 9.80
N TYR C 271 35.33 7.92 10.81
CA TYR C 271 35.25 7.05 11.99
C TYR C 271 33.88 7.13 12.63
N GLY C 272 33.28 8.32 12.63
CA GLY C 272 31.92 8.44 13.13
C GLY C 272 30.88 7.88 12.17
N ASP C 273 31.04 8.18 10.86
CA ASP C 273 30.19 7.58 9.82
C ASP C 273 30.19 6.06 9.91
N LEU C 274 31.38 5.46 10.09
CA LEU C 274 31.47 4.02 10.27
C LEU C 274 30.54 3.56 11.37
N GLN C 275 30.51 4.30 12.49
CA GLN C 275 29.68 3.88 13.60
C GLN C 275 28.23 3.74 13.15
N LEU C 276 27.78 4.67 12.29
CA LEU C 276 26.47 4.59 11.64
C LEU C 276 26.17 3.16 11.16
N VAL C 277 26.96 2.68 10.19
CA VAL C 277 26.67 1.37 9.61
C VAL C 277 26.74 0.32 10.69
N LEU C 278 27.74 0.40 11.58
CA LEU C 278 27.87 -0.66 12.57
C LEU C 278 26.63 -0.68 13.43
N ASN C 279 26.20 0.51 13.82
CA ASN C 279 24.95 0.66 14.56
C ASN C 279 23.83 -0.06 13.81
N GLN C 280 23.66 0.27 12.53
CA GLN C 280 22.63 -0.35 11.72
C GLN C 280 22.74 -1.88 11.74
N PHE C 281 23.95 -2.41 11.45
CA PHE C 281 24.13 -3.87 11.48
C PHE C 281 23.70 -4.45 12.81
N ALA C 282 24.17 -3.84 13.91
CA ALA C 282 23.80 -4.31 15.23
C ALA C 282 22.29 -4.30 15.39
N LYS C 283 21.64 -3.17 15.04
CA LYS C 283 20.19 -3.09 15.21
C LYS C 283 19.50 -4.15 14.37
N SER C 284 20.03 -4.43 13.17
CA SER C 284 19.44 -5.42 12.28
C SER C 284 19.99 -6.81 12.47
N ASN C 285 20.87 -7.01 13.47
CA ASN C 285 21.39 -8.34 13.80
C ASN C 285 22.00 -8.98 12.57
N THR C 286 22.82 -8.22 11.88
CA THR C 286 23.47 -8.69 10.69
C THR C 286 24.85 -9.20 11.07
N ASN C 287 25.18 -10.41 10.65
CA ASN C 287 26.54 -10.94 10.75
C ASN C 287 27.33 -10.44 9.54
N VAL C 288 28.48 -9.80 9.78
CA VAL C 288 29.21 -9.13 8.71
C VAL C 288 30.66 -9.57 8.73
N ILE C 289 31.23 -9.84 7.56
CA ILE C 289 32.67 -9.95 7.44
C ILE C 289 33.19 -8.64 6.86
N PHE C 290 34.12 -8.00 7.56
CA PHE C 290 34.69 -6.76 7.08
C PHE C 290 36.01 -7.05 6.39
N VAL C 291 36.31 -6.31 5.33
CA VAL C 291 37.44 -6.62 4.47
C VAL C 291 38.33 -5.40 4.37
N ILE C 292 39.56 -5.52 4.84
CA ILE C 292 40.52 -4.41 4.80
C ILE C 292 41.60 -4.76 3.79
N PRO C 293 41.79 -3.96 2.74
CA PRO C 293 42.84 -4.25 1.77
C PRO C 293 44.14 -3.57 2.15
N PRO C 294 45.27 -4.02 1.59
CA PRO C 294 46.52 -3.26 1.74
C PRO C 294 46.70 -2.31 0.57
N VAL C 295 47.87 -1.68 0.49
CA VAL C 295 48.27 -0.89 -0.66
C VAL C 295 49.53 -1.53 -1.24
N ASN C 296 49.65 -1.49 -2.57
CA ASN C 296 50.88 -1.95 -3.22
C ASN C 296 52.09 -1.36 -2.51
N SER C 297 52.82 -2.23 -1.80
CA SER C 297 53.91 -1.78 -0.92
C SER C 297 55.00 -1.07 -1.70
N LYS C 298 55.38 -1.62 -2.84
CA LYS C 298 56.13 -0.87 -3.83
C LYS C 298 55.59 0.57 -4.00
N TRP C 299 54.30 0.70 -4.30
CA TRP C 299 53.70 2.03 -4.49
C TRP C 299 53.75 2.87 -3.23
N MET C 300 53.84 2.23 -2.07
CA MET C 300 53.96 2.96 -0.80
C MET C 300 55.37 3.48 -0.58
N ALA C 301 56.39 2.78 -1.08
CA ALA C 301 57.74 3.34 -1.05
C ALA C 301 57.88 4.49 -2.05
N TYR C 302 57.24 4.39 -3.22
CA TYR C 302 57.32 5.49 -4.18
C TYR C 302 56.63 6.74 -3.64
N THR C 303 55.37 6.62 -3.22
CA THR C 303 54.61 7.76 -2.73
C THR C 303 54.87 8.04 -1.26
N GLY C 304 55.84 7.34 -0.66
CA GLY C 304 56.12 7.51 0.75
C GLY C 304 54.91 7.49 1.67
N LEU C 305 53.79 6.93 1.20
CA LEU C 305 52.66 6.68 2.09
C LEU C 305 53.12 5.72 3.18
N ASN C 306 53.10 6.19 4.43
CA ASN C 306 53.75 5.47 5.52
C ASN C 306 52.90 4.32 6.03
N GLN C 307 53.47 3.13 5.98
CA GLN C 307 52.82 1.89 6.33
C GLN C 307 52.51 1.79 7.82
N ASP C 308 53.32 2.42 8.68
CA ASP C 308 53.01 2.37 10.11
C ASP C 308 51.76 3.18 10.41
N MET C 309 51.56 4.27 9.69
CA MET C 309 50.30 4.99 9.80
C MET C 309 49.12 4.13 9.32
N TYR C 310 49.29 3.43 8.20
CA TYR C 310 48.32 2.44 7.76
C TYR C 310 48.02 1.44 8.88
N ASP C 311 49.06 0.87 9.47
CA ASP C 311 48.85 -0.16 10.50
C ASP C 311 48.12 0.41 11.68
N ALA C 312 48.34 1.70 11.96
CA ALA C 312 47.69 2.34 13.09
C ALA C 312 46.22 2.63 12.79
N THR C 313 45.91 3.12 11.59
CA THR C 313 44.50 3.29 11.27
C THR C 313 43.79 1.94 11.30
N VAL C 314 44.43 0.90 10.77
CA VAL C 314 43.84 -0.44 10.79
C VAL C 314 43.62 -0.93 12.23
N SER C 315 44.52 -0.56 13.16
CA SER C 315 44.32 -0.89 14.58
C SER C 315 43.17 -0.10 15.16
N LYS C 316 43.04 1.17 14.74
CA LYS C 316 41.90 1.99 15.14
C LYS C 316 40.58 1.33 14.73
N ILE C 317 40.51 0.93 13.46
CA ILE C 317 39.30 0.38 12.89
C ILE C 317 39.00 -0.98 13.51
N ARG C 318 40.01 -1.85 13.58
CA ARG C 318 39.79 -3.14 14.22
C ARG C 318 39.34 -2.98 15.66
N TYR C 319 39.82 -1.93 16.32
CA TYR C 319 39.42 -1.67 17.71
C TYR C 319 37.94 -1.33 17.73
N GLN C 320 37.55 -0.32 16.95
CA GLN C 320 36.16 0.12 16.86
C GLN C 320 35.25 -1.05 16.51
N LEU C 321 35.76 -2.04 15.77
CA LEU C 321 34.96 -3.19 15.37
C LEU C 321 34.86 -4.23 16.49
N GLU C 322 36.02 -4.66 17.01
CA GLU C 322 36.06 -5.80 17.89
C GLU C 322 35.61 -5.47 19.28
N SER C 323 35.68 -4.19 19.66
CA SER C 323 35.24 -3.77 20.99
C SER C 323 33.72 -3.89 21.11
N GLN C 324 33.02 -3.79 19.97
CA GLN C 324 31.57 -3.89 19.93
C GLN C 324 31.06 -5.28 19.57
N GLY C 325 31.94 -6.23 19.22
CA GLY C 325 31.52 -7.58 18.89
C GLY C 325 31.61 -7.93 17.42
N PHE C 326 32.09 -7.00 16.57
CA PHE C 326 32.30 -7.29 15.15
C PHE C 326 33.68 -7.90 15.00
N THR C 327 33.71 -9.23 15.06
CA THR C 327 34.95 -9.98 15.09
C THR C 327 35.29 -10.69 13.77
N ASN C 328 34.40 -10.70 12.78
CA ASN C 328 34.69 -11.34 11.49
C ASN C 328 35.46 -10.34 10.64
N ILE C 329 36.78 -10.35 10.74
CA ILE C 329 37.61 -9.44 9.98
C ILE C 329 38.53 -10.23 9.08
N ALA C 330 38.57 -9.85 7.81
CA ALA C 330 39.46 -10.35 6.78
C ALA C 330 40.48 -9.23 6.60
N ASP C 331 41.53 -9.31 7.41
CA ASP C 331 42.53 -8.25 7.53
C ASP C 331 43.65 -8.52 6.53
N PHE C 332 43.54 -7.93 5.34
CA PHE C 332 44.60 -8.05 4.36
C PHE C 332 45.51 -6.83 4.36
N SER C 333 45.50 -6.06 5.46
CA SER C 333 46.26 -4.82 5.53
C SER C 333 47.76 -5.04 5.36
N LYS C 334 48.31 -6.15 5.83
CA LYS C 334 49.74 -6.36 5.85
C LYS C 334 50.23 -7.22 4.68
N ASP C 335 49.39 -7.46 3.69
CA ASP C 335 49.74 -8.34 2.59
C ASP C 335 50.11 -7.59 1.31
N GLY C 336 50.31 -6.27 1.38
CA GLY C 336 50.65 -5.50 0.18
C GLY C 336 51.91 -5.99 -0.53
N ASP C 337 52.91 -6.43 0.24
CA ASP C 337 54.19 -6.86 -0.29
C ASP C 337 54.11 -8.20 -1.00
N GLN C 338 53.03 -8.95 -0.79
CA GLN C 338 52.90 -10.28 -1.38
C GLN C 338 52.80 -10.18 -2.90
N PRO C 339 53.54 -11.02 -3.63
CA PRO C 339 53.63 -10.86 -5.09
C PRO C 339 52.28 -11.07 -5.78
N TYR C 340 51.89 -10.08 -6.57
CA TYR C 340 50.62 -10.08 -7.30
C TYR C 340 49.43 -10.20 -6.36
N PHE C 341 49.55 -9.71 -5.13
CA PHE C 341 48.38 -9.63 -4.27
C PHE C 341 47.50 -8.42 -4.58
N MET C 342 48.07 -7.37 -5.15
CA MET C 342 47.29 -6.22 -5.58
C MET C 342 47.37 -6.13 -7.08
N GLN C 343 46.24 -5.81 -7.71
CA GLN C 343 46.18 -5.54 -9.13
C GLN C 343 46.31 -4.07 -9.44
N ASP C 344 46.05 -3.21 -8.45
CA ASP C 344 46.01 -1.78 -8.61
C ASP C 344 47.07 -1.15 -7.73
N THR C 345 46.90 0.14 -7.46
CA THR C 345 47.58 0.77 -6.33
C THR C 345 46.85 0.43 -5.03
N ILE C 346 45.53 0.61 -5.02
CA ILE C 346 44.68 0.52 -3.84
C ILE C 346 43.70 -0.64 -3.92
N HIS C 347 43.72 -1.41 -5.00
CA HIS C 347 42.76 -2.48 -5.21
C HIS C 347 43.44 -3.85 -5.26
N MET C 348 42.79 -4.83 -4.64
CA MET C 348 43.24 -6.20 -4.74
C MET C 348 42.83 -6.79 -6.09
N GLY C 349 43.58 -7.81 -6.49
CA GLY C 349 43.24 -8.54 -7.69
C GLY C 349 44.12 -9.78 -7.79
N TRP C 350 43.86 -10.55 -8.84
CA TRP C 350 44.62 -11.76 -9.13
C TRP C 350 44.68 -12.68 -7.93
N LYS C 351 45.88 -12.92 -7.37
CA LYS C 351 45.99 -13.67 -6.14
C LYS C 351 45.26 -12.97 -5.02
N GLY C 352 45.23 -11.64 -5.04
CA GLY C 352 44.44 -10.92 -4.08
C GLY C 352 42.99 -11.36 -4.07
N TRP C 353 42.38 -11.45 -5.26
CA TRP C 353 41.01 -11.94 -5.34
C TRP C 353 40.89 -13.35 -4.75
N VAL C 354 41.92 -14.18 -4.93
CA VAL C 354 41.82 -15.56 -4.46
C VAL C 354 41.94 -15.60 -2.94
N ALA C 355 42.83 -14.79 -2.38
CA ALA C 355 42.92 -14.70 -0.93
C ALA C 355 41.61 -14.19 -0.36
N PHE C 356 41.00 -13.20 -1.04
CA PHE C 356 39.67 -12.70 -0.71
C PHE C 356 38.67 -13.84 -0.68
N ASP C 357 38.59 -14.59 -1.78
CA ASP C 357 37.62 -15.67 -1.89
C ASP C 357 37.77 -16.66 -0.74
N ARG C 358 39.01 -17.06 -0.46
CA ARG C 358 39.29 -18.08 0.56
C ARG C 358 38.49 -17.84 1.83
N VAL C 359 38.56 -16.62 2.37
CA VAL C 359 37.90 -16.32 3.62
C VAL C 359 36.45 -15.89 3.40
N VAL C 360 36.21 -15.03 2.41
CA VAL C 360 34.87 -14.46 2.25
C VAL C 360 33.86 -15.56 1.91
N ASN C 361 34.19 -16.40 0.93
CA ASN C 361 33.25 -17.44 0.47
C ASN C 361 32.92 -18.41 1.58
N SER C 362 33.89 -18.74 2.42
CA SER C 362 33.59 -19.58 3.59
C SER C 362 32.62 -18.88 4.51
N PHE C 363 32.80 -17.56 4.70
CA PHE C 363 31.87 -16.85 5.56
C PHE C 363 30.48 -16.84 4.95
N VAL C 364 30.40 -16.59 3.65
CA VAL C 364 29.12 -16.26 3.03
C VAL C 364 28.34 -17.52 2.72
N SER C 365 29.02 -18.60 2.32
CA SER C 365 28.33 -19.84 1.98
C SER C 365 27.73 -20.53 3.18
N ASN C 366 28.06 -20.07 4.38
CA ASN C 366 27.59 -20.69 5.61
C ASN C 366 27.08 -19.56 6.50
N PRO C 367 25.88 -19.05 6.20
CA PRO C 367 25.26 -18.05 7.06
C PRO C 367 25.04 -18.62 8.45
N THR C 368 25.43 -17.83 9.45
CA THR C 368 25.35 -18.19 10.85
C THR C 368 24.83 -16.97 11.58
N PRO C 369 23.97 -17.17 12.59
CA PRO C 369 23.53 -16.05 13.43
C PRO C 369 24.69 -15.17 13.87
N ALA C 370 24.41 -13.88 13.97
CA ALA C 370 25.41 -12.90 14.36
C ALA C 370 25.76 -13.04 15.84
N PRO C 371 26.98 -12.59 16.24
CA PRO C 371 27.37 -12.62 17.66
C PRO C 371 26.64 -11.56 18.46
N SER C 372 26.99 -11.40 19.74
CA SER C 372 26.35 -10.38 20.58
C SER C 372 27.15 -9.10 20.48
N TYR C 373 26.42 -7.98 20.40
CA TYR C 373 27.03 -6.67 20.22
C TYR C 373 26.77 -5.78 21.43
N LYS C 374 27.78 -4.96 21.78
CA LYS C 374 27.61 -3.85 22.71
C LYS C 374 28.13 -2.60 22.04
N LEU C 375 27.26 -1.63 21.84
CA LEU C 375 27.56 -0.47 21.00
C LEU C 375 27.99 0.72 21.83
N ASN C 376 29.03 1.38 21.38
CA ASN C 376 29.62 2.46 22.16
C ASN C 376 29.41 3.79 21.47
N ASP C 377 28.41 4.54 21.96
CA ASP C 377 28.10 5.86 21.42
C ASP C 377 29.32 6.75 21.32
N ARG C 378 30.32 6.54 22.18
CA ARG C 378 31.48 7.43 22.19
C ARG C 378 32.18 7.48 20.85
N PHE C 379 31.97 6.49 19.96
CA PHE C 379 32.63 6.46 18.65
C PHE C 379 32.07 7.49 17.70
N TYR C 380 30.85 8.02 17.95
CA TYR C 380 30.40 9.15 17.13
C TYR C 380 31.12 10.44 17.51
N SER C 381 31.78 10.48 18.67
CA SER C 381 32.22 11.71 19.30
C SER C 381 33.09 12.57 18.38
N LYS C 382 33.12 13.87 18.68
CA LYS C 382 34.11 14.76 18.07
C LYS C 382 35.53 14.30 18.41
N ASP C 383 35.73 13.75 19.62
CA ASP C 383 37.05 13.37 20.08
C ASP C 383 37.61 12.26 19.21
N TRP C 384 36.85 11.15 19.11
CA TRP C 384 37.29 9.93 18.44
C TRP C 384 37.60 10.15 16.95
N SER C 385 36.90 11.08 16.30
CA SER C 385 37.30 11.56 14.97
C SER C 385 38.81 11.68 14.82
N GLY C 386 39.48 12.24 15.83
CA GLY C 386 40.89 12.62 15.67
C GLY C 386 41.86 12.00 16.64
N TYR C 387 41.37 11.09 17.47
CA TYR C 387 42.21 10.38 18.41
C TYR C 387 43.32 9.72 17.61
N THR C 388 44.55 9.89 18.06
CA THR C 388 45.71 9.34 17.37
C THR C 388 46.49 8.36 18.26
N GLY C 389 46.06 8.17 19.51
CA GLY C 389 46.78 7.37 20.48
C GLY C 389 46.64 5.86 20.31
N THR C 390 46.92 5.15 21.40
CA THR C 390 46.68 3.73 21.14
C THR C 390 45.24 3.38 21.52
N PRO C 391 44.61 2.44 20.77
CA PRO C 391 43.14 2.30 20.87
C PRO C 391 42.60 2.00 22.27
N SER C 392 43.11 1.00 22.96
CA SER C 392 42.58 0.67 24.29
C SER C 392 42.63 1.87 25.24
N GLN C 393 43.59 2.79 25.03
CA GLN C 393 43.64 4.02 25.81
C GLN C 393 42.72 5.08 25.18
N PHE C 394 41.44 4.73 25.09
CA PHE C 394 40.38 5.71 24.90
C PHE C 394 39.60 5.71 26.21
N LYS C 395 40.30 6.09 27.28
CA LYS C 395 39.97 5.77 28.68
C LYS C 395 38.47 5.74 29.03
N SER D 6 1.33 35.43 0.32
CA SER D 6 1.87 36.57 1.07
C SER D 6 2.93 37.34 0.23
N TYR D 7 2.62 38.62 -0.01
CA TYR D 7 3.50 39.44 -0.82
C TYR D 7 4.92 39.41 -0.28
N GLU D 8 5.07 39.47 1.04
CA GLU D 8 6.40 39.52 1.65
C GLU D 8 7.20 38.26 1.38
N ALA D 9 6.56 37.08 1.51
CA ALA D 9 7.20 35.82 1.16
C ALA D 9 7.65 35.81 -0.30
N GLU D 10 6.81 36.26 -1.22
CA GLU D 10 7.17 36.24 -2.63
C GLU D 10 8.31 37.22 -2.95
N LYS D 11 8.23 38.44 -2.42
CA LYS D 11 9.35 39.36 -2.54
C LYS D 11 10.64 38.67 -2.14
N ARG D 12 10.60 38.00 -0.98
CA ARG D 12 11.78 37.37 -0.44
C ARG D 12 12.26 36.23 -1.32
N SER D 13 11.34 35.47 -1.91
CA SER D 13 11.70 34.33 -2.74
C SER D 13 12.20 34.73 -4.12
N ALA D 14 11.76 35.90 -4.63
CA ALA D 14 12.22 36.45 -5.92
C ALA D 14 13.72 36.74 -5.95
N VAL D 15 14.42 36.63 -4.83
CA VAL D 15 15.84 36.94 -4.76
C VAL D 15 16.63 35.89 -3.99
N THR D 16 16.01 34.82 -3.49
CA THR D 16 16.84 33.83 -2.78
C THR D 16 17.86 33.21 -3.72
N LEU D 17 17.49 33.01 -4.98
CA LEU D 17 18.40 32.60 -6.05
C LEU D 17 19.25 31.39 -5.66
N THR D 18 18.57 30.31 -5.28
CA THR D 18 19.22 29.04 -4.95
C THR D 18 18.78 27.97 -5.92
N ASN D 19 19.66 26.99 -6.13
CA ASN D 19 19.31 25.74 -6.83
C ASN D 19 17.94 25.19 -6.42
N GLU D 20 17.71 25.04 -5.12
CA GLU D 20 16.44 24.58 -4.57
C GLU D 20 15.26 25.38 -5.10
N ASN D 21 15.46 26.67 -5.33
CA ASN D 21 14.37 27.55 -5.73
C ASN D 21 14.13 27.49 -7.22
N PHE D 22 15.21 27.29 -7.99
CA PHE D 22 15.06 27.14 -9.42
C PHE D 22 14.13 25.99 -9.76
N LYS D 23 14.34 24.83 -9.13
CA LYS D 23 13.50 23.67 -9.39
C LYS D 23 12.25 23.57 -8.50
N SER D 24 11.91 24.63 -7.77
CA SER D 24 10.66 24.64 -7.00
C SER D 24 9.55 25.18 -7.90
N ARG D 25 8.60 24.33 -8.26
CA ARG D 25 7.44 24.81 -9.02
C ARG D 25 6.62 25.82 -8.22
N LYS D 26 6.46 25.60 -6.90
CA LYS D 26 5.45 26.37 -6.19
C LYS D 26 5.92 27.78 -5.88
N ASN D 27 7.22 27.97 -5.61
CA ASN D 27 7.68 29.33 -5.33
C ASN D 27 7.50 30.24 -6.54
N LYS D 28 8.08 29.87 -7.68
CA LYS D 28 7.96 30.70 -8.88
C LYS D 28 6.53 30.77 -9.40
N THR D 29 5.76 29.67 -9.32
CA THR D 29 4.38 29.78 -9.82
C THR D 29 3.55 30.68 -8.93
N THR D 30 3.76 30.59 -7.61
CA THR D 30 2.97 31.36 -6.66
C THR D 30 3.24 32.85 -6.80
N ALA D 31 4.51 33.23 -6.98
CA ALA D 31 4.80 34.63 -7.18
C ALA D 31 4.32 35.11 -8.55
N LEU D 32 4.56 34.33 -9.60
CA LEU D 32 4.23 34.75 -10.96
C LEU D 32 2.74 34.76 -11.23
N SER D 33 1.95 34.06 -10.42
CA SER D 33 0.50 34.04 -10.59
C SER D 33 -0.23 34.88 -9.55
N ASP D 34 0.50 35.67 -8.76
CA ASP D 34 -0.12 36.60 -7.81
C ASP D 34 -0.94 37.62 -8.58
N GLN D 35 -2.26 37.62 -8.34
CA GLN D 35 -3.12 38.54 -9.08
C GLN D 35 -2.99 39.99 -8.61
N ASN D 36 -2.43 40.23 -7.43
CA ASN D 36 -2.39 41.58 -6.87
C ASN D 36 -1.04 42.25 -6.96
N HIS D 37 0.01 41.50 -7.26
CA HIS D 37 1.33 42.06 -7.52
C HIS D 37 1.87 41.37 -8.75
N ARG D 38 2.42 42.16 -9.67
CA ARG D 38 2.89 41.65 -10.96
C ARG D 38 4.37 41.37 -10.83
N PHE D 39 4.74 40.09 -10.75
CA PHE D 39 6.13 39.68 -10.89
C PHE D 39 6.40 39.27 -12.34
N VAL D 40 7.60 39.56 -12.81
CA VAL D 40 8.00 39.30 -14.19
C VAL D 40 9.22 38.38 -14.15
N PRO D 41 9.24 37.29 -14.92
CA PRO D 41 10.39 36.39 -14.87
C PRO D 41 11.63 36.94 -15.56
N TYR D 42 12.74 36.91 -14.84
CA TYR D 42 14.05 37.37 -15.27
C TYR D 42 14.97 36.14 -15.26
N PHE D 43 15.15 35.51 -16.43
CA PHE D 43 15.95 34.31 -16.60
C PHE D 43 17.42 34.63 -16.80
N GLY D 44 18.29 33.90 -16.09
CA GLY D 44 19.73 34.08 -16.26
C GLY D 44 20.57 33.09 -15.48
N SER D 45 21.83 33.42 -15.21
CA SER D 45 22.72 32.57 -14.43
C SER D 45 23.09 33.53 -13.26
N SER D 46 24.28 33.45 -12.71
CA SER D 46 24.63 34.05 -11.43
C SER D 46 24.72 35.57 -11.47
N GLU D 47 24.42 36.21 -12.62
CA GLU D 47 24.41 37.66 -12.67
C GLU D 47 23.43 38.25 -11.68
N TRP D 48 22.25 37.63 -11.54
CA TRP D 48 21.30 38.11 -10.54
C TRP D 48 21.84 37.97 -9.11
N LEU D 49 23.06 37.50 -8.91
CA LEU D 49 23.62 37.50 -7.58
C LEU D 49 24.47 38.73 -7.29
N ARG D 50 24.73 39.57 -8.30
CA ARG D 50 25.56 40.77 -8.12
C ARG D 50 24.70 41.86 -7.50
N PHE D 51 24.55 41.77 -6.18
CA PHE D 51 23.68 42.66 -5.44
C PHE D 51 24.42 43.95 -5.10
N ASP D 52 23.90 45.08 -5.56
CA ASP D 52 24.37 46.37 -5.08
C ASP D 52 23.17 47.30 -5.09
N ALA D 53 23.42 48.61 -5.09
CA ALA D 53 22.32 49.55 -5.00
C ALA D 53 21.64 49.81 -6.35
N LEU D 54 22.19 49.32 -7.46
CA LEU D 54 21.55 49.46 -8.75
C LEU D 54 20.97 48.15 -9.30
N HIS D 55 20.96 47.10 -8.48
CA HIS D 55 20.35 45.84 -8.87
C HIS D 55 18.88 46.05 -9.21
N PRO D 56 18.37 45.48 -10.30
CA PRO D 56 16.98 45.76 -10.70
C PRO D 56 15.97 45.42 -9.61
N ALA D 57 16.33 44.50 -8.71
CA ALA D 57 15.55 44.28 -7.49
C ALA D 57 15.37 45.57 -6.72
N VAL D 58 16.48 46.13 -6.24
CA VAL D 58 16.49 47.40 -5.54
C VAL D 58 15.68 48.45 -6.28
N LEU D 59 15.86 48.56 -7.59
CA LEU D 59 15.23 49.64 -8.32
C LEU D 59 13.70 49.48 -8.37
N ALA D 60 13.22 48.29 -8.74
CA ALA D 60 11.78 48.09 -8.79
C ALA D 60 11.14 48.26 -7.42
N GLU D 61 11.87 47.89 -6.36
CA GLU D 61 11.41 48.07 -4.99
C GLU D 61 11.35 49.55 -4.61
N LYS D 62 12.43 50.29 -4.93
CA LYS D 62 12.57 51.69 -4.48
C LYS D 62 11.51 52.58 -5.10
N TYR D 63 11.41 52.56 -6.43
CA TYR D 63 10.54 53.46 -7.18
C TYR D 63 9.23 52.79 -7.55
N ASP D 64 8.74 51.89 -6.70
CA ASP D 64 7.43 51.24 -6.80
C ASP D 64 6.88 51.03 -8.19
N ARG D 65 7.60 50.27 -9.02
CA ARG D 65 7.24 50.11 -10.41
C ARG D 65 6.03 49.16 -10.56
N ASN D 66 5.55 49.00 -11.80
CA ASN D 66 4.35 48.19 -11.99
C ASN D 66 4.65 46.71 -12.08
N TYR D 67 5.85 46.32 -11.64
CA TYR D 67 6.34 44.95 -11.74
C TYR D 67 7.41 44.74 -10.67
N ARG D 68 7.51 43.52 -10.19
CA ARG D 68 8.70 43.14 -9.46
C ARG D 68 9.39 42.01 -10.20
N PRO D 69 10.72 42.07 -10.34
CA PRO D 69 11.42 41.02 -11.08
C PRO D 69 11.56 39.79 -10.19
N TYR D 70 11.19 38.64 -10.73
CA TYR D 70 11.43 37.35 -10.11
C TYR D 70 12.62 36.71 -10.84
N PHE D 71 13.71 36.44 -10.14
CA PHE D 71 14.96 36.04 -10.77
C PHE D 71 15.12 34.53 -10.77
N ILE D 72 15.13 33.93 -11.96
CA ILE D 72 15.26 32.49 -12.16
C ILE D 72 16.63 32.22 -12.79
N GLY D 73 17.54 31.67 -12.01
CA GLY D 73 18.89 31.48 -12.49
C GLY D 73 19.82 31.10 -11.37
N GLN D 74 21.00 30.63 -11.77
CA GLN D 74 22.06 30.26 -10.84
C GLN D 74 23.31 29.92 -11.67
N ARG D 75 24.35 29.45 -10.99
CA ARG D 75 25.60 29.16 -11.68
C ARG D 75 25.41 27.90 -12.51
N GLY D 76 25.51 28.02 -13.83
CA GLY D 76 25.45 26.86 -14.71
C GLY D 76 24.09 26.52 -15.25
N SER D 77 23.09 27.38 -15.06
CA SER D 77 21.71 27.17 -15.50
C SER D 77 21.56 27.79 -16.90
N ALA D 78 22.13 27.10 -17.88
CA ALA D 78 22.04 27.52 -19.28
C ALA D 78 20.70 27.10 -19.85
N SER D 79 20.52 27.32 -21.16
CA SER D 79 19.19 27.25 -21.77
C SER D 79 18.51 25.91 -21.58
N LEU D 80 19.25 24.80 -21.50
CA LEU D 80 18.57 23.51 -21.38
C LEU D 80 17.86 23.41 -20.04
N ASN D 81 18.58 23.75 -18.95
CA ASN D 81 17.89 23.82 -17.67
C ASN D 81 16.83 24.89 -17.69
N GLN D 82 17.05 26.00 -18.41
CA GLN D 82 16.02 27.03 -18.49
C GLN D 82 14.72 26.46 -19.09
N TYR D 83 14.83 25.73 -20.19
CA TYR D 83 13.65 25.22 -20.89
C TYR D 83 12.93 24.19 -20.01
N LEU D 84 13.72 23.34 -19.34
CA LEU D 84 13.13 22.35 -18.46
C LEU D 84 12.47 23.00 -17.24
N GLY D 85 13.04 24.09 -16.73
CA GLY D 85 12.36 24.82 -15.67
C GLY D 85 11.07 25.40 -16.17
N MET D 86 11.12 26.05 -17.33
CA MET D 86 9.93 26.62 -17.96
C MET D 86 8.78 25.62 -18.02
N GLN D 87 9.11 24.36 -18.29
CA GLN D 87 8.06 23.34 -18.27
C GLN D 87 7.27 23.32 -16.97
N GLN D 88 7.83 23.85 -15.86
CA GLN D 88 7.12 23.93 -14.58
C GLN D 88 6.15 25.11 -14.50
N MET D 89 6.31 26.12 -15.35
CA MET D 89 5.61 27.39 -15.23
C MET D 89 4.96 27.84 -16.54
N LEU D 90 4.46 26.90 -17.35
CA LEU D 90 3.94 27.26 -18.67
C LEU D 90 2.79 28.25 -18.60
N PRO D 91 1.82 28.12 -17.69
CA PRO D 91 0.76 29.13 -17.62
C PRO D 91 1.28 30.55 -17.47
N GLU D 92 2.25 30.75 -16.59
CA GLU D 92 2.82 32.06 -16.31
C GLU D 92 3.56 32.67 -17.51
N LEU D 93 3.94 31.90 -18.53
CA LEU D 93 4.48 32.47 -19.75
C LEU D 93 3.41 32.82 -20.79
N GLN D 94 2.18 32.32 -20.64
CA GLN D 94 1.14 32.54 -21.63
C GLN D 94 0.86 34.02 -21.87
N ASN D 95 1.10 34.46 -23.10
CA ASN D 95 1.00 35.87 -23.50
C ASN D 95 1.70 36.78 -22.51
N GLY D 96 2.77 36.24 -21.90
CA GLY D 96 3.49 36.94 -20.86
C GLY D 96 4.68 37.69 -21.43
N THR D 97 5.35 38.41 -20.55
CA THR D 97 6.57 39.10 -20.95
C THR D 97 7.68 38.67 -19.99
N ALA D 98 8.93 38.84 -20.43
CA ALA D 98 10.01 38.07 -19.82
C ALA D 98 11.36 38.67 -20.22
N VAL D 99 12.34 38.48 -19.35
CA VAL D 99 13.71 38.89 -19.62
C VAL D 99 14.58 37.64 -19.64
N TYR D 100 15.50 37.55 -20.64
CA TYR D 100 16.36 36.37 -20.84
C TYR D 100 17.80 36.77 -21.15
N VAL D 101 18.70 36.58 -20.20
CA VAL D 101 20.09 36.99 -20.36
C VAL D 101 20.90 35.85 -20.97
N LEU D 102 21.56 36.14 -22.10
CA LEU D 102 22.36 35.16 -22.87
C LEU D 102 23.84 35.24 -22.49
N SER D 103 24.19 34.56 -21.41
CA SER D 103 25.59 34.53 -20.97
C SER D 103 26.45 33.82 -22.02
N PRO D 104 27.46 34.49 -22.61
CA PRO D 104 28.32 33.80 -23.59
C PRO D 104 29.17 32.67 -23.00
N GLN D 105 29.60 32.81 -21.75
CA GLN D 105 30.32 31.73 -21.06
C GLN D 105 29.57 30.42 -21.12
N TRP D 106 28.25 30.48 -21.32
CA TRP D 106 27.43 29.29 -21.49
C TRP D 106 27.89 28.45 -22.67
N PHE D 107 28.21 29.11 -23.78
CA PHE D 107 28.47 28.47 -25.07
C PHE D 107 29.88 27.90 -25.19
N THR D 108 30.37 27.20 -24.18
CA THR D 108 31.67 26.56 -24.31
C THR D 108 31.60 25.36 -25.26
N LYS D 109 32.80 24.88 -25.62
CA LYS D 109 32.97 23.67 -26.43
C LYS D 109 32.32 22.45 -25.80
N LYS D 110 32.86 22.02 -24.65
CA LYS D 110 32.35 20.83 -23.99
C LYS D 110 30.99 21.05 -23.32
N GLY D 111 30.61 22.29 -23.03
CA GLY D 111 29.37 22.50 -22.31
C GLY D 111 29.55 22.25 -20.83
N TYR D 112 28.41 22.17 -20.13
CA TYR D 112 28.41 22.04 -18.68
C TYR D 112 28.29 20.58 -18.25
N ASN D 113 28.63 20.36 -16.97
CA ASN D 113 28.67 19.02 -16.43
C ASN D 113 27.28 18.43 -16.29
N SER D 114 27.20 17.11 -16.15
CA SER D 114 25.98 16.36 -15.87
C SER D 114 25.45 16.57 -14.47
N ALA D 115 26.31 16.81 -13.47
CA ALA D 115 25.80 17.16 -12.14
C ALA D 115 25.34 18.60 -12.06
N ALA D 116 25.93 19.49 -12.87
CA ALA D 116 25.36 20.81 -13.07
C ALA D 116 23.91 20.70 -13.52
N PHE D 117 23.68 19.97 -14.63
CA PHE D 117 22.33 19.67 -15.08
C PHE D 117 21.49 19.01 -13.97
N GLN D 118 22.08 18.14 -13.15
CA GLN D 118 21.26 17.52 -12.11
C GLN D 118 20.93 18.49 -10.98
N GLN D 119 21.64 19.61 -10.89
CA GLN D 119 21.34 20.61 -9.86
C GLN D 119 20.01 21.31 -10.12
N PHE D 120 19.66 21.51 -11.38
CA PHE D 120 18.44 22.21 -11.77
C PHE D 120 17.30 21.30 -12.26
N PHE D 121 17.58 20.07 -12.61
CA PHE D 121 16.56 19.20 -13.17
C PHE D 121 15.99 18.35 -12.07
N ASN D 122 14.69 18.06 -12.13
CA ASN D 122 14.06 17.15 -11.18
C ASN D 122 12.92 16.38 -11.86
N ASN D 123 12.29 15.46 -11.12
CA ASN D 123 11.29 14.61 -11.75
C ASN D 123 10.05 15.40 -12.13
N ASP D 124 9.85 16.56 -11.52
CA ASP D 124 8.70 17.35 -11.89
C ASP D 124 8.89 17.97 -13.26
N GLN D 125 10.07 18.53 -13.51
CA GLN D 125 10.35 19.02 -14.85
C GLN D 125 10.27 17.89 -15.86
N LEU D 126 10.80 16.73 -15.51
CA LEU D 126 10.76 15.59 -16.39
C LEU D 126 9.33 15.19 -16.72
N SER D 127 8.48 15.03 -15.70
CA SER D 127 7.14 14.49 -15.91
C SER D 127 6.26 15.48 -16.65
N SER D 128 6.39 16.79 -16.32
CA SER D 128 5.65 17.82 -17.06
C SER D 128 6.11 17.87 -18.51
N PHE D 129 7.44 17.99 -18.73
CA PHE D 129 7.99 17.94 -20.08
C PHE D 129 7.42 16.78 -20.88
N LEU D 130 7.34 15.59 -20.28
CA LEU D 130 6.80 14.42 -20.96
C LEU D 130 5.27 14.39 -21.01
N SER D 131 4.56 15.20 -20.23
CA SER D 131 3.11 15.17 -20.35
C SER D 131 2.62 16.16 -21.38
N GLN D 132 3.37 17.20 -21.63
CA GLN D 132 2.96 18.16 -22.61
C GLN D 132 3.67 17.68 -23.83
N ASN D 133 3.21 16.56 -24.33
CA ASN D 133 3.81 15.92 -25.47
C ASN D 133 3.36 16.09 -26.90
N GLN D 134 4.35 16.19 -27.77
CA GLN D 134 4.22 16.59 -29.16
C GLN D 134 5.03 15.67 -30.08
N THR D 135 6.23 15.29 -29.66
CA THR D 135 7.23 14.66 -30.54
C THR D 135 7.25 15.33 -31.91
N ASP D 136 7.64 16.61 -31.91
CA ASP D 136 8.15 17.31 -33.06
C ASP D 136 9.68 17.38 -32.91
N ALA D 137 10.35 18.14 -33.80
CA ALA D 137 11.81 18.17 -33.75
C ALA D 137 12.31 18.78 -32.44
N ASN D 138 11.47 19.62 -31.80
CA ASN D 138 11.83 20.28 -30.56
C ASN D 138 11.93 19.29 -29.41
N SER D 139 10.83 18.61 -29.09
CA SER D 139 10.88 17.63 -28.01
C SER D 139 11.86 16.53 -28.33
N GLN D 140 12.02 16.20 -29.62
CA GLN D 140 13.05 15.25 -30.04
C GLN D 140 14.43 15.69 -29.55
N TYR D 141 14.85 16.88 -29.99
CA TYR D 141 16.07 17.49 -29.49
C TYR D 141 16.12 17.42 -27.95
N ALA D 142 15.03 17.82 -27.31
CA ALA D 142 15.03 17.95 -25.85
C ALA D 142 15.31 16.62 -25.17
N ALA D 143 14.60 15.57 -25.59
CA ALA D 143 14.77 14.24 -25.00
C ALA D 143 16.16 13.68 -25.31
N LYS D 144 16.61 13.81 -26.56
CA LYS D 144 17.99 13.46 -26.90
C LYS D 144 18.95 14.07 -25.88
N ARG D 145 18.74 15.36 -25.54
CA ARG D 145 19.65 16.09 -24.66
C ARG D 145 19.53 15.62 -23.20
N ILE D 146 18.30 15.39 -22.74
CA ILE D 146 18.10 14.88 -21.38
C ILE D 146 18.84 13.56 -21.20
N LEU D 147 18.70 12.67 -22.18
CA LEU D 147 19.41 11.39 -22.12
C LEU D 147 20.92 11.61 -22.14
N GLU D 148 21.42 12.49 -23.03
CA GLU D 148 22.84 12.80 -23.05
C GLU D 148 23.35 13.21 -21.68
N MET D 149 22.56 14.01 -20.96
CA MET D 149 23.06 14.59 -19.72
C MET D 149 22.76 13.74 -18.48
N LYS D 150 21.64 13.02 -18.45
CA LYS D 150 21.33 12.11 -17.35
C LYS D 150 21.02 10.75 -17.95
N PRO D 151 22.04 9.89 -18.10
CA PRO D 151 21.81 8.62 -18.79
C PRO D 151 20.97 7.65 -18.00
N GLU D 152 21.12 7.62 -16.67
CA GLU D 152 20.29 6.77 -15.82
C GLU D 152 19.18 7.66 -15.25
N ILE D 153 18.03 7.66 -15.92
CA ILE D 153 16.91 8.52 -15.57
C ILE D 153 15.65 7.65 -15.53
N THR D 154 14.67 8.08 -14.73
CA THR D 154 13.39 7.40 -14.76
C THR D 154 12.61 7.78 -16.03
N MET D 155 11.50 7.09 -16.25
CA MET D 155 10.79 7.16 -17.51
C MET D 155 11.74 7.08 -18.70
N LYS D 156 12.76 6.20 -18.59
CA LYS D 156 13.79 6.15 -19.64
C LYS D 156 13.22 5.64 -20.96
N SER D 157 12.38 4.61 -20.92
CA SER D 157 11.84 4.08 -22.16
C SER D 157 11.04 5.14 -22.91
N GLN D 158 10.27 5.96 -22.17
CA GLN D 158 9.39 6.95 -22.82
C GLN D 158 10.20 8.13 -23.32
N LEU D 159 11.21 8.54 -22.57
CA LEU D 159 12.14 9.53 -23.10
C LEU D 159 12.75 9.05 -24.41
N SER D 160 13.20 7.78 -24.45
CA SER D 160 13.86 7.28 -25.65
C SER D 160 12.90 7.15 -26.81
N LYS D 161 11.62 6.86 -26.56
CA LYS D 161 10.63 6.96 -27.64
C LYS D 161 10.51 8.40 -28.14
N VAL D 162 10.58 9.39 -27.24
CA VAL D 162 10.40 10.77 -27.70
C VAL D 162 11.61 11.23 -28.50
N ALA D 163 12.79 10.69 -28.19
CA ALA D 163 13.97 11.02 -28.97
C ALA D 163 13.88 10.44 -30.37
N LYS D 164 13.31 9.23 -30.49
CA LYS D 164 13.11 8.59 -31.78
C LYS D 164 11.97 9.17 -32.57
N GLY D 165 11.34 10.24 -32.10
CA GLY D 165 10.20 10.74 -32.85
C GLY D 165 8.95 9.91 -32.78
N GLN D 166 8.92 8.86 -31.94
CA GLN D 166 7.74 8.02 -31.76
C GLN D 166 6.67 8.71 -30.90
N ASP D 167 5.41 8.33 -31.14
CA ASP D 167 4.32 8.69 -30.25
C ASP D 167 4.24 7.70 -29.08
N LEU D 168 3.54 8.09 -28.04
CA LEU D 168 3.45 7.23 -26.88
C LEU D 168 2.10 6.51 -26.87
N ASN D 169 2.16 5.21 -26.55
CA ASN D 169 0.97 4.40 -26.37
C ASN D 169 0.26 4.80 -25.08
N THR D 170 -1.05 4.50 -25.03
CA THR D 170 -1.87 4.93 -23.89
C THR D 170 -1.27 4.53 -22.54
N VAL D 171 -0.52 3.42 -22.49
CA VAL D 171 0.08 3.00 -21.23
C VAL D 171 1.21 3.97 -20.82
N ASP D 172 2.05 4.37 -21.78
CA ASP D 172 3.04 5.39 -21.50
C ASP D 172 2.37 6.63 -20.92
N LYS D 173 1.32 7.14 -21.61
CA LYS D 173 0.69 8.42 -21.26
C LYS D 173 -0.05 8.35 -19.94
N THR D 174 -0.59 7.17 -19.58
CA THR D 174 -1.18 7.00 -18.25
C THR D 174 -0.11 7.06 -17.17
N TYR D 175 1.04 6.41 -17.40
CA TYR D 175 2.09 6.45 -16.38
C TYR D 175 2.70 7.84 -16.25
N ILE D 176 2.85 8.54 -17.37
CA ILE D 176 3.39 9.88 -17.37
C ILE D 176 2.44 10.84 -16.68
N GLN D 177 1.17 10.80 -17.07
CA GLN D 177 0.20 11.71 -16.50
C GLN D 177 0.11 11.47 -15.01
N PHE D 178 0.17 10.20 -14.61
CA PHE D 178 0.09 9.86 -13.19
C PHE D 178 1.28 10.42 -12.42
N MET D 179 2.49 10.21 -12.93
CA MET D 179 3.68 10.71 -12.25
C MET D 179 3.69 12.24 -12.21
N ALA D 180 3.19 12.89 -13.25
CA ALA D 180 3.18 14.35 -13.25
C ALA D 180 2.17 14.90 -12.24
N GLU D 181 0.97 14.32 -12.17
CA GLU D 181 0.02 14.68 -11.10
C GLU D 181 0.65 14.47 -9.72
N LEU D 182 1.24 13.29 -9.50
CA LEU D 182 1.84 13.03 -8.19
C LEU D 182 2.95 14.03 -7.87
N ASN D 183 3.77 14.39 -8.86
CA ASN D 183 4.88 15.30 -8.62
C ASN D 183 4.38 16.71 -8.35
N ARG D 184 3.32 17.14 -9.04
CA ARG D 184 2.75 18.43 -8.73
C ARG D 184 2.23 18.48 -7.30
N ARG D 185 1.45 17.48 -6.89
CA ARG D 185 0.82 17.58 -5.56
C ARG D 185 1.84 17.37 -4.44
N GLU D 186 2.88 16.58 -4.72
CA GLU D 186 4.00 16.48 -3.80
C GLU D 186 4.69 17.81 -3.63
N ASP D 187 4.93 18.54 -4.74
CA ASP D 187 5.59 19.85 -4.66
C ASP D 187 4.72 20.86 -3.92
N SER D 188 3.44 20.96 -4.30
CA SER D 188 2.53 21.86 -3.61
C SER D 188 2.56 21.64 -2.10
N LEU D 189 2.48 20.38 -1.66
CA LEU D 189 2.42 20.12 -0.23
C LEU D 189 3.77 20.33 0.45
N PHE D 190 4.82 19.69 -0.05
CA PHE D 190 6.10 19.61 0.67
C PHE D 190 7.09 20.75 0.37
N SER D 191 6.80 21.65 -0.57
CA SER D 191 7.78 22.69 -0.88
C SER D 191 7.89 23.73 0.23
N PRO D 192 6.77 24.19 0.86
CA PRO D 192 6.96 24.92 2.15
C PRO D 192 7.40 24.10 3.35
N LEU D 193 8.43 23.31 3.07
CA LEU D 193 9.05 22.38 4.01
C LEU D 193 10.56 22.24 3.75
N ALA D 194 11.10 23.12 2.90
CA ALA D 194 12.53 23.18 2.64
C ALA D 194 13.14 24.52 2.97
N ALA D 195 12.65 25.19 4.01
CA ALA D 195 13.15 26.50 4.38
C ALA D 195 12.66 27.45 3.33
N SER D 196 12.92 27.09 2.09
CA SER D 196 12.45 27.86 0.97
C SER D 196 13.08 29.18 0.60
N ASN D 197 13.11 30.12 1.53
CA ASN D 197 13.77 31.37 1.26
C ASN D 197 14.77 31.74 2.29
N ASN D 198 15.74 32.51 1.86
CA ASN D 198 16.82 33.00 2.71
C ASN D 198 16.58 34.52 2.87
N ALA D 199 17.67 35.24 3.18
CA ALA D 199 17.57 36.62 3.66
C ALA D 199 18.12 37.62 2.68
N ASN D 200 18.57 37.15 1.52
CA ASN D 200 19.06 38.01 0.45
C ASN D 200 18.22 39.28 0.31
N TYR D 201 16.90 39.18 0.40
CA TYR D 201 16.09 40.39 0.40
C TYR D 201 16.44 41.28 1.57
N ASP D 202 16.34 40.74 2.79
CA ASP D 202 16.50 41.53 4.01
C ASP D 202 17.90 42.10 4.14
N LYS D 203 18.90 41.42 3.60
CA LYS D 203 20.27 41.77 3.88
C LYS D 203 21.07 42.27 2.68
N LYS D 204 20.59 42.09 1.45
CA LYS D 204 21.31 42.53 0.26
C LYS D 204 20.43 43.30 -0.73
N VAL D 205 19.19 43.60 -0.37
CA VAL D 205 18.36 44.45 -1.21
C VAL D 205 17.91 45.66 -0.40
N LEU D 206 17.08 45.42 0.61
CA LEU D 206 16.57 46.51 1.45
C LEU D 206 17.65 47.46 1.94
N PRO D 207 18.85 47.00 2.39
CA PRO D 207 19.87 47.94 2.90
C PRO D 207 20.25 49.04 1.93
N TYR D 208 20.02 48.80 0.64
CA TYR D 208 20.42 49.75 -0.39
C TYR D 208 19.36 50.81 -0.69
N LEU D 209 18.13 50.67 -0.21
CA LEU D 209 17.11 51.67 -0.51
C LEU D 209 17.47 53.04 0.04
N LYS D 210 18.04 53.04 1.27
CA LYS D 210 18.59 54.26 1.86
C LYS D 210 19.42 55.08 0.87
N GLU D 211 20.26 54.42 0.08
CA GLU D 211 21.24 55.18 -0.70
C GLU D 211 20.64 55.83 -1.92
N LEU D 212 19.43 55.49 -2.30
CA LEU D 212 18.94 56.06 -3.56
C LEU D 212 18.04 57.26 -3.31
N PRO D 213 18.04 58.24 -4.20
CA PRO D 213 17.10 59.36 -4.06
C PRO D 213 15.66 58.88 -4.23
N ASP D 214 14.76 59.40 -3.39
CA ASP D 214 13.34 59.10 -3.52
C ASP D 214 12.79 59.54 -4.86
N GLN D 215 13.40 60.54 -5.52
CA GLN D 215 13.02 60.96 -6.86
C GLN D 215 14.01 60.42 -7.89
N PHE D 216 13.49 60.03 -9.04
CA PHE D 216 14.27 59.22 -9.98
C PHE D 216 15.18 60.10 -10.83
N SER D 217 16.45 59.72 -10.91
CA SER D 217 17.45 60.51 -11.64
C SER D 217 18.49 59.55 -12.21
N TYR D 218 18.53 59.41 -13.54
CA TYR D 218 19.54 58.52 -14.15
C TYR D 218 20.95 59.00 -13.86
N ASP D 219 21.15 60.32 -13.83
CA ASP D 219 22.47 60.88 -13.49
C ASP D 219 22.82 60.60 -12.03
N ALA D 220 21.84 60.71 -11.13
CA ALA D 220 22.10 60.39 -9.73
C ALA D 220 22.48 58.93 -9.57
N LEU D 221 21.83 58.05 -10.34
CA LEU D 221 22.16 56.63 -10.31
C LEU D 221 23.59 56.40 -10.81
N ASP D 222 23.93 57.00 -11.96
CA ASP D 222 25.29 56.93 -12.46
C ASP D 222 26.32 57.31 -11.41
N GLN D 223 26.13 58.47 -10.77
CA GLN D 223 27.12 58.96 -9.82
C GLN D 223 27.18 58.06 -8.58
N LEU D 224 26.02 57.53 -8.15
CA LEU D 224 25.97 56.60 -7.02
C LEU D 224 26.70 55.29 -7.34
N ALA D 225 26.53 54.81 -8.57
CA ALA D 225 27.26 53.64 -9.05
C ALA D 225 28.77 53.88 -8.96
N VAL D 226 29.25 54.96 -9.57
CA VAL D 226 30.68 55.22 -9.55
C VAL D 226 31.19 55.30 -8.12
N ARG D 227 30.43 55.94 -7.23
CA ARG D 227 30.77 55.98 -5.82
C ARG D 227 30.98 54.58 -5.23
N ASP D 228 29.90 53.79 -5.18
CA ASP D 228 29.97 52.50 -4.50
C ASP D 228 30.98 51.58 -5.18
N ALA D 229 31.15 51.71 -6.50
CA ALA D 229 32.14 50.93 -7.23
C ALA D 229 33.55 51.21 -6.72
N GLU D 230 33.96 52.48 -6.75
CA GLU D 230 35.29 52.84 -6.27
C GLU D 230 35.47 52.46 -4.80
N ALA D 231 34.41 52.61 -3.99
CA ALA D 231 34.49 52.26 -2.57
C ALA D 231 34.72 50.76 -2.37
N HIS D 232 34.25 49.92 -3.30
CA HIS D 232 34.39 48.47 -3.17
C HIS D 232 35.32 47.84 -4.21
N THR D 233 36.21 48.61 -4.85
CA THR D 233 37.12 48.04 -5.86
C THR D 233 38.59 48.27 -5.52
N LYS D 234 38.92 48.50 -4.24
CA LYS D 234 40.25 48.97 -3.86
C LYS D 234 41.29 47.84 -3.76
N SER D 235 40.85 46.59 -3.78
CA SER D 235 41.72 45.44 -3.64
C SER D 235 42.61 45.17 -4.85
N ASN D 236 42.48 45.90 -5.96
CA ASN D 236 43.20 45.51 -7.18
C ASN D 236 43.08 46.58 -8.26
N ASP D 237 43.67 46.26 -9.41
CA ASP D 237 43.73 47.10 -10.60
C ASP D 237 42.54 46.91 -11.54
N PHE D 238 41.93 45.71 -11.56
CA PHE D 238 40.96 45.35 -12.60
C PHE D 238 39.61 46.00 -12.43
N GLY D 239 39.28 46.52 -11.26
CA GLY D 239 37.92 46.97 -11.04
C GLY D 239 36.98 45.83 -10.72
N ILE D 240 37.44 44.88 -9.94
CA ILE D 240 36.61 43.77 -9.49
C ILE D 240 36.30 43.99 -8.01
N ASP D 241 35.04 43.76 -7.64
CA ASP D 241 34.58 43.83 -6.27
C ASP D 241 35.60 43.15 -5.37
N ASP D 242 35.78 43.74 -4.18
CA ASP D 242 36.85 43.33 -3.28
C ASP D 242 36.62 41.93 -2.73
N ARG D 243 35.37 41.60 -2.37
CA ARG D 243 35.11 40.29 -1.80
C ARG D 243 35.25 39.16 -2.82
N PHE D 244 34.78 39.39 -4.07
CA PHE D 244 34.93 38.34 -5.09
C PHE D 244 36.40 38.16 -5.46
N TYR D 245 37.14 39.27 -5.60
CA TYR D 245 38.56 39.15 -5.92
C TYR D 245 39.28 38.37 -4.83
N LYS D 246 39.02 38.69 -3.56
CA LYS D 246 39.78 38.05 -2.49
C LYS D 246 39.40 36.58 -2.34
N GLU D 247 38.10 36.27 -2.33
CA GLU D 247 37.69 34.89 -2.08
C GLU D 247 37.88 34.00 -3.31
N ARG D 248 37.51 34.50 -4.50
CA ARG D 248 37.56 33.69 -5.72
C ARG D 248 38.91 33.81 -6.41
N LEU D 249 39.49 35.01 -6.51
CA LEU D 249 40.69 35.20 -7.32
C LEU D 249 42.00 35.09 -6.56
N SER D 250 42.15 35.80 -5.43
CA SER D 250 43.45 36.07 -4.79
C SER D 250 44.41 34.87 -4.82
N LYS D 251 43.93 33.69 -4.41
CA LYS D 251 44.79 32.52 -4.29
C LYS D 251 45.41 32.12 -5.63
N LYS D 252 44.71 32.35 -6.74
CA LYS D 252 45.07 31.75 -8.02
C LYS D 252 45.67 32.72 -9.04
N ILE D 253 45.71 34.04 -8.76
CA ILE D 253 46.02 35.06 -9.77
C ILE D 253 47.14 34.60 -10.70
N GLY D 254 48.23 34.10 -10.11
CA GLY D 254 49.38 33.59 -10.83
C GLY D 254 49.01 32.80 -12.06
N LYS D 255 48.38 31.63 -11.87
CA LYS D 255 48.04 30.77 -13.00
C LYS D 255 47.01 31.42 -13.93
N LEU D 256 46.21 32.36 -13.41
CA LEU D 256 45.11 32.80 -14.25
C LEU D 256 45.55 33.81 -15.31
N LYS D 257 46.80 34.24 -15.31
CA LYS D 257 47.24 35.05 -16.43
C LYS D 257 47.18 34.22 -17.71
N GLY D 258 46.64 34.81 -18.77
CA GLY D 258 46.77 34.23 -20.09
C GLY D 258 46.22 32.83 -20.23
N PHE D 259 45.39 32.36 -19.29
CA PHE D 259 44.86 31.00 -19.32
C PHE D 259 43.66 30.83 -20.25
N GLN D 260 43.06 31.92 -20.76
CA GLN D 260 41.95 31.83 -21.68
C GLN D 260 42.35 32.23 -23.10
N LYS D 261 43.65 32.29 -23.40
CA LYS D 261 44.08 32.75 -24.71
C LYS D 261 43.45 31.93 -25.83
N ASN D 262 43.29 30.62 -25.60
CA ASN D 262 42.84 29.64 -26.60
C ASN D 262 41.33 29.57 -26.73
N LEU D 263 40.60 30.12 -25.77
CA LEU D 263 39.21 29.73 -25.54
C LEU D 263 38.28 30.31 -26.60
N SER D 264 37.15 29.63 -26.81
CA SER D 264 36.22 29.99 -27.86
C SER D 264 34.81 29.55 -27.52
N TYR D 265 33.86 30.45 -27.79
CA TYR D 265 32.44 30.33 -27.50
C TYR D 265 31.62 30.05 -28.75
N GLU D 266 32.28 29.96 -29.91
CA GLU D 266 31.62 29.73 -31.20
C GLU D 266 31.18 28.29 -31.39
N VAL D 267 31.74 27.36 -30.61
CA VAL D 267 31.46 25.93 -30.72
C VAL D 267 30.70 25.48 -29.47
N SER D 268 29.43 25.14 -29.66
CA SER D 268 28.67 24.73 -28.47
C SER D 268 27.38 24.04 -28.85
N GLN D 269 27.01 23.06 -28.02
CA GLN D 269 25.64 22.54 -28.10
C GLN D 269 24.62 23.52 -27.51
N GLU D 270 25.09 24.45 -26.66
CA GLU D 270 24.22 25.46 -26.06
C GLU D 270 23.44 26.25 -27.10
N TYR D 271 23.91 26.28 -28.35
CA TYR D 271 23.17 26.95 -29.42
C TYR D 271 21.85 26.22 -29.71
N GLY D 272 21.77 24.91 -29.44
CA GLY D 272 20.56 24.14 -29.70
C GLY D 272 19.60 24.11 -28.52
N ASP D 273 20.21 24.01 -27.34
CA ASP D 273 19.49 24.29 -26.10
C ASP D 273 18.75 25.64 -26.20
N LEU D 274 19.43 26.67 -26.73
CA LEU D 274 18.78 27.96 -26.89
C LEU D 274 17.53 27.85 -27.76
N GLN D 275 17.60 27.03 -28.81
CA GLN D 275 16.47 26.90 -29.71
C GLN D 275 15.30 26.20 -29.02
N LEU D 276 15.61 25.35 -28.03
CA LEU D 276 14.54 24.84 -27.16
C LEU D 276 13.80 25.97 -26.47
N VAL D 277 14.58 26.86 -25.82
CA VAL D 277 13.99 27.99 -25.09
C VAL D 277 13.14 28.86 -26.01
N LEU D 278 13.64 29.13 -27.23
CA LEU D 278 12.91 30.01 -28.15
C LEU D 278 11.66 29.33 -28.66
N ASN D 279 11.72 28.01 -28.85
CA ASN D 279 10.52 27.28 -29.19
C ASN D 279 9.47 27.44 -28.11
N GLN D 280 9.88 27.30 -26.84
CA GLN D 280 8.92 27.44 -25.76
C GLN D 280 8.28 28.83 -25.78
N PHE D 281 9.11 29.87 -25.85
CA PHE D 281 8.61 31.25 -25.94
C PHE D 281 7.57 31.38 -27.05
N ALA D 282 7.86 30.79 -28.23
CA ALA D 282 6.96 30.87 -29.38
C ALA D 282 5.64 30.13 -29.15
N LYS D 283 5.67 28.86 -28.74
CA LYS D 283 4.42 28.19 -28.42
C LYS D 283 3.62 28.98 -27.40
N SER D 284 4.31 29.66 -26.48
CA SER D 284 3.69 30.35 -25.35
C SER D 284 3.27 31.77 -25.67
N ASN D 285 3.59 32.24 -26.88
CA ASN D 285 3.48 33.65 -27.27
C ASN D 285 3.93 34.60 -26.17
N THR D 286 5.11 34.35 -25.66
CA THR D 286 5.75 35.28 -24.75
C THR D 286 6.50 36.31 -25.57
N ASN D 287 6.55 37.53 -25.05
CA ASN D 287 7.43 38.57 -25.61
C ASN D 287 8.63 38.74 -24.70
N VAL D 288 9.82 38.61 -25.27
CA VAL D 288 11.05 38.47 -24.50
C VAL D 288 12.08 39.47 -25.02
N ILE D 289 12.70 40.19 -24.09
CA ILE D 289 13.91 40.97 -24.36
C ILE D 289 15.10 40.16 -23.86
N PHE D 290 16.13 40.04 -24.70
CA PHE D 290 17.31 39.22 -24.45
C PHE D 290 18.53 40.11 -24.23
N VAL D 291 19.42 39.72 -23.31
CA VAL D 291 20.47 40.60 -22.79
C VAL D 291 21.82 39.91 -22.94
N ILE D 292 22.75 40.54 -23.66
CA ILE D 292 24.08 39.99 -23.95
C ILE D 292 25.21 40.77 -23.27
N PRO D 293 25.63 40.32 -22.13
CA PRO D 293 26.67 41.00 -21.40
C PRO D 293 28.11 40.63 -21.46
N PRO D 294 28.96 41.62 -21.41
CA PRO D 294 30.33 41.60 -21.88
C PRO D 294 31.21 41.47 -20.67
N VAL D 295 32.51 41.30 -20.85
CA VAL D 295 33.40 40.89 -19.78
C VAL D 295 34.34 42.06 -19.43
N ASN D 296 34.65 42.21 -18.13
CA ASN D 296 35.64 43.17 -17.64
C ASN D 296 36.84 43.21 -18.60
N SER D 297 37.07 44.35 -19.27
CA SER D 297 38.05 44.39 -20.37
C SER D 297 39.47 44.13 -19.88
N LYS D 298 39.83 44.67 -18.72
CA LYS D 298 41.15 44.42 -18.16
C LYS D 298 41.37 42.94 -17.87
N TRP D 299 40.30 42.24 -17.46
CA TRP D 299 40.37 40.80 -17.28
C TRP D 299 40.45 40.08 -18.61
N MET D 300 39.90 40.69 -19.67
CA MET D 300 40.13 40.17 -21.01
C MET D 300 41.59 40.32 -21.43
N ALA D 301 42.25 41.35 -20.93
CA ALA D 301 43.67 41.55 -21.21
C ALA D 301 44.54 40.55 -20.46
N TYR D 302 44.22 40.31 -19.19
CA TYR D 302 45.10 39.50 -18.33
C TYR D 302 44.97 37.99 -18.59
N THR D 303 43.74 37.48 -18.76
CA THR D 303 43.52 36.07 -19.10
C THR D 303 43.63 35.81 -20.59
N GLY D 304 43.78 36.85 -21.40
CA GLY D 304 43.97 36.68 -22.83
C GLY D 304 42.74 36.18 -23.54
N LEU D 305 41.60 36.28 -22.85
CA LEU D 305 40.33 36.01 -23.49
C LEU D 305 40.22 36.90 -24.73
N ASN D 306 40.23 36.27 -25.90
CA ASN D 306 40.22 37.01 -27.15
C ASN D 306 38.89 37.70 -27.36
N GLN D 307 38.93 38.98 -27.72
CA GLN D 307 37.68 39.71 -27.88
C GLN D 307 37.05 39.52 -29.25
N ASP D 308 37.82 39.12 -30.27
CA ASP D 308 37.20 38.89 -31.57
C ASP D 308 36.31 37.67 -31.55
N MET D 309 36.68 36.66 -30.76
CA MET D 309 35.85 35.46 -30.63
C MET D 309 34.52 35.78 -29.92
N TYR D 310 34.58 36.66 -28.92
CA TYR D 310 33.39 37.17 -28.22
C TYR D 310 32.47 37.93 -29.18
N ASP D 311 33.04 38.88 -29.94
CA ASP D 311 32.25 39.57 -30.93
C ASP D 311 31.60 38.58 -31.89
N ALA D 312 32.33 37.52 -32.26
CA ALA D 312 31.84 36.57 -33.25
C ALA D 312 30.64 35.78 -32.73
N THR D 313 30.75 35.27 -31.50
CA THR D 313 29.65 34.49 -30.94
C THR D 313 28.44 35.37 -30.69
N VAL D 314 28.64 36.61 -30.25
CA VAL D 314 27.53 37.53 -30.10
C VAL D 314 26.82 37.73 -31.43
N SER D 315 27.60 37.97 -32.49
CA SER D 315 27.01 38.03 -33.83
C SER D 315 26.19 36.78 -34.09
N LYS D 316 26.71 35.61 -33.68
CA LYS D 316 26.06 34.33 -33.95
C LYS D 316 24.69 34.25 -33.26
N ILE D 317 24.70 34.37 -31.93
CA ILE D 317 23.48 34.34 -31.13
C ILE D 317 22.46 35.33 -31.68
N ARG D 318 22.88 36.58 -31.84
CA ARG D 318 22.01 37.61 -32.41
C ARG D 318 21.42 37.14 -33.72
N TYR D 319 22.21 36.44 -34.54
CA TYR D 319 21.67 35.97 -35.82
C TYR D 319 20.51 35.01 -35.59
N GLN D 320 20.74 34.01 -34.74
CA GLN D 320 19.70 33.01 -34.47
C GLN D 320 18.44 33.67 -33.90
N LEU D 321 18.62 34.73 -33.10
CA LEU D 321 17.47 35.40 -32.50
C LEU D 321 16.73 36.23 -33.55
N GLU D 322 17.44 37.20 -34.16
CA GLU D 322 16.82 38.12 -35.10
C GLU D 322 16.21 37.37 -36.29
N SER D 323 16.87 36.30 -36.74
CA SER D 323 16.43 35.56 -37.92
C SER D 323 15.04 34.97 -37.76
N GLN D 324 14.55 34.90 -36.51
CA GLN D 324 13.31 34.21 -36.19
C GLN D 324 12.22 35.13 -35.69
N GLY D 325 12.58 36.33 -35.23
CA GLY D 325 11.58 37.27 -34.77
C GLY D 325 11.86 37.77 -33.38
N PHE D 326 12.98 37.34 -32.82
CA PHE D 326 13.33 37.74 -31.46
C PHE D 326 14.12 39.04 -31.56
N THR D 327 13.36 40.13 -31.82
CA THR D 327 13.86 41.46 -32.11
C THR D 327 14.41 42.20 -30.88
N ASN D 328 14.03 41.80 -29.67
CA ASN D 328 14.25 42.65 -28.51
C ASN D 328 15.53 42.22 -27.82
N ILE D 329 16.62 42.97 -28.05
CA ILE D 329 17.94 42.60 -27.56
C ILE D 329 18.61 43.83 -26.96
N ALA D 330 19.25 43.65 -25.81
CA ALA D 330 20.13 44.62 -25.15
C ALA D 330 21.56 44.10 -25.23
N ASP D 331 22.31 44.59 -26.21
CA ASP D 331 23.65 44.11 -26.51
C ASP D 331 24.65 44.99 -25.77
N PHE D 332 25.29 44.43 -24.75
CA PHE D 332 26.35 45.14 -24.03
C PHE D 332 27.70 44.44 -24.18
N SER D 333 27.82 43.56 -25.17
CA SER D 333 29.08 42.83 -25.39
C SER D 333 30.24 43.79 -25.56
N LYS D 334 29.97 44.92 -26.19
CA LYS D 334 30.88 45.95 -26.68
C LYS D 334 31.42 46.88 -25.58
N ASP D 335 30.89 46.78 -24.35
CA ASP D 335 31.14 47.76 -23.29
C ASP D 335 31.94 47.18 -22.12
N GLY D 336 32.83 46.21 -22.39
CA GLY D 336 33.73 45.72 -21.35
C GLY D 336 34.71 46.77 -20.88
N ASP D 337 34.89 47.84 -21.65
CA ASP D 337 35.85 48.90 -21.37
C ASP D 337 35.28 50.03 -20.49
N GLN D 338 33.95 50.21 -20.45
CA GLN D 338 33.40 51.37 -19.75
C GLN D 338 33.53 51.21 -18.22
N PRO D 339 34.00 52.26 -17.53
CA PRO D 339 34.33 52.15 -16.09
C PRO D 339 33.17 51.71 -15.21
N TYR D 340 33.45 50.71 -14.37
CA TYR D 340 32.50 50.16 -13.39
C TYR D 340 31.23 49.67 -14.07
N PHE D 341 31.41 49.10 -15.27
CA PHE D 341 30.33 48.42 -15.97
C PHE D 341 30.18 46.98 -15.52
N MET D 342 31.19 46.42 -14.84
CA MET D 342 31.17 45.05 -14.33
C MET D 342 31.41 45.06 -12.83
N GLN D 343 30.65 44.23 -12.10
CA GLN D 343 30.97 44.10 -10.67
C GLN D 343 32.12 43.13 -10.44
N ASP D 344 32.10 41.98 -11.13
CA ASP D 344 33.05 40.87 -11.08
C ASP D 344 33.83 40.82 -12.39
N THR D 345 34.39 39.65 -12.65
CA THR D 345 35.01 39.35 -13.93
C THR D 345 33.97 39.22 -15.05
N ILE D 346 32.98 38.37 -14.81
CA ILE D 346 32.04 37.88 -15.81
C ILE D 346 30.71 38.61 -15.73
N HIS D 347 30.29 39.03 -14.55
CA HIS D 347 28.95 39.50 -14.25
C HIS D 347 28.90 41.02 -14.16
N MET D 348 27.84 41.61 -14.71
CA MET D 348 27.64 43.05 -14.63
C MET D 348 27.31 43.51 -13.22
N GLY D 349 27.44 44.81 -13.04
CA GLY D 349 27.16 45.46 -11.77
C GLY D 349 27.51 46.93 -11.87
N TRP D 350 27.17 47.67 -10.82
CA TRP D 350 27.32 49.13 -10.77
C TRP D 350 26.76 49.80 -12.03
N LYS D 351 27.57 50.56 -12.77
CA LYS D 351 26.97 51.25 -13.89
C LYS D 351 26.34 50.26 -14.87
N GLY D 352 26.86 49.03 -14.92
CA GLY D 352 26.25 48.01 -15.77
C GLY D 352 24.76 47.88 -15.54
N TRP D 353 24.35 47.84 -14.26
CA TRP D 353 22.93 47.74 -13.93
C TRP D 353 22.13 48.90 -14.48
N VAL D 354 22.67 50.13 -14.43
CA VAL D 354 21.96 51.29 -14.97
C VAL D 354 21.78 51.14 -16.45
N ALA D 355 22.85 50.70 -17.11
CA ALA D 355 22.81 50.44 -18.54
C ALA D 355 21.68 49.50 -18.86
N PHE D 356 21.60 48.42 -18.06
CA PHE D 356 20.52 47.45 -18.15
C PHE D 356 19.16 48.12 -18.03
N ASP D 357 18.94 48.81 -16.90
CA ASP D 357 17.65 49.45 -16.60
C ASP D 357 17.16 50.27 -17.77
N ARG D 358 18.06 51.08 -18.36
CA ARG D 358 17.63 52.05 -19.37
C ARG D 358 16.80 51.41 -20.49
N VAL D 359 17.04 50.12 -20.79
CA VAL D 359 16.33 49.40 -21.85
C VAL D 359 15.31 48.45 -21.27
N VAL D 360 15.75 47.63 -20.30
CA VAL D 360 14.90 46.59 -19.71
C VAL D 360 13.63 47.20 -19.11
N ASN D 361 13.76 48.34 -18.41
CA ASN D 361 12.68 48.81 -17.58
C ASN D 361 11.53 49.39 -18.39
N SER D 362 11.86 50.09 -19.47
CA SER D 362 10.82 50.45 -20.43
C SER D 362 10.17 49.19 -21.00
N PHE D 363 10.98 48.17 -21.32
CA PHE D 363 10.38 47.01 -21.98
C PHE D 363 9.38 46.29 -21.09
N VAL D 364 9.82 45.91 -19.88
CA VAL D 364 8.98 45.10 -18.99
C VAL D 364 7.94 45.94 -18.30
N SER D 365 8.11 47.27 -18.30
CA SER D 365 7.12 48.10 -17.64
C SER D 365 5.95 48.41 -18.54
N ASN D 366 6.08 48.19 -19.85
CA ASN D 366 4.97 48.28 -20.82
C ASN D 366 4.79 46.93 -21.52
N PRO D 367 4.04 46.01 -20.91
CA PRO D 367 3.67 44.78 -21.63
C PRO D 367 3.12 45.11 -23.02
N THR D 368 3.51 44.28 -24.00
CA THR D 368 2.89 44.35 -25.36
C THR D 368 2.90 42.96 -25.96
N PRO D 369 1.83 42.58 -26.67
CA PRO D 369 1.78 41.24 -27.27
C PRO D 369 3.05 40.88 -28.04
N ALA D 370 3.28 39.59 -28.15
CA ALA D 370 4.51 39.14 -28.76
C ALA D 370 4.39 39.26 -30.29
N PRO D 371 5.50 39.59 -30.95
CA PRO D 371 5.51 39.57 -32.41
C PRO D 371 5.20 38.19 -32.94
N SER D 372 5.09 38.09 -34.26
CA SER D 372 4.96 36.81 -34.93
C SER D 372 6.34 36.20 -35.16
N TYR D 373 6.48 34.92 -34.84
CA TYR D 373 7.79 34.28 -34.86
C TYR D 373 7.86 33.27 -36.00
N LYS D 374 9.07 33.08 -36.53
CA LYS D 374 9.34 32.05 -37.52
C LYS D 374 10.44 31.17 -36.96
N LEU D 375 10.12 29.91 -36.67
CA LEU D 375 11.09 28.96 -36.15
C LEU D 375 11.67 28.10 -37.27
N ASN D 376 12.99 28.01 -37.33
CA ASN D 376 13.66 27.14 -38.29
C ASN D 376 14.37 26.05 -37.48
N ASP D 377 13.91 24.81 -37.67
CA ASP D 377 14.47 23.68 -36.93
C ASP D 377 15.96 23.51 -37.18
N ARG D 378 16.52 24.17 -38.20
CA ARG D 378 17.89 23.89 -38.57
C ARG D 378 18.87 24.29 -37.48
N PHE D 379 18.45 25.10 -36.50
CA PHE D 379 19.33 25.49 -35.40
C PHE D 379 19.51 24.39 -34.36
N TYR D 380 18.71 23.32 -34.46
CA TYR D 380 18.97 22.11 -33.69
C TYR D 380 20.19 21.37 -34.19
N SER D 381 20.51 21.50 -35.49
CA SER D 381 21.52 20.69 -36.18
C SER D 381 22.91 20.81 -35.56
N LYS D 382 23.69 19.75 -35.75
CA LYS D 382 25.11 19.75 -35.42
C LYS D 382 25.89 20.70 -36.33
N ASP D 383 25.36 20.92 -37.55
CA ASP D 383 25.87 21.94 -38.46
C ASP D 383 25.92 23.30 -37.79
N TRP D 384 24.77 23.74 -37.25
CA TRP D 384 24.72 25.00 -36.53
C TRP D 384 25.53 24.96 -35.24
N SER D 385 25.48 23.83 -34.53
CA SER D 385 26.36 23.66 -33.36
C SER D 385 27.80 24.08 -33.64
N GLY D 386 28.38 23.59 -34.75
CA GLY D 386 29.80 23.83 -34.99
C GLY D 386 30.18 25.00 -35.90
N TYR D 387 29.19 25.51 -36.64
CA TYR D 387 29.45 26.45 -37.73
C TYR D 387 30.20 27.70 -37.28
N THR D 388 31.28 28.03 -38.00
CA THR D 388 32.20 29.07 -37.61
C THR D 388 32.25 30.23 -38.60
N GLY D 389 31.53 30.17 -39.71
CA GLY D 389 31.63 31.21 -40.71
C GLY D 389 30.79 32.42 -40.36
N THR D 390 30.55 33.27 -41.37
CA THR D 390 29.73 34.46 -41.15
C THR D 390 28.25 34.05 -41.14
N PRO D 391 27.48 34.44 -40.11
CA PRO D 391 26.18 33.79 -39.86
C PRO D 391 25.15 33.95 -40.97
N SER D 392 25.12 35.08 -41.67
CA SER D 392 24.22 35.15 -42.82
C SER D 392 24.53 34.01 -43.80
N GLN D 393 25.78 33.57 -43.83
CA GLN D 393 26.28 32.55 -44.76
C GLN D 393 26.24 31.16 -44.13
N PHE D 394 25.12 30.81 -43.52
CA PHE D 394 24.87 29.44 -43.09
C PHE D 394 24.03 28.68 -44.13
N LYS D 395 24.11 29.15 -45.35
CA LYS D 395 23.46 28.54 -46.47
C LYS D 395 24.49 28.83 -47.53
N ASP D 396 25.26 27.83 -47.94
CA ASP D 396 25.08 26.47 -47.48
C ASP D 396 26.15 25.96 -46.57
N GLU D 397 25.68 25.21 -45.58
CA GLU D 397 26.47 24.56 -44.55
C GLU D 397 25.58 24.32 -43.36
S SO4 E . -45.81 -0.36 8.52
O1 SO4 E . -45.03 -0.20 9.78
O2 SO4 E . -45.02 -1.22 7.63
O3 SO4 E . -47.11 -1.02 8.78
O4 SO4 E . -46.09 0.87 7.76
S SO4 F . -74.25 -20.60 14.41
O1 SO4 F . -74.10 -20.51 15.88
O2 SO4 F . -73.01 -21.25 13.91
O3 SO4 F . -75.46 -21.37 14.07
O4 SO4 F . -74.42 -19.27 13.81
S SO4 G . 7.44 -21.54 -5.71
O1 SO4 G . 8.10 -22.21 -4.55
O2 SO4 G . 8.04 -22.04 -6.97
O3 SO4 G . 6.03 -21.92 -5.70
O4 SO4 G . 7.64 -20.08 -5.73
S SO4 H . 29.76 32.69 -9.40
O1 SO4 H . 30.47 32.37 -8.15
O2 SO4 H . 30.38 32.10 -10.60
O3 SO4 H . 28.37 32.24 -9.22
O4 SO4 H . 29.80 34.15 -9.59
#